data_6F0Y
#
_entry.id   6F0Y
#
loop_
_entity.id
_entity.type
_entity.pdbx_description
1 polymer 'Histone chaperone ASF1'
2 polymer 'histone acetyltransferase Rtt109 C-terminus'
#
loop_
_entity_poly.entity_id
_entity_poly.type
_entity_poly.pdbx_seq_one_letter_code
_entity_poly.pdbx_strand_id
1 'polypeptide(L)'
;GAMGSIVSLLGIKVLNNPAKFTDPYEFEITFECLESLKHDLEWKLTYVGSSRSLDHDQELDSILVGPVPVGVNKFVFSAD
PPSAELIPASELVSVTVILLSCSYDGREFVRVGYYVNNEYDEEELRENPPAKVQVDHIVRNILAEKPRVTRFNIVWDNEN
EGDLYPPEQPGV
;
A
2 'polypeptide(L)' LAITMLKPRKKAKAL B
#
# COMPACT_ATOMS: atom_id res chain seq x y z
N GLY A 1 -7.34 -3.99 26.32
CA GLY A 1 -6.02 -4.56 25.93
C GLY A 1 -5.34 -3.73 24.87
N ALA A 2 -4.56 -2.74 25.31
CA ALA A 2 -3.85 -1.88 24.39
C ALA A 2 -2.35 -2.11 24.48
N MET A 3 -1.87 -3.08 23.72
CA MET A 3 -0.45 -3.43 23.71
C MET A 3 0.31 -2.51 22.75
N GLY A 4 0.37 -1.23 23.10
CA GLY A 4 1.03 -0.26 22.25
C GLY A 4 0.27 -0.05 20.96
N SER A 5 0.82 -0.55 19.86
CA SER A 5 0.16 -0.48 18.58
C SER A 5 -0.90 -1.58 18.46
N ILE A 6 -2.15 -1.17 18.37
CA ILE A 6 -3.26 -2.12 18.29
C ILE A 6 -3.22 -2.91 16.98
N VAL A 7 -2.58 -2.33 15.99
CA VAL A 7 -2.45 -2.98 14.70
C VAL A 7 -1.00 -2.94 14.23
N SER A 8 -0.46 -4.09 13.89
CA SER A 8 0.90 -4.17 13.38
C SER A 8 0.91 -5.01 12.11
N LEU A 9 1.66 -4.57 11.11
CA LEU A 9 1.67 -5.25 9.82
C LEU A 9 2.72 -6.34 9.84
N LEU A 10 2.28 -7.57 9.67
CA LEU A 10 3.16 -8.72 9.70
C LEU A 10 3.96 -8.79 8.42
N GLY A 11 3.35 -8.32 7.35
CA GLY A 11 4.01 -8.28 6.07
C GLY A 11 3.02 -8.18 4.94
N ILE A 12 3.51 -8.20 3.73
CA ILE A 12 2.66 -8.13 2.56
C ILE A 12 3.08 -9.20 1.58
N LYS A 13 2.11 -9.83 0.96
CA LYS A 13 2.40 -10.86 -0.01
C LYS A 13 2.23 -10.31 -1.42
N VAL A 14 3.35 -10.06 -2.07
CA VAL A 14 3.37 -9.70 -3.48
C VAL A 14 2.99 -10.91 -4.34
N LEU A 15 1.72 -10.95 -4.71
CA LEU A 15 1.19 -12.01 -5.56
C LEU A 15 1.59 -11.85 -7.03
N ASN A 16 1.68 -10.61 -7.49
CA ASN A 16 1.98 -10.33 -8.89
C ASN A 16 3.50 -10.32 -9.16
N ASN A 17 4.00 -11.44 -9.67
CA ASN A 17 5.41 -11.56 -10.03
C ASN A 17 5.66 -12.81 -10.87
N PRO A 18 6.10 -12.67 -12.13
CA PRO A 18 6.30 -11.38 -12.79
C PRO A 18 5.01 -10.83 -13.35
N ALA A 19 4.93 -9.51 -13.46
CA ALA A 19 3.72 -8.86 -13.94
C ALA A 19 4.06 -7.82 -15.00
N LYS A 20 3.04 -7.17 -15.53
CA LYS A 20 3.25 -6.02 -16.40
C LYS A 20 3.00 -4.77 -15.59
N PHE A 21 3.43 -3.62 -16.11
CA PHE A 21 3.21 -2.36 -15.39
C PHE A 21 1.74 -1.96 -15.46
N THR A 22 1.12 -2.20 -16.61
CA THR A 22 -0.30 -1.93 -16.79
C THR A 22 -1.15 -3.09 -16.28
N ASP A 23 -0.51 -3.97 -15.52
CA ASP A 23 -1.18 -5.12 -14.91
C ASP A 23 -1.54 -4.77 -13.47
N PRO A 24 -2.75 -5.16 -13.01
CA PRO A 24 -3.26 -4.81 -11.68
C PRO A 24 -2.30 -5.16 -10.54
N TYR A 25 -2.19 -4.25 -9.60
CA TYR A 25 -1.34 -4.45 -8.43
C TYR A 25 -2.08 -5.23 -7.37
N GLU A 26 -1.58 -6.41 -7.04
CA GLU A 26 -2.22 -7.25 -6.05
C GLU A 26 -1.26 -7.57 -4.91
N PHE A 27 -1.58 -7.04 -3.75
CA PHE A 27 -0.80 -7.28 -2.54
C PHE A 27 -1.72 -7.89 -1.48
N GLU A 28 -1.26 -8.92 -0.80
CA GLU A 28 -2.08 -9.53 0.24
C GLU A 28 -1.60 -9.05 1.60
N ILE A 29 -2.51 -8.45 2.34
CA ILE A 29 -2.19 -7.87 3.64
C ILE A 29 -2.33 -8.89 4.76
N THR A 30 -1.32 -8.93 5.63
CA THR A 30 -1.38 -9.73 6.83
C THR A 30 -0.93 -8.90 8.02
N PHE A 31 -1.84 -8.63 8.95
CA PHE A 31 -1.50 -7.87 10.14
C PHE A 31 -2.18 -8.45 11.36
N GLU A 32 -1.66 -8.13 12.53
CA GLU A 32 -2.21 -8.66 13.77
C GLU A 32 -2.97 -7.57 14.51
N CYS A 33 -4.24 -7.83 14.72
CA CYS A 33 -5.10 -6.95 15.49
C CYS A 33 -5.07 -7.38 16.95
N LEU A 34 -4.49 -6.55 17.80
CA LEU A 34 -4.36 -6.88 19.21
C LEU A 34 -5.68 -6.67 19.95
N GLU A 35 -6.38 -5.61 19.59
CA GLU A 35 -7.70 -5.33 20.12
C GLU A 35 -8.61 -4.87 18.99
N SER A 36 -9.88 -5.25 19.05
CA SER A 36 -10.81 -4.91 17.98
C SER A 36 -10.92 -3.40 17.83
N LEU A 37 -10.63 -2.92 16.63
CA LEU A 37 -10.58 -1.49 16.37
C LEU A 37 -11.95 -0.86 16.47
N LYS A 38 -12.02 0.19 17.26
CA LYS A 38 -13.25 0.98 17.40
C LYS A 38 -13.40 1.93 16.23
N HIS A 39 -12.29 2.17 15.56
CA HIS A 39 -12.28 2.97 14.34
C HIS A 39 -11.92 2.05 13.16
N ASP A 40 -11.76 2.63 11.99
CA ASP A 40 -11.55 1.81 10.79
C ASP A 40 -10.12 1.92 10.29
N LEU A 41 -9.66 0.86 9.63
CA LEU A 41 -8.32 0.83 9.07
C LEU A 41 -8.38 1.10 7.57
N GLU A 42 -7.64 2.07 7.10
CA GLU A 42 -7.63 2.43 5.70
C GLU A 42 -6.31 2.03 5.05
N TRP A 43 -6.38 1.09 4.11
CA TRP A 43 -5.19 0.60 3.42
C TRP A 43 -5.19 1.13 2.00
N LYS A 44 -4.04 1.58 1.53
CA LYS A 44 -3.98 2.18 0.20
C LYS A 44 -2.63 1.91 -0.45
N LEU A 45 -2.58 2.03 -1.77
CA LEU A 45 -1.35 1.85 -2.50
C LEU A 45 -0.99 3.14 -3.22
N THR A 46 0.24 3.58 -3.06
CA THR A 46 0.72 4.75 -3.74
C THR A 46 1.88 4.38 -4.66
N TYR A 47 1.87 4.88 -5.88
CA TYR A 47 2.96 4.63 -6.81
C TYR A 47 3.91 5.80 -6.77
N VAL A 48 5.18 5.50 -6.57
CA VAL A 48 6.20 6.51 -6.43
C VAL A 48 7.31 6.33 -7.47
N GLY A 49 7.45 7.32 -8.35
CA GLY A 49 8.55 7.33 -9.29
C GLY A 49 9.89 7.48 -8.60
N SER A 50 10.50 6.35 -8.26
CA SER A 50 11.81 6.29 -7.62
C SER A 50 11.77 6.81 -6.17
N SER A 51 11.71 8.12 -5.98
CA SER A 51 11.74 8.67 -4.65
C SER A 51 10.83 9.89 -4.51
N ARG A 52 11.12 10.94 -5.26
CA ARG A 52 10.34 12.17 -5.16
C ARG A 52 9.11 12.11 -6.05
N SER A 53 8.98 10.98 -6.73
CA SER A 53 7.84 10.70 -7.61
C SER A 53 7.84 11.64 -8.81
N LEU A 54 8.63 11.30 -9.82
CA LEU A 54 8.73 12.09 -11.04
C LEU A 54 7.43 11.99 -11.84
N ASP A 55 6.57 11.07 -11.43
CA ASP A 55 5.30 10.84 -12.07
C ASP A 55 4.18 11.51 -11.28
N HIS A 56 4.57 12.18 -10.20
CA HIS A 56 3.60 12.72 -9.22
C HIS A 56 2.93 11.57 -8.50
N ASP A 57 3.27 11.38 -7.23
CA ASP A 57 2.77 10.25 -6.45
C ASP A 57 1.27 10.11 -6.59
N GLN A 58 0.84 8.90 -6.88
CA GLN A 58 -0.55 8.64 -7.20
C GLN A 58 -1.10 7.48 -6.39
N GLU A 59 -2.17 7.75 -5.65
CA GLU A 59 -2.89 6.72 -4.93
C GLU A 59 -3.73 5.92 -5.91
N LEU A 60 -3.38 4.66 -6.11
CA LEU A 60 -4.01 3.85 -7.14
C LEU A 60 -5.38 3.36 -6.69
N ASP A 61 -5.55 3.17 -5.39
CA ASP A 61 -6.73 2.55 -4.83
C ASP A 61 -6.63 2.61 -3.32
N SER A 62 -7.76 2.70 -2.64
CA SER A 62 -7.78 2.73 -1.20
C SER A 62 -8.95 1.91 -0.66
N ILE A 63 -8.65 1.02 0.27
CA ILE A 63 -9.65 0.15 0.85
C ILE A 63 -9.80 0.44 2.33
N LEU A 64 -10.96 0.15 2.86
CA LEU A 64 -11.29 0.46 4.22
C LEU A 64 -11.83 -0.81 4.89
N VAL A 65 -11.34 -1.13 6.09
CA VAL A 65 -11.73 -2.38 6.73
C VAL A 65 -12.43 -2.14 8.04
N GLY A 66 -13.52 -2.87 8.23
CA GLY A 66 -14.24 -2.85 9.47
C GLY A 66 -15.55 -3.61 9.36
N PRO A 67 -16.05 -4.19 10.45
CA PRO A 67 -15.36 -4.21 11.74
C PRO A 67 -14.18 -5.20 11.72
N VAL A 68 -13.01 -4.73 12.14
CA VAL A 68 -11.81 -5.55 12.17
C VAL A 68 -11.62 -6.18 13.56
N PRO A 69 -11.75 -7.52 13.64
CA PRO A 69 -11.64 -8.27 14.89
C PRO A 69 -10.21 -8.70 15.23
N VAL A 70 -10.06 -9.19 16.45
CA VAL A 70 -8.77 -9.56 16.99
C VAL A 70 -8.20 -10.81 16.33
N GLY A 71 -6.88 -10.85 16.16
CA GLY A 71 -6.23 -11.96 15.48
C GLY A 71 -5.47 -11.47 14.28
N VAL A 72 -5.08 -12.35 13.38
CA VAL A 72 -4.47 -11.89 12.14
C VAL A 72 -5.57 -11.56 11.16
N ASN A 73 -5.41 -10.49 10.45
CA ASN A 73 -6.33 -10.15 9.39
C ASN A 73 -5.59 -10.31 8.09
N LYS A 74 -6.25 -10.90 7.12
CA LYS A 74 -5.59 -11.25 5.89
C LYS A 74 -6.57 -11.14 4.74
N PHE A 75 -6.17 -10.43 3.72
CA PHE A 75 -7.01 -10.22 2.56
C PHE A 75 -6.17 -9.76 1.39
N VAL A 76 -6.68 -9.94 0.20
CA VAL A 76 -5.98 -9.52 -0.99
C VAL A 76 -6.39 -8.11 -1.38
N PHE A 77 -5.40 -7.26 -1.59
CA PHE A 77 -5.61 -5.86 -1.90
C PHE A 77 -5.23 -5.60 -3.35
N SER A 78 -6.20 -5.17 -4.13
CA SER A 78 -5.99 -4.94 -5.55
C SER A 78 -6.06 -3.45 -5.88
N ALA A 79 -5.02 -2.94 -6.49
CA ALA A 79 -4.96 -1.54 -6.87
C ALA A 79 -4.83 -1.40 -8.38
N ASP A 80 -5.63 -0.50 -8.95
CA ASP A 80 -5.61 -0.25 -10.40
C ASP A 80 -4.26 0.32 -10.82
N PRO A 81 -3.66 -0.24 -11.89
CA PRO A 81 -2.32 0.13 -12.35
C PRO A 81 -2.27 1.56 -12.91
N PRO A 82 -1.12 2.23 -12.79
CA PRO A 82 -0.94 3.60 -13.28
C PRO A 82 -0.78 3.63 -14.79
N SER A 83 -1.27 4.69 -15.42
CA SER A 83 -1.16 4.84 -16.85
C SER A 83 0.20 5.41 -17.24
N ALA A 84 0.79 4.86 -18.29
CA ALA A 84 2.12 5.27 -18.75
C ALA A 84 2.11 6.68 -19.32
N GLU A 85 0.94 7.21 -19.59
CA GLU A 85 0.81 8.61 -20.02
C GLU A 85 1.44 9.55 -19.00
N LEU A 86 1.52 9.09 -17.75
CA LEU A 86 2.13 9.86 -16.68
C LEU A 86 3.65 9.76 -16.74
N ILE A 87 4.12 8.62 -17.20
CA ILE A 87 5.54 8.34 -17.30
C ILE A 87 5.92 7.92 -18.71
N PRO A 88 6.50 8.85 -19.49
CA PRO A 88 6.94 8.59 -20.87
C PRO A 88 7.79 7.33 -21.01
N ALA A 89 7.90 6.82 -22.24
CA ALA A 89 8.56 5.54 -22.49
C ALA A 89 9.91 5.41 -21.78
N SER A 90 10.71 6.46 -21.82
CA SER A 90 12.03 6.42 -21.21
C SER A 90 11.96 6.62 -19.69
N GLU A 91 10.78 7.03 -19.20
CA GLU A 91 10.65 7.42 -17.80
C GLU A 91 10.07 6.29 -16.93
N LEU A 92 9.33 5.36 -17.53
CA LEU A 92 8.78 4.26 -16.73
C LEU A 92 9.69 3.04 -16.80
N VAL A 93 10.68 3.09 -17.68
CA VAL A 93 11.70 2.04 -17.73
C VAL A 93 12.77 2.33 -16.69
N SER A 94 12.35 2.35 -15.44
CA SER A 94 13.22 2.61 -14.32
C SER A 94 12.69 1.83 -13.11
N VAL A 95 13.52 1.69 -12.08
CA VAL A 95 13.02 1.10 -10.85
C VAL A 95 12.27 2.14 -10.06
N THR A 96 11.11 1.77 -9.59
CA THR A 96 10.25 2.68 -8.88
C THR A 96 9.85 2.07 -7.54
N VAL A 97 9.08 2.80 -6.75
CA VAL A 97 8.78 2.37 -5.41
C VAL A 97 7.28 2.41 -5.17
N ILE A 98 6.78 1.34 -4.57
CA ILE A 98 5.38 1.23 -4.24
C ILE A 98 5.22 1.42 -2.75
N LEU A 99 4.23 2.21 -2.34
CA LEU A 99 4.00 2.42 -0.93
C LEU A 99 2.63 1.93 -0.53
N LEU A 100 2.63 0.97 0.38
CA LEU A 100 1.40 0.45 0.96
C LEU A 100 1.24 1.06 2.34
N SER A 101 0.20 1.83 2.54
CA SER A 101 0.08 2.61 3.75
C SER A 101 -1.29 2.45 4.41
N CYS A 102 -1.29 2.27 5.71
CA CYS A 102 -2.51 2.13 6.46
C CYS A 102 -2.70 3.31 7.39
N SER A 103 -3.90 3.86 7.39
CA SER A 103 -4.23 4.99 8.24
C SER A 103 -5.36 4.61 9.17
N TYR A 104 -5.19 4.89 10.45
CA TYR A 104 -6.21 4.62 11.44
C TYR A 104 -6.77 5.94 11.96
N ASP A 105 -7.99 6.24 11.54
CA ASP A 105 -8.67 7.48 11.91
C ASP A 105 -7.85 8.70 11.48
N GLY A 106 -7.18 8.56 10.34
CA GLY A 106 -6.39 9.65 9.81
C GLY A 106 -4.90 9.51 10.13
N ARG A 107 -4.57 8.72 11.14
CA ARG A 107 -3.17 8.57 11.54
C ARG A 107 -2.52 7.38 10.83
N GLU A 108 -1.56 7.66 9.98
CA GLU A 108 -0.84 6.62 9.26
C GLU A 108 0.30 6.08 10.11
N PHE A 109 0.28 4.78 10.37
CA PHE A 109 1.26 4.15 11.23
C PHE A 109 2.16 3.20 10.45
N VAL A 110 1.69 2.79 9.28
CA VAL A 110 2.42 1.82 8.46
C VAL A 110 2.44 2.25 7.01
N ARG A 111 3.63 2.45 6.47
CA ARG A 111 3.82 2.63 5.05
C ARG A 111 4.98 1.75 4.59
N VAL A 112 4.66 0.83 3.72
CA VAL A 112 5.61 -0.18 3.29
C VAL A 112 6.03 0.07 1.85
N GLY A 113 7.33 0.12 1.62
CA GLY A 113 7.83 0.36 0.30
C GLY A 113 8.38 -0.89 -0.35
N TYR A 114 8.12 -1.01 -1.64
CA TYR A 114 8.67 -2.09 -2.44
C TYR A 114 9.21 -1.51 -3.74
N TYR A 115 10.37 -1.97 -4.14
CA TYR A 115 10.97 -1.50 -5.39
C TYR A 115 10.50 -2.39 -6.54
N VAL A 116 10.19 -1.77 -7.65
CA VAL A 116 9.74 -2.49 -8.83
C VAL A 116 10.68 -2.30 -9.99
N ASN A 117 11.09 -3.41 -10.58
CA ASN A 117 11.90 -3.38 -11.79
C ASN A 117 10.99 -3.27 -13.00
N ASN A 118 11.12 -2.18 -13.73
CA ASN A 118 10.34 -1.98 -14.93
C ASN A 118 11.26 -1.92 -16.14
N GLU A 119 11.03 -2.82 -17.09
CA GLU A 119 11.91 -2.96 -18.25
C GLU A 119 11.14 -3.58 -19.40
N TYR A 120 11.72 -3.53 -20.60
CA TYR A 120 11.15 -4.24 -21.73
C TYR A 120 11.72 -5.65 -21.78
N ASP A 121 10.83 -6.65 -21.73
CA ASP A 121 11.25 -8.05 -21.80
C ASP A 121 11.84 -8.37 -23.17
N GLU A 122 11.60 -7.48 -24.11
CA GLU A 122 12.17 -7.61 -25.45
C GLU A 122 13.45 -6.81 -25.53
N GLU A 123 14.54 -7.52 -25.80
CA GLU A 123 15.88 -6.96 -25.83
C GLU A 123 15.99 -5.83 -26.84
N GLU A 124 15.30 -5.97 -27.98
CA GLU A 124 15.35 -4.95 -29.02
C GLU A 124 14.72 -3.64 -28.54
N LEU A 125 13.69 -3.75 -27.70
CA LEU A 125 13.01 -2.58 -27.17
C LEU A 125 13.74 -2.05 -25.94
N ARG A 126 14.33 -2.97 -25.18
CA ARG A 126 15.12 -2.61 -24.01
C ARG A 126 16.32 -1.75 -24.42
N GLU A 127 17.00 -2.18 -25.49
CA GLU A 127 18.15 -1.44 -25.97
C GLU A 127 17.71 -0.21 -26.75
N ASN A 128 16.71 -0.38 -27.61
CA ASN A 128 16.20 0.70 -28.43
C ASN A 128 14.76 1.02 -28.07
N PRO A 129 14.54 2.00 -27.16
CA PRO A 129 13.20 2.38 -26.71
C PRO A 129 12.41 3.11 -27.80
N PRO A 130 11.16 2.68 -28.03
CA PRO A 130 10.28 3.31 -29.02
C PRO A 130 9.69 4.63 -28.53
N ALA A 131 9.14 5.42 -29.44
CA ALA A 131 8.55 6.70 -29.09
C ALA A 131 7.35 6.51 -28.16
N LYS A 132 6.49 5.58 -28.55
CA LYS A 132 5.30 5.29 -27.76
C LYS A 132 5.61 4.18 -26.78
N VAL A 133 5.24 4.37 -25.53
CA VAL A 133 5.45 3.35 -24.52
C VAL A 133 4.51 2.18 -24.76
N GLN A 134 5.09 1.01 -24.90
CA GLN A 134 4.33 -0.21 -25.08
C GLN A 134 4.35 -0.99 -23.77
N VAL A 135 3.56 -0.52 -22.81
CA VAL A 135 3.64 -1.03 -21.44
C VAL A 135 3.24 -2.50 -21.38
N ASP A 136 2.50 -2.94 -22.39
CA ASP A 136 2.10 -4.35 -22.49
C ASP A 136 3.31 -5.26 -22.65
N HIS A 137 4.44 -4.66 -23.02
CA HIS A 137 5.69 -5.39 -23.15
C HIS A 137 6.68 -4.95 -22.08
N ILE A 138 6.22 -4.09 -21.17
CA ILE A 138 7.04 -3.66 -20.06
C ILE A 138 6.74 -4.53 -18.85
N VAL A 139 7.79 -5.06 -18.26
CA VAL A 139 7.69 -6.01 -17.18
C VAL A 139 7.84 -5.30 -15.84
N ARG A 140 6.89 -5.54 -14.97
CA ARG A 140 6.94 -5.07 -13.61
C ARG A 140 7.28 -6.23 -12.70
N ASN A 141 8.47 -6.22 -12.14
CA ASN A 141 8.90 -7.26 -11.24
C ASN A 141 9.20 -6.67 -9.89
N ILE A 142 8.34 -6.96 -8.92
CA ILE A 142 8.47 -6.37 -7.60
C ILE A 142 9.55 -7.09 -6.81
N LEU A 143 10.51 -6.33 -6.31
CA LEU A 143 11.56 -6.89 -5.49
C LEU A 143 11.04 -7.11 -4.07
N ALA A 144 10.15 -8.09 -3.93
CA ALA A 144 9.54 -8.41 -2.64
C ALA A 144 10.56 -9.01 -1.68
N GLU A 145 11.72 -9.33 -2.23
CA GLU A 145 12.86 -9.81 -1.45
C GLU A 145 13.29 -8.77 -0.42
N LYS A 146 12.97 -7.51 -0.70
CA LYS A 146 13.31 -6.43 0.22
C LYS A 146 12.08 -5.58 0.54
N PRO A 147 11.43 -5.85 1.67
CA PRO A 147 10.36 -5.03 2.19
C PRO A 147 10.91 -3.84 2.98
N ARG A 148 10.50 -2.64 2.61
CA ARG A 148 10.89 -1.45 3.34
C ARG A 148 9.74 -0.99 4.22
N VAL A 149 9.81 -1.31 5.49
CA VAL A 149 8.70 -1.03 6.39
C VAL A 149 9.05 0.17 7.26
N THR A 150 8.12 1.11 7.34
CA THR A 150 8.31 2.28 8.16
C THR A 150 7.14 2.41 9.12
N ARG A 151 7.45 2.51 10.39
CA ARG A 151 6.43 2.59 11.42
C ARG A 151 6.40 3.98 12.03
N PHE A 152 5.22 4.56 12.09
CA PHE A 152 5.05 5.84 12.75
C PHE A 152 4.33 5.60 14.07
N ASN A 153 4.85 6.16 15.15
CA ASN A 153 4.23 5.98 16.45
C ASN A 153 2.98 6.84 16.56
N ILE A 154 1.83 6.19 16.60
CA ILE A 154 0.56 6.89 16.73
C ILE A 154 -0.12 6.46 18.02
N VAL A 155 -1.20 7.13 18.36
CA VAL A 155 -1.92 6.84 19.58
C VAL A 155 -3.23 6.15 19.25
N TRP A 156 -3.42 4.94 19.76
CA TRP A 156 -4.59 4.16 19.42
C TRP A 156 -5.66 4.28 20.47
N ASP A 157 -6.90 4.42 19.98
CA ASP A 157 -8.11 4.44 20.81
C ASP A 157 -8.18 5.63 21.77
N ASN A 158 -7.20 5.74 22.65
CA ASN A 158 -7.23 6.70 23.74
C ASN A 158 -6.63 8.04 23.31
N GLU A 159 -6.76 8.38 22.05
CA GLU A 159 -6.22 9.64 21.57
C GLU A 159 -7.29 10.72 21.55
N ASN A 160 -6.90 11.90 22.00
CA ASN A 160 -7.77 13.07 21.94
C ASN A 160 -7.57 13.75 20.59
N GLU A 161 -8.66 14.11 19.95
CA GLU A 161 -8.59 14.69 18.61
C GLU A 161 -8.20 16.16 18.66
N GLY A 162 -7.15 16.51 17.92
CA GLY A 162 -6.71 17.88 17.86
C GLY A 162 -6.11 18.23 16.51
N ASP A 163 -5.01 17.58 16.18
CA ASP A 163 -4.35 17.80 14.90
C ASP A 163 -4.20 16.48 14.14
N LEU A 164 -5.28 16.07 13.49
CA LEU A 164 -5.29 14.81 12.75
C LEU A 164 -5.25 15.05 11.25
N TYR A 165 -5.25 16.31 10.87
CA TYR A 165 -5.23 16.68 9.46
C TYR A 165 -3.95 17.45 9.14
N PRO A 166 -3.18 16.98 8.15
CA PRO A 166 -1.92 17.62 7.74
C PRO A 166 -2.12 19.08 7.34
N PRO A 167 -1.25 19.97 7.81
CA PRO A 167 -1.34 21.40 7.51
C PRO A 167 -1.18 21.67 6.02
N GLU A 168 -2.29 22.03 5.38
CA GLU A 168 -2.28 22.28 3.95
C GLU A 168 -1.51 23.56 3.64
N GLN A 169 -0.39 23.39 2.97
CA GLN A 169 0.48 24.51 2.64
C GLN A 169 0.31 24.89 1.17
N PRO A 170 0.43 26.18 0.85
CA PRO A 170 0.27 26.68 -0.52
C PRO A 170 1.45 26.29 -1.41
N GLY A 171 1.36 25.12 -2.03
CA GLY A 171 2.41 24.65 -2.89
C GLY A 171 2.35 25.32 -4.24
N VAL A 172 3.44 25.24 -4.99
CA VAL A 172 3.55 25.88 -6.29
C VAL A 172 3.39 27.39 -6.15
N LEU B 1 -3.86 -22.21 14.27
CA LEU B 1 -3.79 -21.50 12.98
C LEU B 1 -5.16 -20.97 12.60
N ALA B 2 -5.34 -19.66 12.73
CA ALA B 2 -6.59 -19.01 12.39
C ALA B 2 -6.32 -17.79 11.53
N ILE B 3 -7.32 -17.37 10.77
CA ILE B 3 -7.20 -16.18 9.94
C ILE B 3 -8.49 -15.36 10.00
N THR B 4 -8.47 -14.22 9.35
CA THR B 4 -9.64 -13.40 9.20
C THR B 4 -9.58 -12.66 7.87
N MET B 5 -10.42 -13.08 6.93
CA MET B 5 -10.39 -12.56 5.56
C MET B 5 -10.95 -11.15 5.48
N LEU B 6 -11.84 -10.80 6.41
CA LEU B 6 -12.48 -9.48 6.43
C LEU B 6 -13.28 -9.25 5.14
N LYS B 7 -13.79 -8.05 5.00
CA LYS B 7 -14.38 -7.61 3.76
C LYS B 7 -13.98 -6.16 3.54
N PRO B 8 -12.74 -5.93 3.04
CA PRO B 8 -12.19 -4.60 2.91
C PRO B 8 -12.90 -3.78 1.84
N ARG B 9 -13.73 -2.87 2.30
CA ARG B 9 -14.53 -2.03 1.42
C ARG B 9 -13.63 -1.08 0.65
N LYS B 10 -14.17 -0.47 -0.38
CA LYS B 10 -13.43 0.50 -1.16
C LYS B 10 -13.81 1.89 -0.69
N LYS B 11 -13.10 2.38 0.32
CA LYS B 11 -13.46 3.62 1.00
C LYS B 11 -14.86 3.50 1.59
N ALA B 12 -15.84 4.07 0.89
CA ALA B 12 -17.26 3.95 1.26
C ALA B 12 -17.49 4.20 2.75
N LYS B 13 -16.95 5.31 3.24
CA LYS B 13 -17.07 5.63 4.66
C LYS B 13 -18.46 6.17 4.98
N ALA B 14 -18.97 5.83 6.15
CA ALA B 14 -20.29 6.25 6.55
C ALA B 14 -20.29 6.72 8.00
N LEU B 15 -21.04 7.78 8.27
CA LEU B 15 -21.17 8.29 9.62
C LEU B 15 -22.58 8.83 9.83
N GLY A 1 -6.41 -6.69 23.72
CA GLY A 1 -5.05 -6.37 24.22
C GLY A 1 -4.44 -5.19 23.49
N ALA A 2 -3.33 -4.69 24.01
CA ALA A 2 -2.67 -3.55 23.41
C ALA A 2 -1.15 -3.68 23.52
N MET A 3 -0.58 -4.53 22.68
CA MET A 3 0.86 -4.73 22.68
C MET A 3 1.55 -3.63 21.89
N GLY A 4 1.52 -2.41 22.44
CA GLY A 4 2.09 -1.27 21.76
C GLY A 4 1.17 -0.74 20.68
N SER A 5 1.29 -1.31 19.50
CA SER A 5 0.43 -0.94 18.39
C SER A 5 -0.75 -1.89 18.35
N ILE A 6 -1.95 -1.34 18.15
CA ILE A 6 -3.16 -2.14 18.05
C ILE A 6 -3.17 -2.95 16.77
N VAL A 7 -2.53 -2.39 15.75
CA VAL A 7 -2.44 -3.04 14.46
C VAL A 7 -0.98 -3.16 14.04
N SER A 8 -0.51 -4.38 13.90
CA SER A 8 0.84 -4.62 13.45
C SER A 8 0.79 -5.42 12.15
N LEU A 9 1.53 -4.97 11.16
CA LEU A 9 1.52 -5.65 9.87
C LEU A 9 2.53 -6.78 9.89
N LEU A 10 2.02 -8.00 9.75
CA LEU A 10 2.85 -9.19 9.82
C LEU A 10 3.67 -9.32 8.55
N GLY A 11 3.07 -8.88 7.45
CA GLY A 11 3.76 -8.87 6.19
C GLY A 11 2.80 -8.71 5.05
N ILE A 12 3.33 -8.64 3.85
CA ILE A 12 2.51 -8.57 2.65
C ILE A 12 2.96 -9.64 1.69
N LYS A 13 2.03 -10.24 0.98
CA LYS A 13 2.39 -11.20 -0.05
C LYS A 13 2.21 -10.58 -1.43
N VAL A 14 3.32 -10.37 -2.11
CA VAL A 14 3.27 -10.01 -3.53
C VAL A 14 2.76 -11.19 -4.36
N LEU A 15 1.47 -11.15 -4.69
CA LEU A 15 0.87 -12.18 -5.55
C LEU A 15 1.40 -12.08 -6.98
N ASN A 16 1.76 -10.88 -7.40
CA ASN A 16 2.19 -10.64 -8.77
C ASN A 16 3.70 -10.55 -8.89
N ASN A 17 4.33 -11.67 -9.22
CA ASN A 17 5.77 -11.69 -9.39
C ASN A 17 6.19 -12.79 -10.35
N PRO A 18 6.62 -12.45 -11.58
CA PRO A 18 6.72 -11.05 -12.05
C PRO A 18 5.36 -10.42 -12.28
N ALA A 19 5.32 -9.10 -12.25
CA ALA A 19 4.09 -8.36 -12.45
C ALA A 19 4.17 -7.56 -13.75
N LYS A 20 3.09 -6.93 -14.12
CA LYS A 20 3.05 -6.10 -15.32
C LYS A 20 2.45 -4.75 -14.99
N PHE A 21 3.04 -3.71 -15.54
CA PHE A 21 2.81 -2.35 -15.08
C PHE A 21 1.37 -1.90 -15.29
N THR A 22 0.75 -2.33 -16.38
CA THR A 22 -0.64 -1.97 -16.65
C THR A 22 -1.59 -3.11 -16.23
N ASP A 23 -1.07 -4.05 -15.46
CA ASP A 23 -1.88 -5.16 -14.95
C ASP A 23 -2.17 -4.94 -13.46
N PRO A 24 -3.44 -5.09 -13.05
CA PRO A 24 -3.87 -4.83 -11.66
C PRO A 24 -3.05 -5.61 -10.64
N TYR A 25 -2.49 -4.88 -9.69
CA TYR A 25 -1.58 -5.46 -8.70
C TYR A 25 -2.38 -6.16 -7.60
N GLU A 26 -1.79 -7.20 -7.03
CA GLU A 26 -2.39 -7.89 -5.91
C GLU A 26 -1.37 -8.08 -4.79
N PHE A 27 -1.71 -7.60 -3.62
CA PHE A 27 -0.88 -7.78 -2.43
C PHE A 27 -1.74 -8.33 -1.30
N GLU A 28 -1.25 -9.32 -0.56
CA GLU A 28 -2.06 -9.90 0.49
C GLU A 28 -1.67 -9.30 1.83
N ILE A 29 -2.62 -8.68 2.49
CA ILE A 29 -2.38 -8.06 3.77
C ILE A 29 -2.67 -9.03 4.91
N THR A 30 -1.68 -9.23 5.76
CA THR A 30 -1.84 -10.01 6.97
C THR A 30 -1.31 -9.23 8.15
N PHE A 31 -2.20 -8.86 9.07
CA PHE A 31 -1.79 -8.10 10.23
C PHE A 31 -2.49 -8.62 11.48
N GLU A 32 -1.95 -8.26 12.63
CA GLU A 32 -2.49 -8.72 13.90
C GLU A 32 -3.27 -7.59 14.55
N CYS A 33 -4.55 -7.84 14.75
CA CYS A 33 -5.40 -6.91 15.45
C CYS A 33 -5.40 -7.25 16.93
N LEU A 34 -4.67 -6.49 17.73
CA LEU A 34 -4.56 -6.74 19.15
C LEU A 34 -5.85 -6.36 19.86
N GLU A 35 -6.52 -5.35 19.32
CA GLU A 35 -7.79 -4.90 19.86
C GLU A 35 -8.68 -4.47 18.70
N SER A 36 -9.97 -4.73 18.80
CA SER A 36 -10.89 -4.46 17.70
C SER A 36 -10.92 -2.97 17.38
N LEU A 37 -10.58 -2.63 16.15
CA LEU A 37 -10.60 -1.25 15.69
C LEU A 37 -12.03 -0.80 15.48
N LYS A 38 -12.52 0.08 16.36
CA LYS A 38 -13.87 0.61 16.21
C LYS A 38 -13.89 1.69 15.12
N HIS A 39 -12.71 2.24 14.82
CA HIS A 39 -12.57 3.17 13.71
C HIS A 39 -12.13 2.40 12.48
N ASP A 40 -11.94 3.11 11.37
CA ASP A 40 -11.66 2.46 10.10
C ASP A 40 -10.16 2.37 9.83
N LEU A 41 -9.73 1.21 9.34
CA LEU A 41 -8.38 1.02 8.85
C LEU A 41 -8.36 1.19 7.34
N GLU A 42 -7.48 2.04 6.85
CA GLU A 42 -7.42 2.34 5.43
C GLU A 42 -6.08 1.87 4.85
N TRP A 43 -6.17 1.00 3.85
CA TRP A 43 -4.98 0.48 3.18
C TRP A 43 -4.95 0.97 1.74
N LYS A 44 -3.78 1.39 1.27
CA LYS A 44 -3.67 1.89 -0.10
C LYS A 44 -2.31 1.58 -0.69
N LEU A 45 -2.24 1.62 -2.01
CA LEU A 45 -1.00 1.39 -2.73
C LEU A 45 -0.59 2.68 -3.42
N THR A 46 0.60 3.16 -3.12
CA THR A 46 1.09 4.39 -3.73
C THR A 46 2.26 4.08 -4.67
N TYR A 47 2.19 4.65 -5.86
CA TYR A 47 3.26 4.51 -6.84
C TYR A 47 4.24 5.66 -6.65
N VAL A 48 5.48 5.29 -6.39
CA VAL A 48 6.53 6.27 -6.16
C VAL A 48 7.60 6.19 -7.24
N GLY A 49 7.82 7.32 -7.90
CA GLY A 49 8.82 7.39 -8.95
C GLY A 49 10.22 7.55 -8.41
N SER A 50 10.93 6.42 -8.29
CA SER A 50 12.33 6.39 -7.87
C SER A 50 12.50 6.72 -6.38
N SER A 51 12.30 7.97 -6.00
CA SER A 51 12.50 8.37 -4.62
C SER A 51 11.45 9.40 -4.17
N ARG A 52 11.50 10.61 -4.73
CA ARG A 52 10.57 11.67 -4.34
C ARG A 52 9.36 11.68 -5.26
N SER A 53 9.40 10.78 -6.25
CA SER A 53 8.32 10.62 -7.21
C SER A 53 8.20 11.82 -8.14
N LEU A 54 8.71 11.68 -9.35
CA LEU A 54 8.60 12.74 -10.35
C LEU A 54 7.14 12.93 -10.74
N ASP A 55 6.35 11.91 -10.46
CA ASP A 55 4.91 11.90 -10.73
C ASP A 55 4.13 12.45 -9.54
N HIS A 56 4.86 12.79 -8.46
CA HIS A 56 4.29 13.36 -7.24
C HIS A 56 3.44 12.34 -6.47
N ASP A 57 3.81 11.06 -6.62
CA ASP A 57 3.14 9.94 -5.92
C ASP A 57 1.75 9.73 -6.49
N GLN A 58 1.43 8.49 -6.81
CA GLN A 58 0.10 8.16 -7.28
C GLN A 58 -0.55 7.13 -6.36
N GLU A 59 -1.63 7.51 -5.72
CA GLU A 59 -2.42 6.56 -4.96
C GLU A 59 -3.45 5.94 -5.89
N LEU A 60 -3.22 4.69 -6.26
CA LEU A 60 -4.01 4.04 -7.28
C LEU A 60 -5.37 3.64 -6.74
N ASP A 61 -5.37 2.79 -5.73
CA ASP A 61 -6.61 2.35 -5.11
C ASP A 61 -6.44 2.21 -3.61
N SER A 62 -7.54 2.25 -2.87
CA SER A 62 -7.51 2.08 -1.44
C SER A 62 -8.66 1.21 -0.97
N ILE A 63 -8.38 0.36 0.00
CA ILE A 63 -9.38 -0.54 0.56
C ILE A 63 -9.62 -0.19 2.01
N LEU A 64 -10.84 -0.41 2.47
CA LEU A 64 -11.27 0.04 3.76
C LEU A 64 -11.74 -1.16 4.62
N VAL A 65 -11.31 -1.18 5.88
CA VAL A 65 -11.71 -2.24 6.80
C VAL A 65 -12.05 -1.67 8.18
N GLY A 66 -13.16 -2.12 8.73
CA GLY A 66 -13.49 -1.76 10.09
C GLY A 66 -14.99 -1.67 10.32
N PRO A 67 -15.45 -1.92 11.56
CA PRO A 67 -14.60 -2.39 12.65
C PRO A 67 -14.07 -3.81 12.41
N VAL A 68 -12.79 -4.03 12.67
CA VAL A 68 -12.19 -5.33 12.44
C VAL A 68 -12.01 -6.08 13.78
N PRO A 69 -12.44 -7.35 13.83
CA PRO A 69 -12.29 -8.22 15.02
C PRO A 69 -10.84 -8.57 15.33
N VAL A 70 -10.63 -8.95 16.59
CA VAL A 70 -9.30 -9.24 17.11
C VAL A 70 -8.74 -10.54 16.54
N GLY A 71 -7.45 -10.55 16.26
CA GLY A 71 -6.80 -11.70 15.64
C GLY A 71 -6.06 -11.28 14.39
N VAL A 72 -5.58 -12.24 13.60
CA VAL A 72 -4.94 -11.87 12.35
C VAL A 72 -6.03 -11.55 11.34
N ASN A 73 -5.85 -10.47 10.64
CA ASN A 73 -6.75 -10.12 9.58
C ASN A 73 -6.01 -10.27 8.29
N LYS A 74 -6.66 -10.87 7.32
CA LYS A 74 -6.00 -11.28 6.11
C LYS A 74 -6.95 -11.07 4.96
N PHE A 75 -6.45 -10.49 3.89
CA PHE A 75 -7.24 -10.26 2.71
C PHE A 75 -6.33 -9.89 1.55
N VAL A 76 -6.82 -10.09 0.34
CA VAL A 76 -6.06 -9.76 -0.84
C VAL A 76 -6.41 -8.35 -1.30
N PHE A 77 -5.38 -7.56 -1.53
CA PHE A 77 -5.54 -6.16 -1.92
C PHE A 77 -5.18 -6.00 -3.39
N SER A 78 -6.17 -5.68 -4.20
CA SER A 78 -5.95 -5.49 -5.62
C SER A 78 -6.11 -4.02 -5.96
N ALA A 79 -5.05 -3.44 -6.49
CA ALA A 79 -5.05 -2.03 -6.84
C ALA A 79 -4.86 -1.85 -8.33
N ASP A 80 -5.73 -1.04 -8.92
CA ASP A 80 -5.69 -0.78 -10.35
C ASP A 80 -4.43 0.01 -10.71
N PRO A 81 -3.78 -0.33 -11.83
CA PRO A 81 -2.48 0.22 -12.21
C PRO A 81 -2.57 1.60 -12.87
N PRO A 82 -1.53 2.42 -12.69
CA PRO A 82 -1.43 3.74 -13.32
C PRO A 82 -1.26 3.65 -14.83
N SER A 83 -1.65 4.70 -15.53
CA SER A 83 -1.47 4.75 -16.96
C SER A 83 -0.14 5.43 -17.27
N ALA A 84 0.54 4.91 -18.29
CA ALA A 84 1.84 5.41 -18.69
C ALA A 84 1.76 6.80 -19.30
N GLU A 85 0.54 7.24 -19.62
CA GLU A 85 0.33 8.59 -20.15
C GLU A 85 0.90 9.65 -19.20
N LEU A 86 1.08 9.28 -17.93
CA LEU A 86 1.65 10.18 -16.94
C LEU A 86 3.18 10.12 -16.99
N ILE A 87 3.69 8.96 -17.37
CA ILE A 87 5.13 8.70 -17.38
C ILE A 87 5.60 8.23 -18.76
N PRO A 88 6.27 9.12 -19.52
CA PRO A 88 6.80 8.80 -20.85
C PRO A 88 7.63 7.51 -20.90
N ALA A 89 7.80 6.96 -22.09
CA ALA A 89 8.45 5.65 -22.25
C ALA A 89 9.76 5.55 -21.47
N SER A 90 10.61 6.57 -21.59
CA SER A 90 11.90 6.54 -20.93
C SER A 90 11.78 6.92 -19.44
N GLU A 91 10.58 7.22 -18.99
CA GLU A 91 10.38 7.68 -17.62
C GLU A 91 9.81 6.59 -16.71
N LEU A 92 9.10 5.62 -17.29
CA LEU A 92 8.55 4.54 -16.45
C LEU A 92 9.47 3.33 -16.49
N VAL A 93 10.34 3.25 -17.50
CA VAL A 93 11.30 2.16 -17.60
C VAL A 93 12.50 2.42 -16.70
N SER A 94 12.25 2.40 -15.41
CA SER A 94 13.28 2.51 -14.40
C SER A 94 12.85 1.73 -13.17
N VAL A 95 13.69 1.70 -12.14
CA VAL A 95 13.26 1.11 -10.88
C VAL A 95 12.44 2.11 -10.12
N THR A 96 11.26 1.68 -9.71
CA THR A 96 10.34 2.53 -9.01
C THR A 96 10.08 1.97 -7.62
N VAL A 97 9.27 2.67 -6.84
CA VAL A 97 9.02 2.26 -5.48
C VAL A 97 7.52 2.18 -5.23
N ILE A 98 7.12 1.11 -4.55
CA ILE A 98 5.74 0.93 -4.17
C ILE A 98 5.60 1.14 -2.68
N LEU A 99 4.59 1.89 -2.28
CA LEU A 99 4.31 2.08 -0.87
C LEU A 99 2.94 1.53 -0.50
N LEU A 100 2.93 0.59 0.43
CA LEU A 100 1.69 0.11 0.99
C LEU A 100 1.47 0.79 2.32
N SER A 101 0.42 1.58 2.41
CA SER A 101 0.23 2.42 3.57
C SER A 101 -1.05 2.05 4.30
N CYS A 102 -0.94 1.97 5.62
CA CYS A 102 -2.10 1.73 6.46
C CYS A 102 -2.33 2.94 7.36
N SER A 103 -3.52 3.46 7.30
CA SER A 103 -3.89 4.60 8.13
C SER A 103 -5.11 4.25 8.97
N TYR A 104 -5.05 4.60 10.24
CA TYR A 104 -6.17 4.39 11.14
C TYR A 104 -6.77 5.73 11.49
N ASP A 105 -7.98 5.96 11.01
CA ASP A 105 -8.68 7.23 11.24
C ASP A 105 -7.83 8.39 10.72
N GLY A 106 -7.06 8.12 9.67
CA GLY A 106 -6.23 9.15 9.07
C GLY A 106 -4.76 9.09 9.51
N ARG A 107 -4.47 8.32 10.56
CA ARG A 107 -3.10 8.25 11.07
C ARG A 107 -2.34 7.07 10.47
N GLU A 108 -1.30 7.37 9.71
CA GLU A 108 -0.48 6.34 9.08
C GLU A 108 0.59 5.83 10.06
N PHE A 109 0.57 4.53 10.31
CA PHE A 109 1.56 3.92 11.20
C PHE A 109 2.40 2.88 10.46
N VAL A 110 1.86 2.35 9.38
CA VAL A 110 2.56 1.32 8.62
C VAL A 110 2.63 1.70 7.15
N ARG A 111 3.85 1.80 6.66
CA ARG A 111 4.08 1.95 5.23
C ARG A 111 5.16 0.98 4.80
N VAL A 112 4.83 0.18 3.82
CA VAL A 112 5.74 -0.85 3.34
C VAL A 112 6.18 -0.54 1.93
N GLY A 113 7.47 -0.32 1.76
CA GLY A 113 8.00 0.06 0.47
C GLY A 113 8.72 -1.07 -0.22
N TYR A 114 8.63 -1.08 -1.54
CA TYR A 114 9.32 -2.06 -2.36
C TYR A 114 9.91 -1.37 -3.58
N TYR A 115 11.00 -1.90 -4.09
CA TYR A 115 11.53 -1.43 -5.36
C TYR A 115 11.08 -2.35 -6.46
N VAL A 116 10.70 -1.79 -7.58
CA VAL A 116 10.18 -2.55 -8.69
C VAL A 116 10.90 -2.22 -9.97
N ASN A 117 11.35 -3.26 -10.65
CA ASN A 117 12.01 -3.12 -11.93
C ASN A 117 10.99 -3.01 -13.04
N ASN A 118 10.97 -1.87 -13.71
CA ASN A 118 10.15 -1.70 -14.90
C ASN A 118 11.04 -1.73 -16.12
N GLU A 119 10.79 -2.66 -17.02
CA GLU A 119 11.66 -2.84 -18.18
C GLU A 119 10.87 -3.43 -19.34
N TYR A 120 11.40 -3.30 -20.54
CA TYR A 120 10.78 -3.95 -21.69
C TYR A 120 11.24 -5.39 -21.78
N ASP A 121 10.29 -6.32 -21.74
CA ASP A 121 10.60 -7.74 -21.96
C ASP A 121 11.11 -7.98 -23.37
N GLU A 122 10.98 -6.97 -24.23
CA GLU A 122 11.57 -7.02 -25.56
C GLU A 122 12.91 -6.32 -25.57
N GLU A 123 13.96 -7.09 -25.87
CA GLU A 123 15.32 -6.58 -25.93
C GLU A 123 15.43 -5.45 -26.93
N GLU A 124 14.78 -5.60 -28.07
CA GLU A 124 14.85 -4.61 -29.14
C GLU A 124 14.34 -3.25 -28.68
N LEU A 125 13.38 -3.25 -27.76
CA LEU A 125 12.83 -2.01 -27.24
C LEU A 125 13.72 -1.42 -26.17
N ARG A 126 14.46 -2.26 -25.47
CA ARG A 126 15.45 -1.77 -24.52
C ARG A 126 16.64 -1.18 -25.26
N GLU A 127 17.01 -1.83 -26.36
CA GLU A 127 18.09 -1.35 -27.21
C GLU A 127 17.66 -0.09 -27.96
N ASN A 128 16.45 -0.13 -28.51
CA ASN A 128 15.91 1.01 -29.26
C ASN A 128 14.61 1.47 -28.61
N PRO A 129 14.71 2.35 -27.60
CA PRO A 129 13.53 2.79 -26.85
C PRO A 129 12.60 3.65 -27.69
N PRO A 130 11.32 3.26 -27.80
CA PRO A 130 10.33 4.00 -28.58
C PRO A 130 9.89 5.27 -27.86
N ALA A 131 9.30 6.20 -28.61
CA ALA A 131 8.78 7.42 -28.03
C ALA A 131 7.50 7.12 -27.28
N LYS A 132 6.59 6.41 -27.95
CA LYS A 132 5.36 5.97 -27.34
C LYS A 132 5.63 4.76 -26.47
N VAL A 133 5.15 4.81 -25.24
CA VAL A 133 5.37 3.72 -24.31
C VAL A 133 4.44 2.54 -24.61
N GLN A 134 5.03 1.38 -24.79
CA GLN A 134 4.27 0.16 -25.01
C GLN A 134 4.29 -0.65 -23.72
N VAL A 135 3.48 -0.22 -22.75
CA VAL A 135 3.56 -0.77 -21.40
C VAL A 135 3.20 -2.24 -21.36
N ASP A 136 2.47 -2.71 -22.38
CA ASP A 136 2.08 -4.12 -22.44
C ASP A 136 3.32 -5.01 -22.52
N HIS A 137 4.42 -4.44 -23.01
CA HIS A 137 5.68 -5.16 -23.06
C HIS A 137 6.65 -4.62 -22.02
N ILE A 138 6.11 -3.87 -21.06
CA ILE A 138 6.89 -3.43 -19.93
C ILE A 138 6.55 -4.31 -18.74
N VAL A 139 7.57 -4.83 -18.10
CA VAL A 139 7.41 -5.75 -16.99
C VAL A 139 7.74 -5.05 -15.69
N ARG A 140 6.96 -5.32 -14.67
CA ARG A 140 7.27 -4.84 -13.33
C ARG A 140 7.66 -6.01 -12.44
N ASN A 141 8.92 -6.06 -12.08
CA ASN A 141 9.41 -7.11 -11.21
C ASN A 141 9.53 -6.57 -9.79
N ILE A 142 8.73 -7.10 -8.88
CA ILE A 142 8.73 -6.61 -7.51
C ILE A 142 9.81 -7.31 -6.71
N LEU A 143 10.80 -6.54 -6.28
CA LEU A 143 11.86 -7.08 -5.44
C LEU A 143 11.36 -7.15 -4.00
N ALA A 144 10.40 -8.04 -3.75
CA ALA A 144 9.77 -8.19 -2.45
C ALA A 144 10.72 -8.81 -1.45
N GLU A 145 11.87 -9.25 -1.95
CA GLU A 145 12.94 -9.77 -1.10
C GLU A 145 13.39 -8.72 -0.11
N LYS A 146 13.23 -7.45 -0.49
CA LYS A 146 13.58 -6.35 0.41
C LYS A 146 12.36 -5.44 0.65
N PRO A 147 11.65 -5.67 1.75
CA PRO A 147 10.61 -4.77 2.22
C PRO A 147 11.20 -3.61 3.02
N ARG A 148 10.88 -2.39 2.62
CA ARG A 148 11.32 -1.22 3.36
C ARG A 148 10.15 -0.67 4.14
N VAL A 149 10.12 -0.95 5.42
CA VAL A 149 8.94 -0.65 6.22
C VAL A 149 9.24 0.43 7.22
N THR A 150 8.31 1.36 7.36
CA THR A 150 8.47 2.47 8.27
C THR A 150 7.27 2.52 9.20
N ARG A 151 7.55 2.54 10.49
CA ARG A 151 6.50 2.63 11.50
C ARG A 151 6.52 4.00 12.14
N PHE A 152 5.36 4.62 12.23
CA PHE A 152 5.25 5.93 12.83
C PHE A 152 4.60 5.81 14.19
N ASN A 153 5.15 6.49 15.18
CA ASN A 153 4.59 6.51 16.51
C ASN A 153 3.33 7.36 16.52
N ILE A 154 2.18 6.70 16.48
CA ILE A 154 0.91 7.39 16.48
C ILE A 154 0.15 7.03 17.74
N VAL A 155 -0.86 7.80 18.06
CA VAL A 155 -1.73 7.46 19.16
C VAL A 155 -3.11 7.15 18.60
N TRP A 156 -3.66 6.03 19.04
CA TRP A 156 -4.90 5.51 18.49
C TRP A 156 -6.11 6.28 19.00
N ASP A 157 -7.30 5.76 18.77
CA ASP A 157 -8.54 6.42 19.21
C ASP A 157 -8.53 6.72 20.71
N ASN A 158 -7.60 6.09 21.42
CA ASN A 158 -7.45 6.31 22.86
C ASN A 158 -6.73 7.62 23.14
N GLU A 159 -6.26 8.29 22.09
CA GLU A 159 -5.61 9.58 22.24
C GLU A 159 -6.62 10.64 22.67
N ASN A 160 -6.16 11.65 23.40
CA ASN A 160 -7.01 12.76 23.79
C ASN A 160 -7.30 13.63 22.58
N GLU A 161 -8.51 14.17 22.51
CA GLU A 161 -8.90 15.01 21.38
C GLU A 161 -8.11 16.31 21.37
N GLY A 162 -7.10 16.36 20.52
CA GLY A 162 -6.29 17.55 20.39
C GLY A 162 -5.43 17.51 19.14
N ASP A 163 -4.42 16.67 19.16
CA ASP A 163 -3.52 16.52 18.03
C ASP A 163 -3.92 15.35 17.16
N LEU A 164 -5.19 15.31 16.78
CA LEU A 164 -5.71 14.26 15.91
C LEU A 164 -5.44 14.59 14.45
N TYR A 165 -4.54 15.54 14.25
CA TYR A 165 -4.10 15.96 12.94
C TYR A 165 -2.62 16.34 13.00
N PRO A 166 -1.80 15.75 12.14
CA PRO A 166 -0.36 16.03 12.11
C PRO A 166 -0.09 17.48 11.70
N PRO A 167 0.72 18.20 12.47
CA PRO A 167 1.09 19.59 12.17
C PRO A 167 2.13 19.68 11.07
N GLU A 168 1.67 19.68 9.83
CA GLU A 168 2.56 19.77 8.69
C GLU A 168 3.09 21.19 8.54
N GLN A 169 4.37 21.29 8.24
CA GLN A 169 5.06 22.58 8.26
C GLN A 169 5.14 23.18 6.85
N PRO A 170 5.02 24.51 6.76
CA PRO A 170 5.10 25.23 5.48
C PRO A 170 6.55 25.37 4.99
N GLY A 171 7.00 24.40 4.21
CA GLY A 171 8.36 24.41 3.73
C GLY A 171 9.25 23.50 4.54
N VAL A 172 9.11 22.20 4.30
CA VAL A 172 9.87 21.20 5.05
C VAL A 172 11.37 21.32 4.74
N LEU B 1 -4.60 -19.92 16.48
CA LEU B 1 -4.27 -18.85 15.53
C LEU B 1 -5.00 -19.08 14.21
N ALA B 2 -6.03 -18.30 13.97
CA ALA B 2 -6.81 -18.40 12.75
C ALA B 2 -7.06 -17.02 12.16
N ILE B 3 -7.61 -17.00 10.97
CA ILE B 3 -7.88 -15.75 10.29
C ILE B 3 -9.23 -15.18 10.65
N THR B 4 -9.32 -13.88 10.48
CA THR B 4 -10.56 -13.19 10.56
C THR B 4 -11.26 -13.17 9.19
N MET B 5 -10.45 -13.09 8.14
CA MET B 5 -10.96 -12.99 6.77
C MET B 5 -11.95 -11.83 6.67
N LEU B 6 -11.40 -10.62 6.80
CA LEU B 6 -12.21 -9.41 6.89
C LEU B 6 -12.97 -9.15 5.58
N LYS B 7 -12.27 -9.32 4.45
CA LYS B 7 -12.80 -8.91 3.16
C LYS B 7 -13.05 -7.40 3.16
N PRO B 8 -12.07 -6.63 2.68
CA PRO B 8 -12.09 -5.18 2.76
C PRO B 8 -13.00 -4.55 1.71
N ARG B 9 -13.81 -3.60 2.14
CA ARG B 9 -14.66 -2.87 1.24
C ARG B 9 -13.92 -1.66 0.72
N LYS B 10 -13.99 -1.43 -0.57
CA LYS B 10 -13.24 -0.36 -1.20
C LYS B 10 -13.79 0.99 -0.72
N LYS B 11 -12.88 1.93 -0.46
CA LYS B 11 -13.25 3.20 0.12
C LYS B 11 -13.93 4.12 -0.90
N ALA B 12 -15.14 3.76 -1.30
CA ALA B 12 -15.97 4.65 -2.08
C ALA B 12 -16.75 5.55 -1.13
N LYS B 13 -16.39 5.44 0.14
CA LYS B 13 -17.03 6.20 1.21
C LYS B 13 -16.69 7.68 1.09
N ALA B 14 -17.64 8.47 0.65
CA ALA B 14 -17.46 9.92 0.62
C ALA B 14 -17.69 10.50 2.01
N LEU B 15 -16.90 11.50 2.36
CA LEU B 15 -17.00 12.11 3.68
C LEU B 15 -17.00 13.63 3.56
N GLY A 1 -7.26 -5.68 26.37
CA GLY A 1 -5.80 -5.82 26.58
C GLY A 1 -5.03 -4.63 26.09
N ALA A 2 -5.14 -4.35 24.78
CA ALA A 2 -4.39 -3.27 24.13
C ALA A 2 -2.90 -3.40 24.39
N MET A 3 -2.23 -4.23 23.60
CA MET A 3 -0.80 -4.47 23.76
C MET A 3 0.00 -3.36 23.09
N GLY A 4 -0.10 -2.15 23.61
CA GLY A 4 0.59 -1.02 23.03
C GLY A 4 -0.04 -0.59 21.72
N SER A 5 0.63 -0.90 20.63
CA SER A 5 0.09 -0.65 19.30
C SER A 5 -0.98 -1.70 19.01
N ILE A 6 -2.14 -1.25 18.55
CA ILE A 6 -3.27 -2.14 18.37
C ILE A 6 -3.19 -2.91 17.05
N VAL A 7 -2.55 -2.30 16.07
CA VAL A 7 -2.43 -2.92 14.75
C VAL A 7 -0.99 -2.86 14.28
N SER A 8 -0.46 -4.01 13.91
CA SER A 8 0.89 -4.10 13.40
C SER A 8 0.91 -5.00 12.18
N LEU A 9 1.65 -4.61 11.15
CA LEU A 9 1.65 -5.33 9.89
C LEU A 9 2.69 -6.44 9.93
N LEU A 10 2.23 -7.67 9.75
CA LEU A 10 3.10 -8.83 9.83
C LEU A 10 3.93 -8.95 8.57
N GLY A 11 3.34 -8.54 7.45
CA GLY A 11 4.03 -8.55 6.19
C GLY A 11 3.06 -8.47 5.04
N ILE A 12 3.59 -8.44 3.83
CA ILE A 12 2.75 -8.38 2.65
C ILE A 12 3.24 -9.37 1.63
N LYS A 13 2.34 -9.99 0.91
CA LYS A 13 2.72 -10.85 -0.21
C LYS A 13 2.24 -10.26 -1.52
N VAL A 14 3.16 -9.89 -2.39
CA VAL A 14 2.78 -9.49 -3.71
C VAL A 14 2.39 -10.72 -4.53
N LEU A 15 1.11 -10.81 -4.84
CA LEU A 15 0.57 -11.91 -5.64
C LEU A 15 1.03 -11.80 -7.10
N ASN A 16 1.60 -10.65 -7.47
CA ASN A 16 1.96 -10.38 -8.86
C ASN A 16 3.47 -10.49 -9.07
N ASN A 17 3.91 -11.58 -9.70
CA ASN A 17 5.32 -11.74 -10.07
C ASN A 17 5.50 -12.91 -11.04
N PRO A 18 5.83 -12.64 -12.32
CA PRO A 18 6.01 -11.29 -12.84
C PRO A 18 4.68 -10.61 -13.13
N ALA A 19 4.72 -9.32 -13.38
CA ALA A 19 3.51 -8.57 -13.66
C ALA A 19 3.71 -7.64 -14.84
N LYS A 20 2.62 -7.20 -15.43
CA LYS A 20 2.69 -6.20 -16.47
C LYS A 20 2.42 -4.85 -15.83
N PHE A 21 3.06 -3.79 -16.33
CA PHE A 21 2.98 -2.50 -15.67
C PHE A 21 1.58 -1.90 -15.77
N THR A 22 0.81 -2.35 -16.75
CA THR A 22 -0.58 -1.92 -16.88
C THR A 22 -1.54 -2.93 -16.23
N ASP A 23 -0.98 -3.82 -15.43
CA ASP A 23 -1.75 -4.86 -14.73
C ASP A 23 -2.01 -4.40 -13.29
N PRO A 24 -3.15 -4.76 -12.69
CA PRO A 24 -3.49 -4.37 -11.32
C PRO A 24 -2.42 -4.79 -10.30
N TYR A 25 -2.38 -4.07 -9.18
CA TYR A 25 -1.46 -4.38 -8.11
C TYR A 25 -2.17 -5.21 -7.05
N GLU A 26 -1.60 -6.36 -6.70
CA GLU A 26 -2.22 -7.24 -5.73
C GLU A 26 -1.26 -7.54 -4.59
N PHE A 27 -1.60 -7.05 -3.42
CA PHE A 27 -0.80 -7.26 -2.23
C PHE A 27 -1.63 -7.98 -1.16
N GLU A 28 -1.06 -8.97 -0.53
CA GLU A 28 -1.78 -9.72 0.49
C GLU A 28 -1.43 -9.16 1.86
N ILE A 29 -2.41 -8.56 2.51
CA ILE A 29 -2.20 -7.95 3.79
C ILE A 29 -2.42 -8.93 4.92
N THR A 30 -1.42 -9.05 5.78
CA THR A 30 -1.54 -9.83 7.00
C THR A 30 -1.01 -9.01 8.17
N PHE A 31 -1.89 -8.72 9.12
CA PHE A 31 -1.50 -7.96 10.29
C PHE A 31 -2.14 -8.52 11.54
N GLU A 32 -1.60 -8.17 12.69
CA GLU A 32 -2.07 -8.67 13.96
C GLU A 32 -2.87 -7.59 14.65
N CYS A 33 -4.15 -7.85 14.82
CA CYS A 33 -5.03 -6.97 15.55
C CYS A 33 -5.00 -7.36 17.02
N LEU A 34 -4.30 -6.57 17.82
CA LEU A 34 -4.17 -6.86 19.25
C LEU A 34 -5.46 -6.58 19.98
N GLU A 35 -6.18 -5.58 19.52
CA GLU A 35 -7.45 -5.20 20.10
C GLU A 35 -8.42 -4.81 19.00
N SER A 36 -9.69 -5.09 19.18
CA SER A 36 -10.68 -4.79 18.15
C SER A 36 -10.81 -3.29 17.97
N LEU A 37 -10.62 -2.83 16.75
CA LEU A 37 -10.68 -1.41 16.44
C LEU A 37 -12.10 -0.90 16.50
N LYS A 38 -12.29 0.23 17.18
CA LYS A 38 -13.59 0.89 17.21
C LYS A 38 -13.83 1.62 15.89
N HIS A 39 -12.76 2.02 15.24
CA HIS A 39 -12.85 2.70 13.95
C HIS A 39 -12.37 1.78 12.83
N ASP A 40 -12.11 2.34 11.65
CA ASP A 40 -11.76 1.54 10.49
C ASP A 40 -10.29 1.66 10.16
N LEU A 41 -9.78 0.66 9.44
CA LEU A 41 -8.41 0.69 8.95
C LEU A 41 -8.39 1.00 7.47
N GLU A 42 -7.56 1.95 7.07
CA GLU A 42 -7.51 2.40 5.69
C GLU A 42 -6.20 1.94 5.03
N TRP A 43 -6.30 1.00 4.09
CA TRP A 43 -5.13 0.46 3.41
C TRP A 43 -5.06 0.99 2.00
N LYS A 44 -3.91 1.52 1.62
CA LYS A 44 -3.77 2.20 0.34
C LYS A 44 -2.43 1.88 -0.31
N LEU A 45 -2.38 2.00 -1.63
CA LEU A 45 -1.14 1.77 -2.37
C LEU A 45 -0.73 3.04 -3.09
N THR A 46 0.54 3.39 -3.03
CA THR A 46 1.04 4.56 -3.72
C THR A 46 2.17 4.17 -4.68
N TYR A 47 2.11 4.67 -5.91
CA TYR A 47 3.15 4.43 -6.89
C TYR A 47 4.15 5.58 -6.86
N VAL A 48 5.41 5.22 -6.73
CA VAL A 48 6.47 6.20 -6.67
C VAL A 48 7.45 5.98 -7.82
N GLY A 49 7.57 6.98 -8.68
CA GLY A 49 8.47 6.89 -9.80
C GLY A 49 9.93 7.02 -9.38
N SER A 50 10.62 5.88 -9.36
CA SER A 50 12.06 5.83 -9.06
C SER A 50 12.34 6.09 -7.58
N SER A 51 12.04 7.30 -7.13
CA SER A 51 12.26 7.67 -5.73
C SER A 51 11.54 8.97 -5.42
N ARG A 52 11.81 10.00 -6.21
CA ARG A 52 11.21 11.32 -5.99
C ARG A 52 9.86 11.39 -6.66
N SER A 53 9.72 10.69 -7.78
CA SER A 53 8.45 10.62 -8.50
C SER A 53 8.05 11.98 -9.07
N LEU A 54 8.36 12.20 -10.34
CA LEU A 54 8.00 13.45 -11.00
C LEU A 54 6.51 13.51 -11.29
N ASP A 55 5.84 12.39 -11.06
CA ASP A 55 4.39 12.33 -11.22
C ASP A 55 3.72 12.72 -9.90
N HIS A 56 4.57 13.02 -8.91
CA HIS A 56 4.11 13.47 -7.59
C HIS A 56 3.35 12.36 -6.88
N ASP A 57 3.75 11.11 -7.16
CA ASP A 57 3.19 9.91 -6.54
C ASP A 57 1.75 9.68 -6.98
N GLN A 58 1.40 8.42 -7.18
CA GLN A 58 0.05 8.07 -7.59
C GLN A 58 -0.58 7.13 -6.57
N GLU A 59 -1.62 7.58 -5.91
CA GLU A 59 -2.40 6.69 -5.05
C GLU A 59 -3.28 5.81 -5.94
N LEU A 60 -2.95 4.53 -6.01
CA LEU A 60 -3.59 3.63 -6.97
C LEU A 60 -5.02 3.31 -6.58
N ASP A 61 -5.28 3.18 -5.29
CA ASP A 61 -6.56 2.71 -4.81
C ASP A 61 -6.57 2.78 -3.29
N SER A 62 -7.69 2.45 -2.67
CA SER A 62 -7.81 2.50 -1.23
C SER A 62 -8.89 1.55 -0.75
N ILE A 63 -8.54 0.67 0.18
CA ILE A 63 -9.50 -0.25 0.75
C ILE A 63 -9.70 0.04 2.22
N LEU A 64 -10.88 -0.22 2.70
CA LEU A 64 -11.27 0.12 4.04
C LEU A 64 -11.75 -1.14 4.76
N VAL A 65 -11.33 -1.32 6.01
CA VAL A 65 -11.74 -2.49 6.77
C VAL A 65 -12.27 -2.09 8.14
N GLY A 66 -13.41 -2.67 8.51
CA GLY A 66 -13.96 -2.44 9.83
C GLY A 66 -15.43 -2.80 9.89
N PRO A 67 -15.94 -3.17 11.08
CA PRO A 67 -15.13 -3.34 12.29
C PRO A 67 -14.16 -4.52 12.18
N VAL A 68 -12.93 -4.31 12.61
CA VAL A 68 -11.90 -5.32 12.51
C VAL A 68 -11.63 -5.95 13.88
N PRO A 69 -11.80 -7.29 13.98
CA PRO A 69 -11.67 -8.05 15.23
C PRO A 69 -10.25 -8.51 15.53
N VAL A 70 -10.08 -8.99 16.75
CA VAL A 70 -8.78 -9.36 17.28
C VAL A 70 -8.23 -10.62 16.63
N GLY A 71 -6.94 -10.61 16.30
CA GLY A 71 -6.30 -11.74 15.67
C GLY A 71 -5.56 -11.32 14.41
N VAL A 72 -5.07 -12.28 13.64
CA VAL A 72 -4.44 -11.92 12.38
C VAL A 72 -5.54 -11.64 11.38
N ASN A 73 -5.41 -10.55 10.67
CA ASN A 73 -6.36 -10.22 9.64
C ASN A 73 -5.65 -10.37 8.32
N LYS A 74 -6.32 -10.98 7.37
CA LYS A 74 -5.68 -11.33 6.13
C LYS A 74 -6.65 -11.18 4.98
N PHE A 75 -6.21 -10.48 3.94
CA PHE A 75 -7.03 -10.26 2.77
C PHE A 75 -6.16 -9.78 1.63
N VAL A 76 -6.65 -9.94 0.41
CA VAL A 76 -5.92 -9.51 -0.76
C VAL A 76 -6.32 -8.10 -1.14
N PHE A 77 -5.32 -7.26 -1.34
CA PHE A 77 -5.52 -5.86 -1.67
C PHE A 77 -5.23 -5.62 -3.14
N SER A 78 -6.28 -5.31 -3.88
CA SER A 78 -6.15 -5.04 -5.30
C SER A 78 -6.23 -3.55 -5.57
N ALA A 79 -5.18 -2.99 -6.14
CA ALA A 79 -5.15 -1.57 -6.45
C ALA A 79 -5.10 -1.34 -7.95
N ASP A 80 -6.01 -0.48 -8.43
CA ASP A 80 -6.14 -0.16 -9.84
C ASP A 80 -4.83 0.36 -10.43
N PRO A 81 -4.40 -0.22 -11.56
CA PRO A 81 -3.15 0.16 -12.21
C PRO A 81 -3.27 1.49 -12.95
N PRO A 82 -2.21 2.31 -12.92
CA PRO A 82 -2.18 3.61 -13.59
C PRO A 82 -1.91 3.48 -15.08
N SER A 83 -2.01 4.59 -15.78
CA SER A 83 -1.72 4.63 -17.19
C SER A 83 -0.38 5.30 -17.44
N ALA A 84 0.34 4.81 -18.45
CA ALA A 84 1.63 5.34 -18.82
C ALA A 84 1.53 6.77 -19.35
N GLU A 85 0.30 7.21 -19.63
CA GLU A 85 0.07 8.59 -20.06
C GLU A 85 0.63 9.59 -19.04
N LEU A 86 0.76 9.16 -17.79
CA LEU A 86 1.31 10.01 -16.75
C LEU A 86 2.84 9.95 -16.77
N ILE A 87 3.36 8.79 -17.15
CA ILE A 87 4.80 8.55 -17.15
C ILE A 87 5.28 8.12 -18.53
N PRO A 88 5.91 9.04 -19.27
CA PRO A 88 6.43 8.78 -20.63
C PRO A 88 7.37 7.58 -20.67
N ALA A 89 7.60 7.03 -21.86
CA ALA A 89 8.36 5.79 -22.02
C ALA A 89 9.67 5.81 -21.24
N SER A 90 10.35 6.95 -21.25
CA SER A 90 11.64 7.08 -20.59
C SER A 90 11.53 7.12 -19.07
N GLU A 91 10.32 7.18 -18.54
CA GLU A 91 10.13 7.37 -17.11
C GLU A 91 9.65 6.09 -16.42
N LEU A 92 9.01 5.20 -17.17
CA LEU A 92 8.52 3.95 -16.57
C LEU A 92 9.41 2.78 -16.97
N VAL A 93 10.66 3.09 -17.34
CA VAL A 93 11.66 2.07 -17.61
C VAL A 93 12.83 2.26 -16.64
N SER A 94 12.49 2.22 -15.37
CA SER A 94 13.46 2.33 -14.30
C SER A 94 12.96 1.50 -13.12
N VAL A 95 13.76 1.40 -12.06
CA VAL A 95 13.27 0.77 -10.85
C VAL A 95 12.44 1.78 -10.07
N THR A 96 11.19 1.44 -9.88
CA THR A 96 10.24 2.31 -9.23
C THR A 96 9.90 1.79 -7.84
N VAL A 97 9.08 2.51 -7.10
CA VAL A 97 8.81 2.16 -5.72
C VAL A 97 7.31 2.11 -5.45
N ILE A 98 6.89 1.09 -4.72
CA ILE A 98 5.52 0.96 -4.30
C ILE A 98 5.43 1.19 -2.80
N LEU A 99 4.45 1.97 -2.37
CA LEU A 99 4.24 2.19 -0.95
C LEU A 99 2.87 1.66 -0.53
N LEU A 100 2.87 0.78 0.45
CA LEU A 100 1.64 0.30 1.05
C LEU A 100 1.44 1.02 2.37
N SER A 101 0.35 1.77 2.46
CA SER A 101 0.13 2.63 3.60
C SER A 101 -1.14 2.25 4.33
N CYS A 102 -1.08 2.19 5.64
CA CYS A 102 -2.26 1.98 6.45
C CYS A 102 -2.46 3.16 7.38
N SER A 103 -3.69 3.67 7.41
CA SER A 103 -4.01 4.80 8.25
C SER A 103 -5.19 4.47 9.16
N TYR A 104 -5.00 4.69 10.45
CA TYR A 104 -6.08 4.60 11.41
C TYR A 104 -6.36 5.99 11.94
N ASP A 105 -7.59 6.45 11.77
CA ASP A 105 -7.98 7.83 12.12
C ASP A 105 -7.22 8.82 11.24
N GLY A 106 -6.87 8.38 10.04
CA GLY A 106 -6.13 9.22 9.12
C GLY A 106 -4.65 9.26 9.43
N ARG A 107 -4.23 8.48 10.42
CA ARG A 107 -2.83 8.49 10.85
C ARG A 107 -2.08 7.28 10.31
N GLU A 108 -1.09 7.53 9.48
CA GLU A 108 -0.26 6.47 8.91
C GLU A 108 0.72 5.95 9.95
N PHE A 109 0.63 4.66 10.24
CA PHE A 109 1.53 4.02 11.19
C PHE A 109 2.42 3.01 10.48
N VAL A 110 1.94 2.53 9.33
CA VAL A 110 2.66 1.54 8.56
C VAL A 110 2.70 1.94 7.09
N ARG A 111 3.91 2.10 6.58
CA ARG A 111 4.13 2.30 5.16
C ARG A 111 5.22 1.35 4.69
N VAL A 112 4.85 0.46 3.79
CA VAL A 112 5.74 -0.58 3.32
C VAL A 112 6.17 -0.30 1.88
N GLY A 113 7.45 -0.15 1.67
CA GLY A 113 7.96 0.16 0.36
C GLY A 113 8.58 -1.04 -0.33
N TYR A 114 8.39 -1.10 -1.64
CA TYR A 114 8.98 -2.14 -2.47
C TYR A 114 9.53 -1.51 -3.73
N TYR A 115 10.57 -2.09 -4.27
CA TYR A 115 11.08 -1.63 -5.56
C TYR A 115 10.60 -2.54 -6.66
N VAL A 116 10.23 -1.94 -7.77
CA VAL A 116 9.73 -2.68 -8.91
C VAL A 116 10.57 -2.43 -10.13
N ASN A 117 11.03 -3.50 -10.75
CA ASN A 117 11.80 -3.40 -11.96
C ASN A 117 10.88 -3.19 -13.15
N ASN A 118 10.98 -2.02 -13.75
CA ASN A 118 10.20 -1.70 -14.93
C ASN A 118 11.11 -1.61 -16.14
N GLU A 119 10.86 -2.45 -17.12
CA GLU A 119 11.70 -2.53 -18.30
C GLU A 119 10.96 -3.17 -19.45
N TYR A 120 11.54 -3.11 -20.63
CA TYR A 120 10.97 -3.80 -21.78
C TYR A 120 11.38 -5.27 -21.74
N ASP A 121 10.39 -6.15 -21.77
CA ASP A 121 10.63 -7.60 -21.82
C ASP A 121 11.58 -7.98 -22.96
N GLU A 122 11.55 -7.22 -24.04
CA GLU A 122 12.35 -7.52 -25.21
C GLU A 122 13.64 -6.72 -25.21
N GLU A 123 14.74 -7.46 -25.37
CA GLU A 123 16.10 -6.92 -25.34
C GLU A 123 16.30 -5.80 -26.36
N GLU A 124 15.74 -5.97 -27.55
CA GLU A 124 15.89 -4.97 -28.61
C GLU A 124 15.30 -3.62 -28.19
N LEU A 125 14.25 -3.68 -27.38
CA LEU A 125 13.60 -2.47 -26.91
C LEU A 125 14.42 -1.83 -25.79
N ARG A 126 15.08 -2.67 -25.01
CA ARG A 126 15.96 -2.19 -23.95
C ARG A 126 17.19 -1.50 -24.54
N GLU A 127 17.69 -2.03 -25.65
CA GLU A 127 18.82 -1.44 -26.33
C GLU A 127 18.42 -0.16 -27.02
N ASN A 128 17.31 -0.20 -27.74
CA ASN A 128 16.79 0.98 -28.44
C ASN A 128 15.35 1.24 -28.03
N PRO A 129 15.14 2.00 -26.95
CA PRO A 129 13.81 2.31 -26.42
C PRO A 129 12.95 3.10 -27.39
N PRO A 130 11.68 2.70 -27.55
CA PRO A 130 10.73 3.41 -28.40
C PRO A 130 10.32 4.76 -27.80
N ALA A 131 9.88 5.67 -28.64
CA ALA A 131 9.41 6.97 -28.19
C ALA A 131 8.07 6.84 -27.50
N LYS A 132 7.16 6.11 -28.14
CA LYS A 132 5.86 5.81 -27.55
C LYS A 132 6.00 4.65 -26.57
N VAL A 133 5.33 4.75 -25.44
CA VAL A 133 5.42 3.71 -24.45
C VAL A 133 4.55 2.51 -24.83
N GLN A 134 5.20 1.37 -24.92
CA GLN A 134 4.50 0.11 -25.14
C GLN A 134 4.44 -0.66 -23.83
N VAL A 135 3.52 -0.26 -22.95
CA VAL A 135 3.49 -0.80 -21.60
C VAL A 135 3.15 -2.29 -21.62
N ASP A 136 2.50 -2.73 -22.69
CA ASP A 136 2.18 -4.15 -22.86
C ASP A 136 3.45 -4.97 -22.98
N HIS A 137 4.54 -4.32 -23.38
CA HIS A 137 5.83 -4.98 -23.51
C HIS A 137 6.71 -4.61 -22.32
N ILE A 138 6.20 -3.74 -21.45
CA ILE A 138 6.92 -3.33 -20.25
C ILE A 138 6.56 -4.25 -19.08
N VAL A 139 7.58 -4.79 -18.45
CA VAL A 139 7.40 -5.74 -17.37
C VAL A 139 7.55 -5.06 -16.03
N ARG A 140 6.72 -5.47 -15.09
CA ARG A 140 6.86 -5.09 -13.70
C ARG A 140 7.32 -6.29 -12.90
N ASN A 141 8.55 -6.25 -12.42
CA ASN A 141 9.07 -7.30 -11.56
C ASN A 141 9.24 -6.76 -10.16
N ILE A 142 8.39 -7.19 -9.25
CA ILE A 142 8.42 -6.67 -7.89
C ILE A 142 9.52 -7.35 -7.09
N LEU A 143 10.44 -6.56 -6.59
CA LEU A 143 11.45 -7.07 -5.69
C LEU A 143 10.87 -7.13 -4.28
N ALA A 144 9.86 -7.99 -4.11
CA ALA A 144 9.17 -8.15 -2.83
C ALA A 144 10.07 -8.85 -1.83
N GLU A 145 11.24 -9.28 -2.32
CA GLU A 145 12.27 -9.84 -1.47
C GLU A 145 12.73 -8.85 -0.41
N LYS A 146 12.66 -7.57 -0.75
CA LYS A 146 13.13 -6.52 0.15
C LYS A 146 12.02 -5.51 0.46
N PRO A 147 11.34 -5.69 1.60
CA PRO A 147 10.39 -4.71 2.12
C PRO A 147 11.10 -3.60 2.88
N ARG A 148 10.82 -2.37 2.49
CA ARG A 148 11.35 -1.22 3.16
C ARG A 148 10.24 -0.56 3.97
N VAL A 149 10.25 -0.79 5.26
CA VAL A 149 9.11 -0.42 6.09
C VAL A 149 9.45 0.70 7.03
N THR A 150 8.54 1.64 7.18
CA THR A 150 8.71 2.75 8.09
C THR A 150 7.52 2.78 9.04
N ARG A 151 7.80 2.73 10.32
CA ARG A 151 6.76 2.71 11.33
C ARG A 151 6.65 4.06 12.00
N PHE A 152 5.44 4.58 12.11
CA PHE A 152 5.21 5.83 12.82
C PHE A 152 4.41 5.51 14.08
N ASN A 153 4.47 6.39 15.07
CA ASN A 153 3.74 6.17 16.30
C ASN A 153 2.46 6.99 16.31
N ILE A 154 1.33 6.31 16.42
CA ILE A 154 0.05 6.98 16.45
C ILE A 154 -0.71 6.56 17.70
N VAL A 155 -1.72 7.33 18.06
CA VAL A 155 -2.52 7.03 19.23
C VAL A 155 -3.71 6.16 18.82
N TRP A 156 -3.73 4.93 19.32
CA TRP A 156 -4.75 3.98 18.92
C TRP A 156 -6.01 4.12 19.76
N ASP A 157 -7.12 4.16 19.03
CA ASP A 157 -8.49 4.28 19.57
C ASP A 157 -8.60 5.08 20.87
N ASN A 158 -7.72 6.06 21.05
CA ASN A 158 -7.70 6.87 22.27
C ASN A 158 -7.16 8.25 21.98
N GLU A 159 -7.08 8.62 20.71
CA GLU A 159 -6.59 9.93 20.33
C GLU A 159 -7.53 11.00 20.87
N ASN A 160 -7.05 11.77 21.83
CA ASN A 160 -7.87 12.77 22.49
C ASN A 160 -7.02 13.62 23.44
N GLU A 161 -6.68 13.03 24.60
CA GLU A 161 -5.91 13.73 25.63
C GLU A 161 -6.51 15.09 25.96
N GLY A 162 -7.82 15.15 25.98
CA GLY A 162 -8.52 16.38 26.30
C GLY A 162 -9.60 16.16 27.33
N ASP A 163 -10.33 15.06 27.17
CA ASP A 163 -11.35 14.67 28.13
C ASP A 163 -10.70 13.96 29.31
N LEU A 164 -10.29 14.74 30.30
CA LEU A 164 -9.64 14.19 31.48
C LEU A 164 -10.64 13.41 32.32
N TYR A 165 -11.88 13.86 32.27
CA TYR A 165 -12.98 13.18 32.92
C TYR A 165 -14.08 12.88 31.89
N PRO A 166 -14.26 11.59 31.56
CA PRO A 166 -15.22 11.16 30.52
C PRO A 166 -16.63 11.69 30.77
N PRO A 167 -17.31 12.11 29.70
CA PRO A 167 -18.69 12.63 29.78
C PRO A 167 -19.66 11.55 30.25
N GLU A 168 -20.27 11.78 31.40
CA GLU A 168 -21.16 10.81 32.01
C GLU A 168 -22.56 10.91 31.43
N GLN A 169 -23.08 9.78 30.98
CA GLN A 169 -24.42 9.72 30.41
C GLN A 169 -25.46 9.91 31.51
N PRO A 170 -26.47 10.74 31.25
CA PRO A 170 -27.57 10.99 32.21
C PRO A 170 -28.44 9.75 32.42
N GLY A 171 -27.97 8.85 33.27
CA GLY A 171 -28.73 7.64 33.56
C GLY A 171 -28.08 6.83 34.66
N VAL A 172 -27.79 7.47 35.77
CA VAL A 172 -27.18 6.79 36.91
C VAL A 172 -28.25 6.41 37.93
N LEU B 1 -13.50 -20.84 12.61
CA LEU B 1 -12.88 -19.50 12.49
C LEU B 1 -11.37 -19.61 12.33
N ALA B 2 -10.92 -19.67 11.10
CA ALA B 2 -9.50 -19.67 10.81
C ALA B 2 -9.09 -18.32 10.26
N ILE B 3 -7.94 -17.82 10.70
CA ILE B 3 -7.46 -16.50 10.31
C ILE B 3 -8.55 -15.47 10.65
N THR B 4 -8.61 -14.41 9.88
CA THR B 4 -9.71 -13.48 9.95
C THR B 4 -9.92 -12.86 8.57
N MET B 5 -10.88 -13.42 7.84
CA MET B 5 -11.18 -12.96 6.49
C MET B 5 -12.05 -11.71 6.52
N LEU B 6 -11.40 -10.56 6.52
CA LEU B 6 -12.10 -9.29 6.47
C LEU B 6 -12.59 -9.02 5.06
N LYS B 7 -13.59 -8.17 4.94
CA LYS B 7 -14.07 -7.73 3.65
C LYS B 7 -13.72 -6.26 3.48
N PRO B 8 -12.59 -5.99 2.83
CA PRO B 8 -12.07 -4.62 2.72
C PRO B 8 -12.82 -3.80 1.67
N ARG B 9 -13.99 -3.31 2.08
CA ARG B 9 -14.79 -2.40 1.27
C ARG B 9 -13.94 -1.21 0.86
N LYS B 10 -14.03 -0.82 -0.40
CA LYS B 10 -13.23 0.28 -0.92
C LYS B 10 -13.55 1.55 -0.16
N LYS B 11 -12.51 2.31 0.19
CA LYS B 11 -12.65 3.46 1.05
C LYS B 11 -13.44 4.56 0.35
N ALA B 12 -14.70 4.69 0.74
CA ALA B 12 -15.59 5.69 0.17
C ALA B 12 -16.76 5.95 1.12
N LYS B 13 -16.48 5.91 2.42
CA LYS B 13 -17.50 6.12 3.43
C LYS B 13 -18.09 7.52 3.32
N ALA B 14 -17.21 8.52 3.26
CA ALA B 14 -17.64 9.91 3.13
C ALA B 14 -18.66 10.28 4.21
N LEU B 15 -18.34 9.95 5.45
CA LEU B 15 -19.21 10.24 6.57
C LEU B 15 -18.71 11.48 7.31
N GLY A 1 -5.05 -6.87 23.76
CA GLY A 1 -3.95 -6.11 24.39
C GLY A 1 -3.67 -4.81 23.66
N ALA A 2 -2.69 -4.06 24.14
CA ALA A 2 -2.33 -2.79 23.53
C ALA A 2 -0.82 -2.64 23.46
N MET A 3 -0.20 -3.49 22.65
CA MET A 3 1.26 -3.48 22.49
C MET A 3 1.70 -2.34 21.58
N GLY A 4 1.52 -1.11 22.04
CA GLY A 4 1.89 0.05 21.27
C GLY A 4 0.90 0.32 20.15
N SER A 5 1.09 -0.37 19.04
CA SER A 5 0.18 -0.29 17.93
C SER A 5 -0.83 -1.43 18.02
N ILE A 6 -2.11 -1.09 17.99
CA ILE A 6 -3.18 -2.08 18.01
C ILE A 6 -3.18 -2.88 16.71
N VAL A 7 -2.59 -2.29 15.69
CA VAL A 7 -2.48 -2.91 14.39
C VAL A 7 -1.03 -2.88 13.93
N SER A 8 -0.44 -4.05 13.78
CA SER A 8 0.93 -4.17 13.32
C SER A 8 0.97 -5.06 12.08
N LEU A 9 1.75 -4.67 11.08
CA LEU A 9 1.76 -5.38 9.82
C LEU A 9 2.76 -6.54 9.90
N LEU A 10 2.23 -7.75 9.80
CA LEU A 10 3.03 -8.96 9.92
C LEU A 10 3.83 -9.17 8.66
N GLY A 11 3.27 -8.76 7.54
CA GLY A 11 3.93 -8.87 6.28
C GLY A 11 2.97 -8.66 5.14
N ILE A 12 3.50 -8.66 3.93
CA ILE A 12 2.70 -8.50 2.74
C ILE A 12 3.09 -9.55 1.73
N LYS A 13 2.14 -10.08 1.00
CA LYS A 13 2.45 -11.01 -0.06
C LYS A 13 2.24 -10.38 -1.42
N VAL A 14 3.33 -10.16 -2.13
CA VAL A 14 3.26 -9.81 -3.53
C VAL A 14 2.76 -11.02 -4.34
N LEU A 15 1.46 -11.01 -4.65
CA LEU A 15 0.86 -12.08 -5.46
C LEU A 15 1.40 -12.08 -6.88
N ASN A 16 1.45 -10.91 -7.50
CA ASN A 16 1.80 -10.80 -8.91
C ASN A 16 3.29 -10.59 -9.07
N ASN A 17 3.99 -11.59 -9.59
CA ASN A 17 5.44 -11.53 -9.70
C ASN A 17 5.94 -12.63 -10.63
N PRO A 18 6.45 -12.28 -11.83
CA PRO A 18 6.51 -10.90 -12.33
C PRO A 18 5.15 -10.41 -12.83
N ALA A 19 4.92 -9.12 -12.73
CA ALA A 19 3.64 -8.54 -13.08
C ALA A 19 3.76 -7.63 -14.30
N LYS A 20 2.64 -7.08 -14.71
CA LYS A 20 2.60 -6.13 -15.82
C LYS A 20 2.20 -4.77 -15.28
N PHE A 21 2.91 -3.73 -15.72
CA PHE A 21 2.72 -2.39 -15.17
C PHE A 21 1.32 -1.85 -15.43
N THR A 22 0.68 -2.32 -16.50
CA THR A 22 -0.67 -1.91 -16.81
C THR A 22 -1.71 -2.91 -16.29
N ASP A 23 -1.27 -3.80 -15.40
CA ASP A 23 -2.14 -4.82 -14.82
C ASP A 23 -2.27 -4.57 -13.33
N PRO A 24 -3.51 -4.64 -12.79
CA PRO A 24 -3.79 -4.37 -11.37
C PRO A 24 -2.92 -5.21 -10.42
N TYR A 25 -2.33 -4.53 -9.45
CA TYR A 25 -1.42 -5.16 -8.51
C TYR A 25 -2.20 -5.74 -7.35
N GLU A 26 -1.74 -6.86 -6.82
CA GLU A 26 -2.37 -7.47 -5.66
C GLU A 26 -1.33 -7.78 -4.59
N PHE A 27 -1.58 -7.26 -3.40
CA PHE A 27 -0.73 -7.49 -2.25
C PHE A 27 -1.58 -8.07 -1.13
N GLU A 28 -1.10 -9.10 -0.46
CA GLU A 28 -1.90 -9.70 0.60
C GLU A 28 -1.48 -9.12 1.94
N ILE A 29 -2.41 -8.45 2.59
CA ILE A 29 -2.15 -7.83 3.87
C ILE A 29 -2.43 -8.81 5.00
N THR A 30 -1.45 -8.96 5.88
CA THR A 30 -1.62 -9.71 7.10
C THR A 30 -1.12 -8.90 8.28
N PHE A 31 -2.02 -8.58 9.20
CA PHE A 31 -1.65 -7.81 10.37
C PHE A 31 -2.33 -8.36 11.60
N GLU A 32 -1.80 -8.02 12.76
CA GLU A 32 -2.30 -8.53 14.02
C GLU A 32 -3.13 -7.47 14.70
N CYS A 33 -4.40 -7.77 14.90
CA CYS A 33 -5.29 -6.91 15.62
C CYS A 33 -5.23 -7.27 17.10
N LEU A 34 -4.60 -6.43 17.90
CA LEU A 34 -4.48 -6.67 19.33
C LEU A 34 -5.76 -6.28 20.03
N GLU A 35 -6.48 -5.35 19.44
CA GLU A 35 -7.76 -4.90 19.96
C GLU A 35 -8.64 -4.47 18.78
N SER A 36 -9.93 -4.69 18.89
CA SER A 36 -10.84 -4.38 17.81
C SER A 36 -10.90 -2.88 17.54
N LEU A 37 -10.62 -2.53 16.28
CA LEU A 37 -10.56 -1.13 15.87
C LEU A 37 -11.96 -0.55 15.75
N LYS A 38 -12.25 0.44 16.56
CA LYS A 38 -13.53 1.13 16.52
C LYS A 38 -13.53 2.16 15.39
N HIS A 39 -12.35 2.64 15.03
CA HIS A 39 -12.20 3.51 13.89
C HIS A 39 -11.73 2.69 12.69
N ASP A 40 -11.80 3.26 11.51
CA ASP A 40 -11.58 2.49 10.28
C ASP A 40 -10.10 2.44 9.89
N LEU A 41 -9.71 1.30 9.34
CA LEU A 41 -8.37 1.11 8.79
C LEU A 41 -8.42 1.27 7.28
N GLU A 42 -7.56 2.11 6.74
CA GLU A 42 -7.56 2.39 5.32
C GLU A 42 -6.23 1.95 4.69
N TRP A 43 -6.29 0.98 3.80
CA TRP A 43 -5.09 0.45 3.15
C TRP A 43 -5.02 0.95 1.73
N LYS A 44 -3.85 1.39 1.31
CA LYS A 44 -3.71 2.00 0.00
C LYS A 44 -2.34 1.72 -0.61
N LEU A 45 -2.27 1.83 -1.93
CA LEU A 45 -1.02 1.65 -2.66
C LEU A 45 -0.64 2.98 -3.31
N THR A 46 0.60 3.39 -3.16
CA THR A 46 1.08 4.60 -3.79
C THR A 46 2.25 4.29 -4.72
N TYR A 47 2.23 4.86 -5.91
CA TYR A 47 3.31 4.67 -6.86
C TYR A 47 4.29 5.82 -6.72
N VAL A 48 5.57 5.49 -6.64
CA VAL A 48 6.60 6.49 -6.50
C VAL A 48 7.62 6.37 -7.62
N GLY A 49 7.81 7.45 -8.37
CA GLY A 49 8.82 7.49 -9.39
C GLY A 49 10.23 7.50 -8.81
N SER A 50 10.72 6.32 -8.45
CA SER A 50 12.07 6.13 -7.93
C SER A 50 12.24 6.82 -6.57
N SER A 51 12.59 8.11 -6.59
CA SER A 51 12.71 8.88 -5.36
C SER A 51 12.44 10.36 -5.64
N ARG A 52 12.57 10.77 -6.90
CA ARG A 52 12.32 12.14 -7.30
C ARG A 52 10.82 12.38 -7.46
N SER A 53 10.10 11.31 -7.77
CA SER A 53 8.64 11.35 -7.87
C SER A 53 8.16 12.45 -8.83
N LEU A 54 8.32 12.23 -10.13
CA LEU A 54 7.82 13.18 -11.12
C LEU A 54 6.31 13.07 -11.22
N ASP A 55 5.80 11.98 -10.67
CA ASP A 55 4.37 11.75 -10.58
C ASP A 55 3.81 12.34 -9.30
N HIS A 56 4.73 12.76 -8.43
CA HIS A 56 4.41 13.40 -7.15
C HIS A 56 3.70 12.43 -6.20
N ASP A 57 4.02 11.15 -6.33
CA ASP A 57 3.42 10.09 -5.52
C ASP A 57 1.93 9.98 -5.82
N GLN A 58 1.57 8.95 -6.57
CA GLN A 58 0.20 8.80 -7.01
C GLN A 58 -0.46 7.58 -6.37
N GLU A 59 -1.51 7.84 -5.61
CA GLU A 59 -2.28 6.81 -4.95
C GLU A 59 -3.12 6.06 -5.98
N LEU A 60 -2.86 4.76 -6.11
CA LEU A 60 -3.54 3.95 -7.12
C LEU A 60 -4.97 3.64 -6.71
N ASP A 61 -5.14 2.95 -5.59
CA ASP A 61 -6.47 2.65 -5.08
C ASP A 61 -6.38 2.37 -3.59
N SER A 62 -7.52 2.30 -2.92
CA SER A 62 -7.55 2.10 -1.47
C SER A 62 -8.70 1.18 -1.07
N ILE A 63 -8.46 0.37 -0.05
CA ILE A 63 -9.48 -0.50 0.51
C ILE A 63 -9.75 -0.13 1.96
N LEU A 64 -10.95 -0.38 2.44
CA LEU A 64 -11.35 0.06 3.76
C LEU A 64 -11.77 -1.14 4.62
N VAL A 65 -11.33 -1.15 5.87
CA VAL A 65 -11.67 -2.24 6.80
C VAL A 65 -12.02 -1.69 8.18
N GLY A 66 -13.06 -2.23 8.78
CA GLY A 66 -13.40 -1.88 10.15
C GLY A 66 -14.89 -1.94 10.42
N PRO A 67 -15.31 -2.18 11.66
CA PRO A 67 -14.41 -2.53 12.77
C PRO A 67 -13.87 -3.95 12.63
N VAL A 68 -12.55 -4.09 12.62
CA VAL A 68 -11.93 -5.39 12.35
C VAL A 68 -11.76 -6.18 13.65
N PRO A 69 -12.21 -7.45 13.65
CA PRO A 69 -12.09 -8.37 14.79
C PRO A 69 -10.65 -8.64 15.21
N VAL A 70 -10.50 -8.94 16.48
CA VAL A 70 -9.20 -9.18 17.09
C VAL A 70 -8.61 -10.51 16.58
N GLY A 71 -7.32 -10.50 16.33
CA GLY A 71 -6.67 -11.65 15.72
C GLY A 71 -5.89 -11.22 14.50
N VAL A 72 -5.39 -12.15 13.70
CA VAL A 72 -4.70 -11.76 12.49
C VAL A 72 -5.75 -11.50 11.42
N ASN A 73 -5.60 -10.40 10.73
CA ASN A 73 -6.50 -10.07 9.67
C ASN A 73 -5.75 -10.18 8.38
N LYS A 74 -6.38 -10.77 7.39
CA LYS A 74 -5.70 -11.12 6.17
C LYS A 74 -6.66 -10.97 5.02
N PHE A 75 -6.20 -10.35 3.95
CA PHE A 75 -7.01 -10.14 2.77
C PHE A 75 -6.13 -9.72 1.62
N VAL A 76 -6.64 -9.84 0.41
CA VAL A 76 -5.90 -9.46 -0.78
C VAL A 76 -6.23 -8.02 -1.15
N PHE A 77 -5.20 -7.25 -1.42
CA PHE A 77 -5.34 -5.85 -1.76
C PHE A 77 -5.04 -5.65 -3.25
N SER A 78 -6.10 -5.39 -4.01
CA SER A 78 -5.98 -5.21 -5.44
C SER A 78 -6.08 -3.73 -5.78
N ALA A 79 -5.04 -3.20 -6.41
CA ALA A 79 -5.01 -1.78 -6.76
C ALA A 79 -4.82 -1.60 -8.26
N ASP A 80 -5.65 -0.74 -8.85
CA ASP A 80 -5.55 -0.43 -10.27
C ASP A 80 -4.22 0.23 -10.59
N PRO A 81 -3.60 -0.15 -11.72
CA PRO A 81 -2.25 0.30 -12.08
C PRO A 81 -2.24 1.69 -12.71
N PRO A 82 -1.15 2.44 -12.51
CA PRO A 82 -0.98 3.78 -13.06
C PRO A 82 -0.69 3.73 -14.56
N SER A 83 -1.38 4.57 -15.31
CA SER A 83 -1.23 4.64 -16.75
C SER A 83 0.14 5.22 -17.12
N ALA A 84 0.74 4.64 -18.16
CA ALA A 84 2.05 5.08 -18.63
C ALA A 84 2.01 6.50 -19.17
N GLU A 85 0.81 7.01 -19.42
CA GLU A 85 0.64 8.39 -19.89
C GLU A 85 1.26 9.37 -18.88
N LEU A 86 1.41 8.93 -17.64
CA LEU A 86 2.01 9.76 -16.60
C LEU A 86 3.53 9.71 -16.70
N ILE A 87 4.05 8.57 -17.14
CA ILE A 87 5.48 8.36 -17.31
C ILE A 87 5.80 7.91 -18.73
N PRO A 88 6.31 8.84 -19.56
CA PRO A 88 6.68 8.55 -20.96
C PRO A 88 7.55 7.30 -21.12
N ALA A 89 7.61 6.76 -22.32
CA ALA A 89 8.27 5.48 -22.58
C ALA A 89 9.65 5.37 -21.93
N SER A 90 10.43 6.43 -22.02
CA SER A 90 11.79 6.42 -21.48
C SER A 90 11.79 6.62 -19.96
N GLU A 91 10.65 7.02 -19.40
CA GLU A 91 10.58 7.38 -17.99
C GLU A 91 10.08 6.23 -17.12
N LEU A 92 9.33 5.29 -17.71
CA LEU A 92 8.83 4.17 -16.91
C LEU A 92 9.73 2.96 -17.07
N VAL A 93 10.84 3.11 -17.78
CA VAL A 93 11.83 2.05 -17.88
C VAL A 93 12.95 2.28 -16.86
N SER A 94 12.55 2.32 -15.60
CA SER A 94 13.48 2.50 -14.50
C SER A 94 12.95 1.77 -13.28
N VAL A 95 13.78 1.65 -12.25
CA VAL A 95 13.30 1.09 -10.99
C VAL A 95 12.55 2.17 -10.22
N THR A 96 11.46 1.76 -9.62
CA THR A 96 10.61 2.68 -8.89
C THR A 96 10.24 2.06 -7.55
N VAL A 97 9.47 2.77 -6.75
CA VAL A 97 9.18 2.32 -5.41
C VAL A 97 7.67 2.33 -5.17
N ILE A 98 7.19 1.25 -4.58
CA ILE A 98 5.78 1.12 -4.25
C ILE A 98 5.59 1.30 -2.75
N LEU A 99 4.59 2.07 -2.37
CA LEU A 99 4.32 2.28 -0.96
C LEU A 99 2.97 1.69 -0.60
N LEU A 100 2.99 0.69 0.28
CA LEU A 100 1.77 0.16 0.85
C LEU A 100 1.55 0.82 2.19
N SER A 101 0.47 1.56 2.32
CA SER A 101 0.28 2.39 3.48
C SER A 101 -1.08 2.16 4.10
N CYS A 102 -1.16 2.28 5.41
CA CYS A 102 -2.41 2.15 6.11
C CYS A 102 -2.61 3.29 7.08
N SER A 103 -3.82 3.81 7.11
CA SER A 103 -4.18 4.85 8.03
C SER A 103 -5.29 4.38 8.97
N TYR A 104 -5.17 4.73 10.23
CA TYR A 104 -6.20 4.46 11.21
C TYR A 104 -6.84 5.78 11.60
N ASP A 105 -8.06 5.99 11.12
CA ASP A 105 -8.77 7.25 11.30
C ASP A 105 -8.00 8.38 10.62
N GLY A 106 -7.27 8.04 9.56
CA GLY A 106 -6.49 9.02 8.84
C GLY A 106 -5.06 9.14 9.33
N ARG A 107 -4.69 8.34 10.32
CA ARG A 107 -3.32 8.36 10.83
C ARG A 107 -2.52 7.21 10.25
N GLU A 108 -1.50 7.55 9.46
CA GLU A 108 -0.65 6.54 8.85
C GLU A 108 0.35 6.02 9.87
N PHE A 109 0.29 4.73 10.13
CA PHE A 109 1.21 4.09 11.07
C PHE A 109 2.17 3.16 10.36
N VAL A 110 1.79 2.73 9.16
CA VAL A 110 2.56 1.76 8.41
C VAL A 110 2.61 2.14 6.94
N ARG A 111 3.82 2.35 6.45
CA ARG A 111 4.06 2.53 5.02
C ARG A 111 5.22 1.64 4.60
N VAL A 112 4.92 0.69 3.73
CA VAL A 112 5.88 -0.32 3.33
C VAL A 112 6.31 -0.09 1.89
N GLY A 113 7.60 0.07 1.68
CA GLY A 113 8.12 0.32 0.36
C GLY A 113 8.74 -0.90 -0.28
N TYR A 114 8.57 -1.01 -1.58
CA TYR A 114 9.19 -2.07 -2.37
C TYR A 114 9.80 -1.46 -3.61
N TYR A 115 10.97 -1.93 -4.00
CA TYR A 115 11.53 -1.52 -5.27
C TYR A 115 11.00 -2.41 -6.36
N VAL A 116 10.63 -1.81 -7.47
CA VAL A 116 10.09 -2.54 -8.59
C VAL A 116 10.83 -2.18 -9.85
N ASN A 117 11.20 -3.18 -10.62
CA ASN A 117 11.91 -2.93 -11.87
C ASN A 117 10.91 -2.93 -13.00
N ASN A 118 10.99 -1.90 -13.82
CA ASN A 118 10.14 -1.80 -14.99
C ASN A 118 11.03 -1.67 -16.21
N GLU A 119 10.86 -2.56 -17.17
CA GLU A 119 11.75 -2.61 -18.31
C GLU A 119 11.06 -3.27 -19.50
N TYR A 120 11.65 -3.09 -20.67
CA TYR A 120 11.18 -3.79 -21.85
C TYR A 120 11.83 -5.16 -21.91
N ASP A 121 11.03 -6.21 -21.72
CA ASP A 121 11.55 -7.57 -21.82
C ASP A 121 11.85 -7.90 -23.28
N GLU A 122 11.50 -6.97 -24.15
CA GLU A 122 11.82 -7.07 -25.56
C GLU A 122 13.10 -6.30 -25.79
N GLU A 123 14.19 -7.02 -26.04
CA GLU A 123 15.53 -6.46 -26.05
C GLU A 123 15.67 -5.33 -27.07
N GLU A 124 15.02 -5.46 -28.22
CA GLU A 124 15.12 -4.44 -29.26
C GLU A 124 14.52 -3.11 -28.78
N LEU A 125 13.46 -3.20 -27.98
CA LEU A 125 12.81 -2.02 -27.45
C LEU A 125 13.53 -1.53 -26.20
N ARG A 126 14.19 -2.46 -25.52
CA ARG A 126 14.99 -2.13 -24.34
C ARG A 126 16.23 -1.36 -24.73
N GLU A 127 16.94 -1.84 -25.76
CA GLU A 127 18.12 -1.16 -26.26
C GLU A 127 17.74 0.17 -26.92
N ASN A 128 16.71 0.12 -27.76
CA ASN A 128 16.22 1.31 -28.45
C ASN A 128 14.78 1.59 -28.04
N PRO A 129 14.59 2.33 -26.94
CA PRO A 129 13.27 2.66 -26.43
C PRO A 129 12.47 3.50 -27.43
N PRO A 130 11.25 3.05 -27.76
CA PRO A 130 10.36 3.78 -28.66
C PRO A 130 9.78 5.03 -28.01
N ALA A 131 9.18 5.89 -28.81
CA ALA A 131 8.53 7.08 -28.30
C ALA A 131 7.17 6.73 -27.73
N LYS A 132 6.51 5.78 -28.37
CA LYS A 132 5.24 5.26 -27.90
C LYS A 132 5.49 4.13 -26.90
N VAL A 133 5.02 4.30 -25.68
CA VAL A 133 5.24 3.28 -24.66
C VAL A 133 4.32 2.08 -24.88
N GLN A 134 4.93 0.92 -24.98
CA GLN A 134 4.18 -0.32 -25.10
C GLN A 134 4.26 -1.07 -23.79
N VAL A 135 3.46 -0.61 -22.83
CA VAL A 135 3.56 -1.11 -21.46
C VAL A 135 3.23 -2.60 -21.37
N ASP A 136 2.48 -3.08 -22.36
CA ASP A 136 2.14 -4.50 -22.42
C ASP A 136 3.40 -5.35 -22.57
N HIS A 137 4.45 -4.77 -23.11
CA HIS A 137 5.71 -5.48 -23.29
C HIS A 137 6.70 -5.05 -22.22
N ILE A 138 6.29 -4.09 -21.40
CA ILE A 138 7.09 -3.66 -20.28
C ILE A 138 6.77 -4.53 -19.06
N VAL A 139 7.81 -5.06 -18.44
CA VAL A 139 7.65 -5.96 -17.32
C VAL A 139 7.82 -5.23 -16.01
N ARG A 140 6.88 -5.44 -15.10
CA ARG A 140 7.00 -4.92 -13.77
C ARG A 140 7.26 -6.07 -12.82
N ASN A 141 8.46 -6.14 -12.30
CA ASN A 141 8.83 -7.22 -11.40
C ASN A 141 9.09 -6.66 -10.02
N ILE A 142 8.41 -7.19 -9.03
CA ILE A 142 8.55 -6.70 -7.68
C ILE A 142 9.64 -7.47 -6.95
N LEU A 143 10.67 -6.76 -6.52
CA LEU A 143 11.73 -7.38 -5.75
C LEU A 143 11.25 -7.56 -4.31
N ALA A 144 10.35 -8.53 -4.13
CA ALA A 144 9.66 -8.75 -2.86
C ALA A 144 10.58 -9.30 -1.79
N GLU A 145 11.81 -9.59 -2.17
CA GLU A 145 12.83 -10.06 -1.26
C GLU A 145 13.08 -9.04 -0.15
N LYS A 146 12.91 -7.76 -0.48
CA LYS A 146 13.24 -6.68 0.41
C LYS A 146 12.04 -5.76 0.67
N PRO A 147 11.33 -5.99 1.78
CA PRO A 147 10.31 -5.07 2.28
C PRO A 147 10.94 -3.92 3.09
N ARG A 148 10.51 -2.70 2.81
CA ARG A 148 10.93 -1.56 3.60
C ARG A 148 9.77 -1.07 4.46
N VAL A 149 9.79 -1.42 5.72
CA VAL A 149 8.66 -1.12 6.59
C VAL A 149 8.99 0.07 7.48
N THR A 150 8.11 1.05 7.48
CA THR A 150 8.32 2.25 8.27
C THR A 150 7.14 2.46 9.20
N ARG A 151 7.43 2.63 10.48
CA ARG A 151 6.40 2.73 11.49
C ARG A 151 6.33 4.15 12.06
N PHE A 152 5.12 4.67 12.18
CA PHE A 152 4.92 5.95 12.84
C PHE A 152 4.18 5.72 14.15
N ASN A 153 4.54 6.46 15.18
CA ASN A 153 3.90 6.31 16.47
C ASN A 153 2.60 7.12 16.53
N ILE A 154 1.49 6.41 16.39
CA ILE A 154 0.18 7.04 16.45
C ILE A 154 -0.60 6.50 17.64
N VAL A 155 -1.65 7.19 18.03
CA VAL A 155 -2.40 6.82 19.21
C VAL A 155 -3.58 5.93 18.84
N TRP A 156 -3.66 4.77 19.48
CA TRP A 156 -4.71 3.81 19.17
C TRP A 156 -5.72 3.70 20.32
N ASP A 157 -6.98 3.55 19.93
CA ASP A 157 -8.11 3.32 20.86
C ASP A 157 -8.34 4.51 21.80
N ASN A 158 -7.35 4.81 22.63
CA ASN A 158 -7.46 5.83 23.64
C ASN A 158 -7.13 7.21 23.09
N GLU A 159 -7.30 7.39 21.79
CA GLU A 159 -7.05 8.67 21.18
C GLU A 159 -8.22 9.61 21.42
N ASN A 160 -8.10 10.45 22.41
CA ASN A 160 -9.10 11.46 22.71
C ASN A 160 -8.45 12.83 22.64
N GLU A 161 -8.90 13.64 21.71
CA GLU A 161 -8.29 14.94 21.46
C GLU A 161 -8.88 16.00 22.37
N GLY A 162 -8.48 17.25 22.16
CA GLY A 162 -8.82 18.32 23.06
C GLY A 162 -7.66 18.60 23.99
N ASP A 163 -7.93 19.27 25.09
CA ASP A 163 -6.88 19.56 26.07
C ASP A 163 -6.78 18.41 27.06
N LEU A 164 -6.66 17.19 26.52
CA LEU A 164 -6.63 15.96 27.30
C LEU A 164 -7.96 15.70 28.00
N TYR A 165 -8.90 16.62 27.85
CA TYR A 165 -10.24 16.47 28.36
C TYR A 165 -11.21 16.30 27.20
N PRO A 166 -11.92 15.16 27.16
CA PRO A 166 -12.79 14.83 26.03
C PRO A 166 -13.93 15.83 25.83
N PRO A 167 -14.09 16.33 24.60
CA PRO A 167 -15.25 17.11 24.22
C PRO A 167 -16.39 16.19 23.77
N GLU A 168 -17.12 15.67 24.75
CA GLU A 168 -18.14 14.67 24.48
C GLU A 168 -19.23 15.21 23.56
N GLN A 169 -19.28 14.66 22.36
CA GLN A 169 -20.29 15.03 21.38
C GLN A 169 -21.57 14.25 21.63
N PRO A 170 -22.73 14.86 21.34
CA PRO A 170 -24.03 14.19 21.49
C PRO A 170 -24.23 13.09 20.46
N GLY A 171 -23.54 11.97 20.66
CA GLY A 171 -23.60 10.89 19.71
C GLY A 171 -22.23 10.54 19.17
N VAL A 172 -21.83 9.29 19.35
CA VAL A 172 -20.54 8.83 18.87
C VAL A 172 -20.71 7.73 17.83
N LEU B 1 -2.87 -20.67 11.95
CA LEU B 1 -3.54 -19.67 12.80
C LEU B 1 -5.03 -19.60 12.53
N ALA B 2 -5.68 -18.70 13.22
CA ALA B 2 -7.09 -18.43 13.00
C ALA B 2 -7.26 -17.04 12.41
N ILE B 3 -7.53 -17.01 11.12
CA ILE B 3 -7.62 -15.74 10.40
C ILE B 3 -9.02 -15.18 10.48
N THR B 4 -9.09 -13.86 10.46
CA THR B 4 -10.35 -13.17 10.43
C THR B 4 -10.96 -13.19 9.03
N MET B 5 -10.11 -13.13 8.01
CA MET B 5 -10.57 -13.05 6.62
C MET B 5 -11.52 -11.87 6.45
N LEU B 6 -10.98 -10.66 6.61
CA LEU B 6 -11.77 -9.44 6.51
C LEU B 6 -12.26 -9.23 5.08
N LYS B 7 -13.22 -8.35 4.93
CA LYS B 7 -13.70 -7.94 3.64
C LYS B 7 -13.41 -6.46 3.46
N PRO B 8 -12.27 -6.13 2.86
CA PRO B 8 -11.82 -4.75 2.72
C PRO B 8 -12.52 -4.02 1.59
N ARG B 9 -13.82 -3.83 1.75
CA ARG B 9 -14.62 -3.07 0.80
C ARG B 9 -14.15 -1.62 0.77
N LYS B 10 -14.23 -1.02 -0.40
CA LYS B 10 -13.77 0.35 -0.59
C LYS B 10 -14.58 1.32 0.28
N LYS B 11 -14.07 2.55 0.41
CA LYS B 11 -14.59 3.50 1.41
C LYS B 11 -15.93 4.10 1.01
N ALA B 12 -16.62 3.45 0.08
CA ALA B 12 -17.90 3.93 -0.38
C ALA B 12 -19.04 3.46 0.54
N LYS B 13 -18.78 3.47 1.84
CA LYS B 13 -19.78 3.07 2.82
C LYS B 13 -20.59 4.27 3.29
N ALA B 14 -20.19 5.45 2.82
CA ALA B 14 -20.87 6.69 3.18
C ALA B 14 -21.83 7.10 2.08
N LEU B 15 -22.90 7.79 2.46
CA LEU B 15 -23.89 8.24 1.51
C LEU B 15 -23.46 9.58 0.89
N GLY A 1 -5.81 -4.42 25.62
CA GLY A 1 -4.69 -4.92 24.76
C GLY A 1 -4.04 -3.80 23.96
N ALA A 2 -3.49 -2.82 24.66
CA ALA A 2 -2.84 -1.70 24.00
C ALA A 2 -1.32 -1.79 24.16
N MET A 3 -0.70 -2.63 23.35
CA MET A 3 0.76 -2.79 23.38
C MET A 3 1.41 -1.73 22.51
N GLY A 4 1.13 -0.46 22.80
CA GLY A 4 1.67 0.64 22.02
C GLY A 4 0.93 0.82 20.71
N SER A 5 0.88 -0.25 19.93
CA SER A 5 0.16 -0.25 18.67
C SER A 5 -0.91 -1.32 18.69
N ILE A 6 -2.13 -0.96 18.32
CA ILE A 6 -3.23 -1.91 18.28
C ILE A 6 -3.18 -2.74 16.99
N VAL A 7 -2.50 -2.18 16.00
CA VAL A 7 -2.36 -2.83 14.72
C VAL A 7 -0.90 -2.82 14.29
N SER A 8 -0.40 -3.97 13.86
CA SER A 8 0.97 -4.07 13.36
C SER A 8 0.98 -4.98 12.14
N LEU A 9 1.77 -4.61 11.13
CA LEU A 9 1.78 -5.34 9.87
C LEU A 9 2.76 -6.51 9.95
N LEU A 10 2.22 -7.71 9.85
CA LEU A 10 3.00 -8.93 9.97
C LEU A 10 3.81 -9.16 8.70
N GLY A 11 3.24 -8.75 7.57
CA GLY A 11 3.92 -8.86 6.32
C GLY A 11 2.96 -8.74 5.16
N ILE A 12 3.50 -8.66 3.96
CA ILE A 12 2.69 -8.54 2.76
C ILE A 12 3.08 -9.61 1.78
N LYS A 13 2.14 -10.15 1.06
CA LYS A 13 2.45 -11.09 -0.01
C LYS A 13 2.31 -10.41 -1.35
N VAL A 14 3.43 -10.23 -2.04
CA VAL A 14 3.41 -9.80 -3.42
C VAL A 14 2.90 -10.95 -4.32
N LEU A 15 1.65 -10.84 -4.74
CA LEU A 15 1.06 -11.83 -5.64
C LEU A 15 1.68 -11.77 -7.04
N ASN A 16 1.81 -10.56 -7.58
CA ASN A 16 2.21 -10.40 -8.99
C ASN A 16 3.72 -10.47 -9.15
N ASN A 17 4.20 -11.59 -9.68
CA ASN A 17 5.60 -11.73 -10.05
C ASN A 17 5.80 -12.92 -10.99
N PRO A 18 6.08 -12.69 -12.28
CA PRO A 18 6.14 -11.37 -12.90
C PRO A 18 4.77 -10.88 -13.40
N ALA A 19 4.72 -9.65 -13.85
CA ALA A 19 3.52 -9.08 -14.46
C ALA A 19 3.91 -7.86 -15.28
N LYS A 20 2.94 -7.19 -15.90
CA LYS A 20 3.24 -5.94 -16.58
C LYS A 20 3.04 -4.78 -15.63
N PHE A 21 3.45 -3.59 -16.04
CA PHE A 21 3.26 -2.40 -15.22
C PHE A 21 1.78 -2.00 -15.21
N THR A 22 1.10 -2.24 -16.32
CA THR A 22 -0.31 -1.95 -16.44
C THR A 22 -1.18 -3.10 -15.93
N ASP A 23 -0.56 -4.02 -15.21
CA ASP A 23 -1.28 -5.12 -14.56
C ASP A 23 -1.70 -4.72 -13.16
N PRO A 24 -2.78 -5.32 -12.64
CA PRO A 24 -3.28 -5.03 -11.29
C PRO A 24 -2.22 -5.24 -10.22
N TYR A 25 -2.12 -4.30 -9.30
CA TYR A 25 -1.22 -4.43 -8.17
C TYR A 25 -1.91 -5.19 -7.06
N GLU A 26 -1.39 -6.37 -6.75
CA GLU A 26 -2.02 -7.23 -5.77
C GLU A 26 -1.05 -7.55 -4.64
N PHE A 27 -1.41 -7.11 -3.45
CA PHE A 27 -0.63 -7.37 -2.25
C PHE A 27 -1.55 -7.96 -1.19
N GLU A 28 -1.12 -9.00 -0.50
CA GLU A 28 -1.97 -9.60 0.51
C GLU A 28 -1.54 -9.15 1.89
N ILE A 29 -2.45 -8.50 2.58
CA ILE A 29 -2.16 -7.91 3.88
C ILE A 29 -2.40 -8.91 5.02
N THR A 30 -1.43 -9.02 5.89
CA THR A 30 -1.57 -9.76 7.13
C THR A 30 -1.09 -8.90 8.29
N PHE A 31 -1.99 -8.58 9.20
CA PHE A 31 -1.62 -7.81 10.37
C PHE A 31 -2.30 -8.37 11.60
N GLU A 32 -1.75 -8.06 12.75
CA GLU A 32 -2.26 -8.60 14.00
C GLU A 32 -3.02 -7.51 14.75
N CYS A 33 -4.27 -7.79 14.99
CA CYS A 33 -5.14 -6.92 15.75
C CYS A 33 -5.04 -7.28 17.23
N LEU A 34 -4.47 -6.39 18.02
CA LEU A 34 -4.33 -6.64 19.45
C LEU A 34 -5.64 -6.33 20.17
N GLU A 35 -6.39 -5.40 19.61
CA GLU A 35 -7.66 -4.98 20.17
C GLU A 35 -8.56 -4.52 19.04
N SER A 36 -9.87 -4.78 19.15
CA SER A 36 -10.80 -4.51 18.06
C SER A 36 -10.80 -3.03 17.69
N LEU A 37 -10.53 -2.74 16.43
CA LEU A 37 -10.51 -1.37 15.94
C LEU A 37 -11.94 -0.87 15.72
N LYS A 38 -12.43 -0.11 16.68
CA LYS A 38 -13.72 0.56 16.55
C LYS A 38 -13.62 1.71 15.56
N HIS A 39 -12.40 2.15 15.31
CA HIS A 39 -12.13 3.11 14.24
C HIS A 39 -11.71 2.37 12.99
N ASP A 40 -11.73 3.05 11.85
CA ASP A 40 -11.55 2.37 10.56
C ASP A 40 -10.08 2.35 10.12
N LEU A 41 -9.72 1.27 9.45
CA LEU A 41 -8.38 1.11 8.88
C LEU A 41 -8.46 1.22 7.35
N GLU A 42 -7.73 2.17 6.79
CA GLU A 42 -7.69 2.33 5.35
C GLU A 42 -6.34 1.86 4.80
N TRP A 43 -6.38 0.92 3.88
CA TRP A 43 -5.17 0.41 3.25
C TRP A 43 -5.09 0.92 1.84
N LYS A 44 -3.92 1.37 1.42
CA LYS A 44 -3.79 2.01 0.12
C LYS A 44 -2.43 1.75 -0.48
N LEU A 45 -2.35 1.85 -1.79
CA LEU A 45 -1.10 1.66 -2.51
C LEU A 45 -0.73 2.95 -3.20
N THR A 46 0.49 3.40 -3.01
CA THR A 46 0.98 4.59 -3.68
C THR A 46 2.11 4.23 -4.62
N TYR A 47 2.04 4.74 -5.84
CA TYR A 47 3.10 4.53 -6.81
C TYR A 47 4.06 5.70 -6.75
N VAL A 48 5.33 5.39 -6.63
CA VAL A 48 6.36 6.39 -6.55
C VAL A 48 7.29 6.29 -7.75
N GLY A 49 7.47 7.40 -8.44
CA GLY A 49 8.39 7.44 -9.56
C GLY A 49 9.83 7.32 -9.10
N SER A 50 10.29 6.08 -8.96
CA SER A 50 11.67 5.78 -8.53
C SER A 50 12.08 6.61 -7.32
N SER A 51 12.86 7.66 -7.54
CA SER A 51 13.24 8.56 -6.47
C SER A 51 13.21 10.01 -6.97
N ARG A 52 12.46 10.23 -8.04
CA ARG A 52 12.33 11.59 -8.59
C ARG A 52 10.89 12.08 -8.41
N SER A 53 9.95 11.14 -8.48
CA SER A 53 8.54 11.42 -8.21
C SER A 53 8.05 12.70 -8.91
N LEU A 54 8.21 12.75 -10.23
CA LEU A 54 7.76 13.89 -11.01
C LEU A 54 6.23 13.88 -11.08
N ASP A 55 5.66 12.72 -10.81
CA ASP A 55 4.21 12.55 -10.78
C ASP A 55 3.67 13.04 -9.45
N HIS A 56 4.60 13.41 -8.55
CA HIS A 56 4.28 13.81 -7.18
C HIS A 56 3.72 12.62 -6.40
N ASP A 57 3.94 11.43 -6.95
CA ASP A 57 3.43 10.17 -6.40
C ASP A 57 1.91 10.11 -6.50
N GLN A 58 1.38 8.91 -6.68
CA GLN A 58 -0.05 8.75 -6.88
C GLN A 58 -0.57 7.48 -6.23
N GLU A 59 -1.64 7.64 -5.45
CA GLU A 59 -2.31 6.52 -4.82
C GLU A 59 -3.20 5.82 -5.84
N LEU A 60 -2.94 4.54 -6.03
CA LEU A 60 -3.65 3.77 -7.05
C LEU A 60 -5.07 3.47 -6.62
N ASP A 61 -5.21 2.75 -5.51
CA ASP A 61 -6.53 2.48 -4.94
C ASP A 61 -6.42 2.27 -3.44
N SER A 62 -7.55 2.26 -2.76
CA SER A 62 -7.59 2.13 -1.33
C SER A 62 -8.77 1.27 -0.87
N ILE A 63 -8.51 0.41 0.10
CA ILE A 63 -9.52 -0.47 0.65
C ILE A 63 -9.77 -0.15 2.12
N LEU A 64 -10.94 -0.49 2.62
CA LEU A 64 -11.33 -0.07 3.97
C LEU A 64 -11.72 -1.27 4.84
N VAL A 65 -11.26 -1.27 6.09
CA VAL A 65 -11.62 -2.32 7.03
C VAL A 65 -11.97 -1.75 8.40
N GLY A 66 -13.05 -2.23 8.98
CA GLY A 66 -13.41 -1.86 10.33
C GLY A 66 -14.90 -1.84 10.55
N PRO A 67 -15.37 -2.09 11.79
CA PRO A 67 -14.50 -2.48 12.91
C PRO A 67 -13.97 -3.90 12.74
N VAL A 68 -12.65 -4.05 12.83
CA VAL A 68 -12.03 -5.35 12.59
C VAL A 68 -11.82 -6.10 13.93
N PRO A 69 -11.98 -7.43 13.91
CA PRO A 69 -11.85 -8.26 15.10
C PRO A 69 -10.41 -8.63 15.44
N VAL A 70 -10.23 -9.02 16.69
CA VAL A 70 -8.91 -9.33 17.23
C VAL A 70 -8.37 -10.63 16.64
N GLY A 71 -7.05 -10.69 16.49
CA GLY A 71 -6.41 -11.82 15.84
C GLY A 71 -5.66 -11.37 14.61
N VAL A 72 -5.32 -12.28 13.72
CA VAL A 72 -4.69 -11.88 12.48
C VAL A 72 -5.78 -11.51 11.49
N ASN A 73 -5.61 -10.40 10.81
CA ASN A 73 -6.52 -10.01 9.77
C ASN A 73 -5.78 -10.11 8.47
N LYS A 74 -6.44 -10.67 7.47
CA LYS A 74 -5.77 -11.04 6.25
C LYS A 74 -6.73 -10.90 5.09
N PHE A 75 -6.25 -10.28 4.04
CA PHE A 75 -7.05 -10.06 2.85
C PHE A 75 -6.16 -9.66 1.69
N VAL A 76 -6.63 -9.87 0.47
CA VAL A 76 -5.87 -9.52 -0.70
C VAL A 76 -6.23 -8.11 -1.16
N PHE A 77 -5.21 -7.31 -1.40
CA PHE A 77 -5.38 -5.91 -1.77
C PHE A 77 -5.02 -5.70 -3.22
N SER A 78 -6.00 -5.30 -4.02
CA SER A 78 -5.79 -5.05 -5.43
C SER A 78 -5.95 -3.57 -5.73
N ALA A 79 -4.91 -2.97 -6.29
CA ALA A 79 -4.95 -1.55 -6.63
C ALA A 79 -4.65 -1.37 -8.12
N ASP A 80 -5.48 -0.57 -8.78
CA ASP A 80 -5.40 -0.40 -10.23
C ASP A 80 -4.16 0.40 -10.63
N PRO A 81 -3.39 -0.11 -11.60
CA PRO A 81 -2.11 0.48 -12.04
C PRO A 81 -2.27 1.89 -12.61
N PRO A 82 -1.24 2.74 -12.47
CA PRO A 82 -1.25 4.09 -13.02
C PRO A 82 -0.91 4.10 -14.51
N SER A 83 -1.71 4.81 -15.28
CA SER A 83 -1.49 4.94 -16.72
C SER A 83 -0.10 5.53 -17.00
N ALA A 84 0.61 4.89 -17.92
CA ALA A 84 1.97 5.30 -18.29
C ALA A 84 2.01 6.71 -18.87
N GLU A 85 0.86 7.26 -19.22
CA GLU A 85 0.77 8.63 -19.71
C GLU A 85 1.40 9.61 -18.71
N LEU A 86 1.49 9.20 -17.45
CA LEU A 86 2.12 10.02 -16.42
C LEU A 86 3.64 9.91 -16.51
N ILE A 87 4.10 8.74 -16.93
CA ILE A 87 5.52 8.44 -17.03
C ILE A 87 5.90 8.01 -18.44
N PRO A 88 6.52 8.90 -19.22
CA PRO A 88 6.95 8.61 -20.59
C PRO A 88 7.79 7.33 -20.70
N ALA A 89 7.87 6.77 -21.90
CA ALA A 89 8.47 5.45 -22.12
C ALA A 89 9.83 5.29 -21.43
N SER A 90 10.68 6.29 -21.55
CA SER A 90 12.02 6.22 -20.99
C SER A 90 12.01 6.37 -19.47
N GLU A 91 10.88 6.83 -18.93
CA GLU A 91 10.79 7.16 -17.52
C GLU A 91 10.26 5.99 -16.69
N LEU A 92 9.51 5.08 -17.30
CA LEU A 92 9.00 3.91 -16.56
C LEU A 92 9.83 2.68 -16.87
N VAL A 93 10.98 2.88 -17.51
CA VAL A 93 11.96 1.83 -17.70
C VAL A 93 13.07 2.01 -16.67
N SER A 94 12.67 2.01 -15.41
CA SER A 94 13.60 2.13 -14.30
C SER A 94 13.05 1.36 -13.11
N VAL A 95 13.81 1.26 -12.03
CA VAL A 95 13.29 0.69 -10.80
C VAL A 95 12.46 1.74 -10.07
N THR A 96 11.20 1.39 -9.85
CA THR A 96 10.27 2.31 -9.22
C THR A 96 9.97 1.85 -7.81
N VAL A 97 9.16 2.60 -7.08
CA VAL A 97 8.90 2.30 -5.69
C VAL A 97 7.40 2.25 -5.40
N ILE A 98 6.98 1.18 -4.75
CA ILE A 98 5.61 1.02 -4.34
C ILE A 98 5.49 1.25 -2.84
N LEU A 99 4.48 2.00 -2.41
CA LEU A 99 4.26 2.22 -1.00
C LEU A 99 2.91 1.66 -0.58
N LEU A 100 2.93 0.69 0.33
CA LEU A 100 1.70 0.16 0.90
C LEU A 100 1.45 0.85 2.23
N SER A 101 0.37 1.59 2.33
CA SER A 101 0.19 2.47 3.48
C SER A 101 -1.14 2.21 4.19
N CYS A 102 -1.08 2.14 5.51
CA CYS A 102 -2.26 1.92 6.34
C CYS A 102 -2.55 3.16 7.17
N SER A 103 -3.83 3.49 7.27
CA SER A 103 -4.27 4.62 8.06
C SER A 103 -5.36 4.16 9.03
N TYR A 104 -5.21 4.53 10.28
CA TYR A 104 -6.21 4.22 11.30
C TYR A 104 -6.89 5.51 11.73
N ASP A 105 -8.12 5.69 11.25
CA ASP A 105 -8.88 6.92 11.46
C ASP A 105 -8.09 8.13 10.94
N GLY A 106 -7.39 7.93 9.83
CA GLY A 106 -6.61 9.00 9.25
C GLY A 106 -5.17 8.99 9.71
N ARG A 107 -4.89 8.30 10.81
CA ARG A 107 -3.53 8.22 11.34
C ARG A 107 -2.69 7.23 10.53
N GLU A 108 -1.67 7.71 9.83
CA GLU A 108 -0.82 6.83 9.07
C GLU A 108 0.17 6.13 10.00
N PHE A 109 0.07 4.81 10.05
CA PHE A 109 0.92 4.01 10.93
C PHE A 109 2.00 3.26 10.16
N VAL A 110 1.67 2.80 8.98
CA VAL A 110 2.55 1.89 8.25
C VAL A 110 2.54 2.19 6.77
N ARG A 111 3.74 2.39 6.24
CA ARG A 111 3.92 2.51 4.81
C ARG A 111 5.12 1.64 4.40
N VAL A 112 4.85 0.68 3.54
CA VAL A 112 5.84 -0.31 3.17
C VAL A 112 6.29 -0.09 1.74
N GLY A 113 7.56 0.20 1.56
CA GLY A 113 8.08 0.48 0.25
C GLY A 113 8.76 -0.73 -0.37
N TYR A 114 8.59 -0.87 -1.67
CA TYR A 114 9.21 -1.94 -2.43
C TYR A 114 9.76 -1.39 -3.74
N TYR A 115 10.86 -1.96 -4.18
CA TYR A 115 11.41 -1.59 -5.48
C TYR A 115 10.82 -2.49 -6.54
N VAL A 116 10.48 -1.91 -7.66
CA VAL A 116 9.93 -2.66 -8.77
C VAL A 116 10.81 -2.50 -10.00
N ASN A 117 11.20 -3.61 -10.57
CA ASN A 117 11.99 -3.59 -11.80
C ASN A 117 11.07 -3.44 -12.99
N ASN A 118 11.14 -2.30 -13.64
CA ASN A 118 10.32 -2.04 -14.82
C ASN A 118 11.21 -1.90 -16.04
N GLU A 119 11.00 -2.75 -17.03
CA GLU A 119 11.85 -2.80 -18.20
C GLU A 119 11.10 -3.36 -19.39
N TYR A 120 11.66 -3.19 -20.58
CA TYR A 120 11.11 -3.81 -21.78
C TYR A 120 11.61 -5.24 -21.89
N ASP A 121 10.70 -6.19 -21.74
CA ASP A 121 11.00 -7.62 -21.82
C ASP A 121 11.67 -7.99 -23.15
N GLU A 122 11.28 -7.31 -24.20
CA GLU A 122 11.75 -7.62 -25.53
C GLU A 122 12.93 -6.75 -25.91
N GLU A 123 14.00 -7.41 -26.33
CA GLU A 123 15.29 -6.78 -26.53
C GLU A 123 15.23 -5.67 -27.58
N GLU A 124 14.36 -5.84 -28.57
CA GLU A 124 14.24 -4.84 -29.64
C GLU A 124 13.78 -3.50 -29.07
N LEU A 125 12.88 -3.56 -28.10
CA LEU A 125 12.34 -2.36 -27.48
C LEU A 125 13.29 -1.86 -26.38
N ARG A 126 13.99 -2.80 -25.76
CA ARG A 126 14.94 -2.47 -24.70
C ARG A 126 16.21 -1.83 -25.29
N GLU A 127 16.62 -2.29 -26.46
CA GLU A 127 17.76 -1.72 -27.15
C GLU A 127 17.40 -0.42 -27.84
N ASN A 128 16.16 -0.32 -28.30
CA ASN A 128 15.69 0.87 -29.00
C ASN A 128 14.40 1.39 -28.37
N PRO A 129 14.51 2.12 -27.25
CA PRO A 129 13.35 2.67 -26.55
C PRO A 129 12.63 3.73 -27.40
N PRO A 130 11.33 3.54 -27.64
CA PRO A 130 10.51 4.48 -28.41
C PRO A 130 10.03 5.64 -27.54
N ALA A 131 9.42 6.63 -28.18
CA ALA A 131 8.82 7.74 -27.45
C ALA A 131 7.51 7.30 -26.83
N LYS A 132 6.78 6.46 -27.56
CA LYS A 132 5.50 5.96 -27.09
C LYS A 132 5.70 4.73 -26.23
N VAL A 133 5.17 4.76 -25.02
CA VAL A 133 5.34 3.66 -24.10
C VAL A 133 4.44 2.48 -24.45
N GLN A 134 5.05 1.33 -24.61
CA GLN A 134 4.32 0.10 -24.83
C GLN A 134 4.34 -0.70 -23.53
N VAL A 135 3.51 -0.29 -22.57
CA VAL A 135 3.55 -0.86 -21.22
C VAL A 135 3.16 -2.33 -21.24
N ASP A 136 2.42 -2.72 -22.27
CA ASP A 136 2.00 -4.11 -22.43
C ASP A 136 3.19 -5.00 -22.77
N HIS A 137 4.35 -4.38 -22.96
CA HIS A 137 5.59 -5.12 -23.16
C HIS A 137 6.58 -4.77 -22.05
N ILE A 138 6.14 -3.93 -21.12
CA ILE A 138 6.97 -3.50 -20.01
C ILE A 138 6.69 -4.39 -18.80
N VAL A 139 7.75 -4.90 -18.20
CA VAL A 139 7.65 -5.87 -17.15
C VAL A 139 7.75 -5.21 -15.79
N ARG A 140 6.84 -5.58 -14.92
CA ARG A 140 6.90 -5.18 -13.52
C ARG A 140 7.29 -6.38 -12.66
N ASN A 141 8.48 -6.31 -12.10
CA ASN A 141 8.93 -7.33 -11.17
C ASN A 141 9.10 -6.71 -9.79
N ILE A 142 8.21 -7.08 -8.87
CA ILE A 142 8.25 -6.52 -7.53
C ILE A 142 9.30 -7.24 -6.70
N LEU A 143 10.31 -6.51 -6.26
CA LEU A 143 11.35 -7.09 -5.46
C LEU A 143 10.89 -7.25 -4.02
N ALA A 144 10.08 -8.28 -3.79
CA ALA A 144 9.56 -8.59 -2.46
C ALA A 144 10.68 -9.11 -1.56
N GLU A 145 11.83 -9.35 -2.18
CA GLU A 145 13.04 -9.73 -1.48
C GLU A 145 13.43 -8.66 -0.46
N LYS A 146 13.08 -7.41 -0.74
CA LYS A 146 13.42 -6.31 0.14
C LYS A 146 12.18 -5.51 0.52
N PRO A 147 11.60 -5.82 1.69
CA PRO A 147 10.54 -5.02 2.28
C PRO A 147 11.11 -3.84 3.07
N ARG A 148 10.65 -2.64 2.75
CA ARG A 148 11.09 -1.46 3.47
C ARG A 148 9.91 -0.89 4.25
N VAL A 149 9.87 -1.17 5.55
CA VAL A 149 8.71 -0.83 6.34
C VAL A 149 8.97 0.44 7.16
N THR A 150 8.05 1.36 7.09
CA THR A 150 8.16 2.60 7.81
C THR A 150 6.91 2.79 8.66
N ARG A 151 7.08 2.94 9.96
CA ARG A 151 5.95 3.07 10.85
C ARG A 151 6.09 4.30 11.74
N PHE A 152 4.98 4.96 12.00
CA PHE A 152 4.97 6.18 12.78
C PHE A 152 4.20 5.98 14.08
N ASN A 153 4.64 6.63 15.14
CA ASN A 153 3.94 6.55 16.41
C ASN A 153 2.68 7.39 16.38
N ILE A 154 1.54 6.71 16.37
CA ILE A 154 0.25 7.38 16.36
C ILE A 154 -0.53 7.01 17.61
N VAL A 155 -1.66 7.65 17.81
CA VAL A 155 -2.48 7.40 18.97
C VAL A 155 -3.57 6.40 18.63
N TRP A 156 -3.57 5.27 19.31
CA TRP A 156 -4.51 4.20 19.02
C TRP A 156 -5.63 4.17 20.04
N ASP A 157 -6.83 3.86 19.55
CA ASP A 157 -8.02 3.63 20.37
C ASP A 157 -8.45 4.87 21.18
N ASN A 158 -7.62 5.26 22.12
CA ASN A 158 -7.96 6.31 23.08
C ASN A 158 -7.64 7.69 22.54
N GLU A 159 -7.46 7.80 21.22
CA GLU A 159 -7.25 9.10 20.61
C GLU A 159 -8.51 9.95 20.77
N ASN A 160 -8.32 11.20 21.17
CA ASN A 160 -9.44 12.09 21.39
C ASN A 160 -10.02 12.56 20.07
N GLU A 161 -11.34 12.49 19.97
CA GLU A 161 -12.04 12.93 18.77
C GLU A 161 -12.39 14.41 18.91
N GLY A 162 -12.60 15.06 17.77
CA GLY A 162 -12.92 16.47 17.75
C GLY A 162 -14.14 16.80 18.58
N ASP A 163 -13.93 17.62 19.62
CA ASP A 163 -15.00 18.14 20.47
C ASP A 163 -15.67 17.04 21.30
N LEU A 164 -14.86 16.21 21.96
CA LEU A 164 -15.40 15.24 22.90
C LEU A 164 -15.51 15.86 24.29
N TYR A 165 -14.55 16.70 24.62
CA TYR A 165 -14.55 17.36 25.91
C TYR A 165 -14.71 18.87 25.73
N PRO A 166 -15.96 19.36 25.79
CA PRO A 166 -16.25 20.79 25.59
C PRO A 166 -15.52 21.67 26.60
N PRO A 167 -14.84 22.72 26.13
CA PRO A 167 -14.15 23.67 27.01
C PRO A 167 -15.11 24.36 27.96
N GLU A 168 -15.15 23.87 29.19
CA GLU A 168 -16.04 24.40 30.21
C GLU A 168 -15.71 25.86 30.52
N GLN A 169 -16.74 26.64 30.81
CA GLN A 169 -16.58 28.07 31.01
C GLN A 169 -16.22 28.38 32.47
N PRO A 170 -15.16 29.17 32.68
CA PRO A 170 -14.76 29.60 34.03
C PRO A 170 -15.85 30.45 34.70
N GLY A 171 -16.58 29.83 35.62
CA GLY A 171 -17.62 30.55 36.32
C GLY A 171 -18.77 29.64 36.72
N VAL A 172 -18.69 29.10 37.92
CA VAL A 172 -19.73 28.20 38.41
C VAL A 172 -20.52 28.84 39.54
N LEU B 1 -12.64 -20.26 7.18
CA LEU B 1 -11.95 -21.12 8.17
C LEU B 1 -10.77 -20.39 8.79
N ALA B 2 -10.87 -20.11 10.08
CA ALA B 2 -9.81 -19.44 10.84
C ALA B 2 -9.54 -18.03 10.28
N ILE B 3 -8.48 -17.40 10.78
CA ILE B 3 -8.09 -16.07 10.33
C ILE B 3 -9.27 -15.11 10.46
N THR B 4 -9.44 -14.25 9.48
CA THR B 4 -10.54 -13.31 9.51
C THR B 4 -11.13 -13.11 8.11
N MET B 5 -10.28 -12.69 7.17
CA MET B 5 -10.73 -12.34 5.83
C MET B 5 -11.86 -11.33 5.91
N LEU B 6 -11.48 -10.13 6.32
CA LEU B 6 -12.41 -9.04 6.62
C LEU B 6 -13.31 -8.72 5.42
N LYS B 7 -12.76 -8.85 4.22
CA LYS B 7 -13.42 -8.42 2.99
C LYS B 7 -13.53 -6.89 3.02
N PRO B 8 -12.46 -6.20 2.61
CA PRO B 8 -12.31 -4.75 2.81
C PRO B 8 -13.08 -3.88 1.81
N ARG B 9 -13.47 -4.43 0.68
CA ARG B 9 -14.05 -3.64 -0.40
C ARG B 9 -13.12 -2.46 -0.70
N LYS B 10 -13.70 -1.33 -1.06
CA LYS B 10 -12.94 -0.11 -1.24
C LYS B 10 -13.24 0.81 -0.07
N LYS B 11 -12.77 2.06 -0.13
CA LYS B 11 -13.05 3.00 0.95
C LYS B 11 -14.43 3.62 0.82
N ALA B 12 -15.44 2.79 0.99
CA ALA B 12 -16.82 3.23 0.92
C ALA B 12 -17.57 2.79 2.18
N LYS B 13 -17.14 3.29 3.32
CA LYS B 13 -17.78 2.96 4.58
C LYS B 13 -18.95 3.89 4.86
N ALA B 14 -20.14 3.45 4.47
CA ALA B 14 -21.34 4.24 4.65
C ALA B 14 -21.96 3.99 6.03
N LEU B 15 -21.14 4.18 7.07
CA LEU B 15 -21.55 4.00 8.46
C LEU B 15 -22.15 2.62 8.67
N GLY A 1 -5.66 -6.86 23.83
CA GLY A 1 -4.27 -6.50 24.21
C GLY A 1 -3.80 -5.24 23.52
N ALA A 2 -2.58 -4.81 23.81
CA ALA A 2 -2.02 -3.61 23.20
C ALA A 2 -0.50 -3.59 23.36
N MET A 3 0.20 -3.40 22.25
CA MET A 3 1.65 -3.36 22.27
C MET A 3 2.13 -2.03 21.68
N GLY A 4 1.66 -0.94 22.26
CA GLY A 4 1.96 0.37 21.73
C GLY A 4 1.09 0.68 20.54
N SER A 5 1.20 -0.14 19.52
CA SER A 5 0.36 -0.06 18.35
C SER A 5 -0.71 -1.16 18.42
N ILE A 6 -1.93 -0.83 18.03
CA ILE A 6 -3.02 -1.79 18.06
C ILE A 6 -3.02 -2.65 16.80
N VAL A 7 -2.39 -2.14 15.76
CA VAL A 7 -2.32 -2.84 14.49
C VAL A 7 -0.87 -3.01 14.06
N SER A 8 -0.44 -4.25 13.97
CA SER A 8 0.90 -4.56 13.54
C SER A 8 0.86 -5.35 12.24
N LEU A 9 1.62 -4.89 11.24
CA LEU A 9 1.60 -5.56 9.94
C LEU A 9 2.61 -6.69 9.94
N LEU A 10 2.13 -7.89 9.75
CA LEU A 10 2.96 -9.09 9.80
C LEU A 10 3.79 -9.17 8.53
N GLY A 11 3.20 -8.73 7.44
CA GLY A 11 3.88 -8.73 6.18
C GLY A 11 2.90 -8.62 5.05
N ILE A 12 3.41 -8.62 3.84
CA ILE A 12 2.60 -8.53 2.65
C ILE A 12 3.03 -9.60 1.67
N LYS A 13 2.08 -10.17 0.96
CA LYS A 13 2.42 -11.12 -0.09
C LYS A 13 2.21 -10.48 -1.45
N VAL A 14 3.28 -10.29 -2.18
CA VAL A 14 3.18 -9.94 -3.59
C VAL A 14 2.72 -11.16 -4.39
N LEU A 15 1.43 -11.18 -4.73
CA LEU A 15 0.82 -12.31 -5.42
C LEU A 15 1.43 -12.57 -6.80
N ASN A 16 1.68 -11.51 -7.58
CA ASN A 16 2.14 -11.70 -8.96
C ASN A 16 3.56 -11.21 -9.17
N ASN A 17 4.40 -12.09 -9.69
CA ASN A 17 5.75 -11.77 -10.10
C ASN A 17 6.28 -12.82 -11.07
N PRO A 18 6.75 -12.42 -12.27
CA PRO A 18 6.69 -11.04 -12.76
C PRO A 18 5.37 -10.74 -13.46
N ALA A 19 4.92 -9.50 -13.37
CA ALA A 19 3.72 -9.06 -14.05
C ALA A 19 4.06 -7.89 -14.95
N LYS A 20 3.07 -7.31 -15.62
CA LYS A 20 3.33 -6.14 -16.45
C LYS A 20 3.01 -4.88 -15.68
N PHE A 21 3.46 -3.73 -16.15
CA PHE A 21 3.25 -2.49 -15.41
C PHE A 21 1.76 -2.12 -15.38
N THR A 22 1.07 -2.34 -16.50
CA THR A 22 -0.35 -2.06 -16.58
C THR A 22 -1.19 -3.22 -16.00
N ASP A 23 -0.52 -4.12 -15.28
CA ASP A 23 -1.21 -5.23 -14.63
C ASP A 23 -1.47 -4.89 -13.17
N PRO A 24 -2.71 -5.12 -12.70
CA PRO A 24 -3.13 -4.76 -11.34
C PRO A 24 -2.23 -5.36 -10.26
N TYR A 25 -1.78 -4.50 -9.35
CA TYR A 25 -0.94 -4.91 -8.25
C TYR A 25 -1.77 -5.70 -7.23
N GLU A 26 -1.30 -6.86 -6.84
CA GLU A 26 -1.99 -7.65 -5.83
C GLU A 26 -1.08 -7.90 -4.64
N PHE A 27 -1.50 -7.43 -3.49
CA PHE A 27 -0.78 -7.62 -2.24
C PHE A 27 -1.70 -8.26 -1.21
N GLU A 28 -1.22 -9.25 -0.49
CA GLU A 28 -2.04 -9.86 0.56
C GLU A 28 -1.66 -9.24 1.89
N ILE A 29 -2.61 -8.60 2.53
CA ILE A 29 -2.36 -7.96 3.81
C ILE A 29 -2.63 -8.92 4.95
N THR A 30 -1.64 -9.09 5.81
CA THR A 30 -1.80 -9.86 7.03
C THR A 30 -1.26 -9.06 8.20
N PHE A 31 -2.12 -8.72 9.14
CA PHE A 31 -1.71 -7.95 10.30
C PHE A 31 -2.37 -8.47 11.55
N GLU A 32 -1.77 -8.16 12.68
CA GLU A 32 -2.24 -8.64 13.96
C GLU A 32 -2.96 -7.53 14.70
N CYS A 33 -4.24 -7.77 14.94
CA CYS A 33 -5.07 -6.86 15.66
C CYS A 33 -5.00 -7.18 17.16
N LEU A 34 -4.36 -6.30 17.92
CA LEU A 34 -4.24 -6.51 19.36
C LEU A 34 -5.54 -6.17 20.06
N GLU A 35 -6.25 -5.20 19.51
CA GLU A 35 -7.54 -4.79 20.04
C GLU A 35 -8.45 -4.41 18.89
N SER A 36 -9.73 -4.74 19.02
CA SER A 36 -10.69 -4.52 17.95
C SER A 36 -10.75 -3.05 17.54
N LEU A 37 -10.45 -2.80 16.27
CA LEU A 37 -10.42 -1.45 15.74
C LEU A 37 -11.85 -0.97 15.47
N LYS A 38 -12.36 -0.17 16.38
CA LYS A 38 -13.67 0.45 16.21
C LYS A 38 -13.61 1.53 15.14
N HIS A 39 -12.40 2.05 14.89
CA HIS A 39 -12.17 2.95 13.76
C HIS A 39 -11.63 2.13 12.59
N ASP A 40 -11.89 2.60 11.39
CA ASP A 40 -11.58 1.84 10.19
C ASP A 40 -10.10 1.91 9.84
N LEU A 41 -9.61 0.83 9.25
CA LEU A 41 -8.26 0.78 8.71
C LEU A 41 -8.32 0.99 7.21
N GLU A 42 -7.56 1.94 6.72
CA GLU A 42 -7.56 2.23 5.30
C GLU A 42 -6.20 1.87 4.70
N TRP A 43 -6.22 0.88 3.81
CA TRP A 43 -4.99 0.37 3.20
C TRP A 43 -4.88 0.89 1.79
N LYS A 44 -3.75 1.48 1.46
CA LYS A 44 -3.60 2.15 0.17
C LYS A 44 -2.22 1.91 -0.42
N LEU A 45 -2.12 2.08 -1.72
CA LEU A 45 -0.87 1.87 -2.44
C LEU A 45 -0.47 3.15 -3.15
N THR A 46 0.78 3.57 -3.00
CA THR A 46 1.29 4.71 -3.74
C THR A 46 2.42 4.28 -4.66
N TYR A 47 2.39 4.79 -5.89
CA TYR A 47 3.44 4.53 -6.85
C TYR A 47 4.49 5.62 -6.76
N VAL A 48 5.72 5.24 -6.49
CA VAL A 48 6.79 6.19 -6.25
C VAL A 48 7.94 6.00 -7.24
N GLY A 49 8.56 7.10 -7.65
CA GLY A 49 9.63 7.05 -8.62
C GLY A 49 10.99 7.18 -7.97
N SER A 50 11.50 6.05 -7.49
CA SER A 50 12.83 5.97 -6.87
C SER A 50 12.87 6.76 -5.56
N SER A 51 12.99 8.07 -5.65
CA SER A 51 12.98 8.93 -4.47
C SER A 51 12.49 10.33 -4.82
N ARG A 52 12.85 10.84 -6.01
CA ARG A 52 12.44 12.18 -6.43
C ARG A 52 10.93 12.24 -6.65
N SER A 53 10.40 11.26 -7.37
CA SER A 53 8.98 11.14 -7.64
C SER A 53 8.36 12.45 -8.14
N LEU A 54 8.66 12.81 -9.38
CA LEU A 54 8.04 13.98 -9.99
C LEU A 54 6.68 13.62 -10.58
N ASP A 55 6.71 12.80 -11.63
CA ASP A 55 5.48 12.29 -12.25
C ASP A 55 5.21 10.89 -11.71
N HIS A 56 5.76 10.61 -10.53
CA HIS A 56 5.73 9.27 -9.98
C HIS A 56 5.23 9.26 -8.54
N ASP A 57 4.02 9.74 -8.33
CA ASP A 57 3.31 9.55 -7.07
C ASP A 57 1.81 9.50 -7.30
N GLN A 58 1.33 8.30 -7.51
CA GLN A 58 -0.07 8.07 -7.78
C GLN A 58 -0.62 7.00 -6.85
N GLU A 59 -1.62 7.36 -6.07
CA GLU A 59 -2.36 6.38 -5.29
C GLU A 59 -3.06 5.41 -6.23
N LEU A 60 -2.68 4.16 -6.18
CA LEU A 60 -3.18 3.17 -7.13
C LEU A 60 -4.58 2.73 -6.75
N ASP A 61 -4.85 2.63 -5.44
CA ASP A 61 -6.13 2.14 -4.95
C ASP A 61 -6.11 2.21 -3.44
N SER A 62 -7.20 1.86 -2.81
CA SER A 62 -7.26 1.82 -1.35
C SER A 62 -8.46 0.99 -0.90
N ILE A 63 -8.21 0.12 0.06
CA ILE A 63 -9.25 -0.73 0.61
C ILE A 63 -9.48 -0.37 2.06
N LEU A 64 -10.72 -0.49 2.48
CA LEU A 64 -11.15 -0.02 3.78
C LEU A 64 -11.73 -1.19 4.59
N VAL A 65 -11.31 -1.30 5.85
CA VAL A 65 -11.75 -2.40 6.71
C VAL A 65 -12.16 -1.88 8.08
N GLY A 66 -13.29 -2.35 8.58
CA GLY A 66 -13.70 -2.02 9.92
C GLY A 66 -15.18 -2.24 10.15
N PRO A 67 -15.61 -2.52 11.39
CA PRO A 67 -14.69 -2.71 12.52
C PRO A 67 -13.95 -4.05 12.41
N VAL A 68 -12.64 -4.01 12.57
CA VAL A 68 -11.82 -5.20 12.44
C VAL A 68 -11.53 -5.79 13.82
N PRO A 69 -11.88 -7.09 14.01
CA PRO A 69 -11.73 -7.77 15.29
C PRO A 69 -10.33 -8.32 15.54
N VAL A 70 -10.13 -8.77 16.78
CA VAL A 70 -8.82 -9.18 17.26
C VAL A 70 -8.33 -10.47 16.59
N GLY A 71 -7.03 -10.60 16.45
CA GLY A 71 -6.45 -11.73 15.75
C GLY A 71 -5.71 -11.29 14.52
N VAL A 72 -5.38 -12.21 13.61
CA VAL A 72 -4.77 -11.79 12.36
C VAL A 72 -5.86 -11.52 11.34
N ASN A 73 -5.76 -10.42 10.67
CA ASN A 73 -6.71 -10.09 9.65
C ASN A 73 -6.01 -10.15 8.32
N LYS A 74 -6.68 -10.73 7.35
CA LYS A 74 -6.04 -11.08 6.10
C LYS A 74 -7.02 -10.87 4.97
N PHE A 75 -6.52 -10.29 3.90
CA PHE A 75 -7.32 -10.04 2.71
C PHE A 75 -6.41 -9.67 1.55
N VAL A 76 -6.90 -9.84 0.34
CA VAL A 76 -6.13 -9.52 -0.84
C VAL A 76 -6.42 -8.09 -1.30
N PHE A 77 -5.36 -7.34 -1.51
CA PHE A 77 -5.45 -5.95 -1.90
C PHE A 77 -5.03 -5.79 -3.36
N SER A 78 -5.95 -5.35 -4.18
CA SER A 78 -5.70 -5.17 -5.60
C SER A 78 -5.70 -3.67 -5.94
N ALA A 79 -4.58 -3.20 -6.48
CA ALA A 79 -4.45 -1.79 -6.81
C ALA A 79 -4.28 -1.58 -8.31
N ASP A 80 -4.94 -0.54 -8.80
CA ASP A 80 -4.94 -0.20 -10.23
C ASP A 80 -3.73 0.65 -10.59
N PRO A 81 -2.92 0.17 -11.56
CA PRO A 81 -1.70 0.87 -11.99
C PRO A 81 -1.98 2.21 -12.67
N PRO A 82 -1.01 3.13 -12.65
CA PRO A 82 -1.17 4.45 -13.23
C PRO A 82 -0.91 4.45 -14.73
N SER A 83 -1.68 5.23 -15.47
CA SER A 83 -1.55 5.28 -16.91
C SER A 83 -0.20 5.85 -17.32
N ALA A 84 0.47 5.16 -18.25
CA ALA A 84 1.80 5.54 -18.70
C ALA A 84 1.81 6.92 -19.35
N GLU A 85 0.63 7.43 -19.69
CA GLU A 85 0.52 8.79 -20.22
C GLU A 85 1.09 9.81 -19.22
N LEU A 86 1.15 9.43 -17.94
CA LEU A 86 1.73 10.29 -16.91
C LEU A 86 3.24 10.14 -16.91
N ILE A 87 3.69 8.95 -17.28
CA ILE A 87 5.11 8.61 -17.24
C ILE A 87 5.60 8.12 -18.62
N PRO A 88 6.30 8.98 -19.36
CA PRO A 88 6.81 8.63 -20.69
C PRO A 88 7.71 7.39 -20.66
N ALA A 89 7.90 6.77 -21.82
CA ALA A 89 8.60 5.48 -21.92
C ALA A 89 9.91 5.46 -21.12
N SER A 90 10.68 6.54 -21.22
CA SER A 90 11.98 6.59 -20.58
C SER A 90 11.88 6.82 -19.06
N GLU A 91 10.66 7.00 -18.55
CA GLU A 91 10.48 7.28 -17.13
C GLU A 91 9.75 6.18 -16.38
N LEU A 92 8.97 5.35 -17.06
CA LEU A 92 8.34 4.23 -16.37
C LEU A 92 9.22 3.00 -16.47
N VAL A 93 10.18 3.04 -17.40
CA VAL A 93 11.18 1.98 -17.53
C VAL A 93 12.35 2.28 -16.60
N SER A 94 12.08 2.25 -15.30
CA SER A 94 13.08 2.44 -14.27
C SER A 94 12.69 1.64 -13.04
N VAL A 95 13.59 1.53 -12.07
CA VAL A 95 13.21 0.91 -10.81
C VAL A 95 12.46 1.93 -9.96
N THR A 96 11.26 1.57 -9.61
CA THR A 96 10.39 2.45 -8.88
C THR A 96 10.08 1.84 -7.52
N VAL A 97 9.31 2.55 -6.72
CA VAL A 97 9.06 2.13 -5.35
C VAL A 97 7.56 2.12 -5.07
N ILE A 98 7.11 1.06 -4.44
CA ILE A 98 5.72 0.92 -4.08
C ILE A 98 5.55 1.16 -2.59
N LEU A 99 4.57 1.94 -2.22
CA LEU A 99 4.29 2.18 -0.82
C LEU A 99 2.93 1.62 -0.43
N LEU A 100 2.93 0.64 0.44
CA LEU A 100 1.70 0.13 1.00
C LEU A 100 1.48 0.81 2.33
N SER A 101 0.42 1.59 2.42
CA SER A 101 0.23 2.45 3.57
C SER A 101 -1.09 2.14 4.25
N CYS A 102 -1.06 2.05 5.56
CA CYS A 102 -2.27 1.84 6.33
C CYS A 102 -2.56 3.05 7.19
N SER A 103 -3.78 3.52 7.12
CA SER A 103 -4.21 4.64 7.91
C SER A 103 -5.28 4.20 8.89
N TYR A 104 -5.12 4.57 10.15
CA TYR A 104 -6.13 4.32 11.15
C TYR A 104 -6.77 5.64 11.53
N ASP A 105 -8.02 5.80 11.14
CA ASP A 105 -8.76 7.04 11.38
C ASP A 105 -8.05 8.21 10.68
N GLY A 106 -7.45 7.91 9.53
CA GLY A 106 -6.80 8.95 8.74
C GLY A 106 -5.34 9.17 9.11
N ARG A 107 -4.77 8.28 9.90
CA ARG A 107 -3.38 8.42 10.33
C ARG A 107 -2.54 7.25 9.84
N GLU A 108 -1.53 7.52 9.01
CA GLU A 108 -0.65 6.48 8.49
C GLU A 108 0.34 6.04 9.56
N PHE A 109 0.29 4.77 9.90
CA PHE A 109 1.22 4.22 10.90
C PHE A 109 2.11 3.14 10.27
N VAL A 110 1.72 2.63 9.12
CA VAL A 110 2.47 1.59 8.45
C VAL A 110 2.60 1.88 6.98
N ARG A 111 3.83 2.02 6.52
CA ARG A 111 4.10 2.13 5.10
C ARG A 111 5.18 1.15 4.71
N VAL A 112 4.85 0.27 3.80
CA VAL A 112 5.74 -0.78 3.37
C VAL A 112 6.21 -0.53 1.95
N GLY A 113 7.50 -0.40 1.77
CA GLY A 113 8.04 -0.08 0.47
C GLY A 113 8.68 -1.26 -0.22
N TYR A 114 8.52 -1.30 -1.53
CA TYR A 114 9.13 -2.31 -2.37
C TYR A 114 9.68 -1.66 -3.62
N TYR A 115 10.76 -2.20 -4.15
CA TYR A 115 11.27 -1.70 -5.41
C TYR A 115 10.73 -2.56 -6.54
N VAL A 116 10.38 -1.92 -7.64
CA VAL A 116 9.86 -2.63 -8.79
C VAL A 116 10.74 -2.42 -10.00
N ASN A 117 11.14 -3.51 -10.61
CA ASN A 117 11.93 -3.48 -11.82
C ASN A 117 11.01 -3.36 -13.02
N ASN A 118 11.15 -2.27 -13.76
CA ASN A 118 10.32 -2.02 -14.92
C ASN A 118 11.17 -1.96 -16.17
N GLU A 119 10.82 -2.76 -17.16
CA GLU A 119 11.63 -2.91 -18.36
C GLU A 119 10.78 -3.46 -19.49
N TYR A 120 11.31 -3.45 -20.69
CA TYR A 120 10.60 -4.04 -21.82
C TYR A 120 11.00 -5.51 -21.98
N ASP A 121 9.99 -6.39 -21.99
CA ASP A 121 10.23 -7.81 -22.30
C ASP A 121 10.65 -7.97 -23.76
N GLU A 122 10.50 -6.89 -24.52
CA GLU A 122 11.02 -6.81 -25.87
C GLU A 122 12.39 -6.13 -25.84
N GLU A 123 13.42 -6.93 -26.08
CA GLU A 123 14.80 -6.48 -25.97
C GLU A 123 15.08 -5.24 -26.80
N GLU A 124 14.55 -5.23 -28.03
CA GLU A 124 14.77 -4.10 -28.94
C GLU A 124 14.22 -2.80 -28.36
N LEU A 125 13.14 -2.91 -27.60
CA LEU A 125 12.48 -1.74 -27.02
C LEU A 125 13.15 -1.38 -25.70
N ARG A 126 13.62 -2.39 -24.99
CA ARG A 126 14.31 -2.18 -23.73
C ARG A 126 15.62 -1.40 -23.95
N GLU A 127 16.39 -1.81 -24.95
CA GLU A 127 17.65 -1.14 -25.25
C GLU A 127 17.39 0.21 -25.91
N ASN A 128 16.40 0.24 -26.79
CA ASN A 128 16.03 1.48 -27.50
C ASN A 128 14.58 1.85 -27.20
N PRO A 129 14.34 2.58 -26.10
CA PRO A 129 12.99 2.99 -25.71
C PRO A 129 12.31 3.80 -26.81
N PRO A 130 11.14 3.35 -27.26
CA PRO A 130 10.42 4.00 -28.37
C PRO A 130 9.79 5.32 -27.98
N ALA A 131 9.28 6.04 -28.97
CA ALA A 131 8.60 7.31 -28.72
C ALA A 131 7.35 7.09 -27.89
N LYS A 132 6.60 6.06 -28.26
CA LYS A 132 5.36 5.71 -27.60
C LYS A 132 5.59 4.54 -26.64
N VAL A 133 5.10 4.68 -25.42
CA VAL A 133 5.25 3.62 -24.44
C VAL A 133 4.30 2.47 -24.72
N GLN A 134 4.86 1.28 -24.80
CA GLN A 134 4.07 0.07 -24.97
C GLN A 134 4.07 -0.70 -23.66
N VAL A 135 3.26 -0.25 -22.71
CA VAL A 135 3.29 -0.78 -21.36
C VAL A 135 2.91 -2.25 -21.34
N ASP A 136 2.19 -2.69 -22.36
CA ASP A 136 1.77 -4.08 -22.48
C ASP A 136 2.99 -4.99 -22.60
N HIS A 137 4.10 -4.42 -23.05
CA HIS A 137 5.36 -5.14 -23.12
C HIS A 137 6.36 -4.58 -22.12
N ILE A 138 5.86 -3.88 -21.11
CA ILE A 138 6.70 -3.43 -20.02
C ILE A 138 6.43 -4.30 -18.79
N VAL A 139 7.51 -4.80 -18.22
CA VAL A 139 7.45 -5.75 -17.13
C VAL A 139 7.60 -5.04 -15.81
N ARG A 140 6.69 -5.31 -14.90
CA ARG A 140 6.81 -4.80 -13.55
C ARG A 140 7.07 -5.96 -12.60
N ASN A 141 8.27 -6.00 -12.06
CA ASN A 141 8.68 -7.06 -11.16
C ASN A 141 8.90 -6.51 -9.77
N ILE A 142 8.13 -6.97 -8.80
CA ILE A 142 8.24 -6.44 -7.45
C ILE A 142 9.29 -7.19 -6.68
N LEU A 143 10.36 -6.49 -6.31
CA LEU A 143 11.42 -7.10 -5.53
C LEU A 143 10.98 -7.24 -4.07
N ALA A 144 10.13 -8.24 -3.82
CA ALA A 144 9.58 -8.49 -2.50
C ALA A 144 10.63 -9.13 -1.60
N GLU A 145 11.78 -9.44 -2.20
CA GLU A 145 12.93 -9.96 -1.46
C GLU A 145 13.38 -8.94 -0.41
N LYS A 146 13.05 -7.68 -0.64
CA LYS A 146 13.45 -6.61 0.26
C LYS A 146 12.27 -5.69 0.59
N PRO A 147 11.60 -5.93 1.72
CA PRO A 147 10.60 -5.02 2.26
C PRO A 147 11.23 -3.88 3.04
N ARG A 148 10.90 -2.68 2.66
CA ARG A 148 11.40 -1.50 3.36
C ARG A 148 10.25 -0.84 4.10
N VAL A 149 10.19 -1.07 5.40
CA VAL A 149 9.00 -0.72 6.18
C VAL A 149 9.31 0.38 7.17
N THR A 150 8.38 1.32 7.30
CA THR A 150 8.51 2.41 8.23
C THR A 150 7.21 2.57 9.00
N ARG A 151 7.30 2.68 10.31
CA ARG A 151 6.13 2.86 11.15
C ARG A 151 6.13 4.26 11.72
N PHE A 152 4.96 4.87 11.80
CA PHE A 152 4.82 6.20 12.39
C PHE A 152 3.98 6.11 13.65
N ASN A 153 4.41 6.79 14.69
CA ASN A 153 3.70 6.75 15.97
C ASN A 153 2.43 7.58 15.89
N ILE A 154 1.29 6.90 15.96
CA ILE A 154 0.01 7.58 15.98
C ILE A 154 -0.68 7.30 17.30
N VAL A 155 -1.63 8.12 17.67
CA VAL A 155 -2.38 7.89 18.87
C VAL A 155 -3.73 7.28 18.51
N TRP A 156 -3.88 6.02 18.87
CA TRP A 156 -5.03 5.20 18.50
C TRP A 156 -6.32 5.67 19.19
N ASP A 157 -7.36 4.87 19.14
CA ASP A 157 -8.64 5.22 19.78
C ASP A 157 -8.48 5.48 21.28
N ASN A 158 -7.31 5.20 21.82
CA ASN A 158 -6.98 5.52 23.20
C ASN A 158 -6.63 7.01 23.33
N GLU A 159 -6.63 7.71 22.20
CA GLU A 159 -6.32 9.13 22.16
C GLU A 159 -7.44 9.95 22.78
N ASN A 160 -7.07 10.93 23.60
CA ASN A 160 -8.02 11.88 24.14
C ASN A 160 -7.59 13.29 23.77
N GLU A 161 -8.53 14.22 23.74
CA GLU A 161 -8.23 15.59 23.34
C GLU A 161 -8.48 16.55 24.49
N GLY A 162 -7.68 17.61 24.54
CA GLY A 162 -7.82 18.59 25.61
C GLY A 162 -6.90 18.32 26.77
N ASP A 163 -7.25 17.30 27.56
CA ASP A 163 -6.44 16.92 28.72
C ASP A 163 -5.21 16.13 28.29
N LEU A 164 -4.20 16.83 27.82
CA LEU A 164 -2.93 16.22 27.48
C LEU A 164 -1.93 16.47 28.60
N TYR A 165 -2.45 16.92 29.73
CA TYR A 165 -1.64 17.28 30.88
C TYR A 165 -2.14 16.58 32.15
N PRO A 166 -1.33 15.68 32.72
CA PRO A 166 -1.64 15.02 33.99
C PRO A 166 -1.67 16.01 35.15
N PRO A 167 -2.41 15.70 36.23
CA PRO A 167 -2.52 16.59 37.41
C PRO A 167 -1.17 16.81 38.09
N GLU A 168 -0.51 17.90 37.72
CA GLU A 168 0.76 18.26 38.32
C GLU A 168 0.54 19.10 39.56
N GLN A 169 0.88 18.55 40.71
CA GLN A 169 0.68 19.24 41.97
C GLN A 169 1.89 20.14 42.27
N PRO A 170 1.68 21.47 42.30
CA PRO A 170 2.74 22.42 42.62
C PRO A 170 3.10 22.40 44.10
N GLY A 171 3.86 21.39 44.50
CA GLY A 171 4.23 21.23 45.89
C GLY A 171 5.41 22.09 46.29
N VAL A 172 5.36 23.36 45.92
CA VAL A 172 6.43 24.29 46.24
C VAL A 172 5.87 25.49 46.98
N LEU B 1 -1.67 -19.62 13.91
CA LEU B 1 -2.21 -18.29 13.58
C LEU B 1 -3.68 -18.41 13.21
N ALA B 2 -4.50 -17.49 13.72
CA ALA B 2 -5.93 -17.52 13.45
C ALA B 2 -6.33 -16.33 12.58
N ILE B 3 -7.04 -16.60 11.49
CA ILE B 3 -7.46 -15.54 10.59
C ILE B 3 -8.89 -15.12 10.84
N THR B 4 -9.12 -13.84 10.68
CA THR B 4 -10.44 -13.26 10.77
C THR B 4 -11.18 -13.40 9.44
N MET B 5 -10.44 -13.24 8.35
CA MET B 5 -11.04 -13.17 7.01
C MET B 5 -11.98 -11.98 6.91
N LEU B 6 -11.41 -10.82 6.65
CA LEU B 6 -12.18 -9.58 6.54
C LEU B 6 -12.69 -9.41 5.12
N LYS B 7 -13.59 -8.48 4.94
CA LYS B 7 -14.10 -8.15 3.62
C LYS B 7 -13.96 -6.65 3.40
N PRO B 8 -12.85 -6.23 2.80
CA PRO B 8 -12.51 -4.82 2.66
C PRO B 8 -13.29 -4.11 1.55
N ARG B 9 -13.69 -2.89 1.82
CA ARG B 9 -14.41 -2.07 0.85
C ARG B 9 -13.47 -1.06 0.23
N LYS B 10 -13.48 -0.96 -1.09
CA LYS B 10 -12.56 -0.10 -1.80
C LYS B 10 -13.02 1.36 -1.72
N LYS B 11 -12.64 2.01 -0.60
CA LYS B 11 -13.15 3.33 -0.21
C LYS B 11 -14.61 3.54 -0.62
N ALA B 12 -15.48 2.78 0.00
CA ALA B 12 -16.90 2.84 -0.31
C ALA B 12 -17.68 3.56 0.78
N LYS B 13 -17.03 4.51 1.44
CA LYS B 13 -17.70 5.30 2.47
C LYS B 13 -18.08 6.66 1.94
N ALA B 14 -17.07 7.46 1.60
CA ALA B 14 -17.27 8.82 1.08
C ALA B 14 -18.14 9.64 2.05
N LEU B 15 -17.67 9.76 3.28
CA LEU B 15 -18.39 10.47 4.31
C LEU B 15 -18.03 11.95 4.29
N GLY A 1 -6.67 -6.76 23.63
CA GLY A 1 -5.74 -5.98 24.50
C GLY A 1 -5.10 -4.83 23.77
N ALA A 2 -4.83 -3.75 24.49
CA ALA A 2 -4.21 -2.57 23.90
C ALA A 2 -2.74 -2.46 24.29
N MET A 3 -1.90 -3.25 23.65
CA MET A 3 -0.47 -3.22 23.92
C MET A 3 0.21 -2.16 23.05
N GLY A 4 -0.04 -0.89 23.38
CA GLY A 4 0.54 0.20 22.62
C GLY A 4 -0.14 0.36 21.27
N SER A 5 0.47 -0.23 20.24
CA SER A 5 -0.11 -0.21 18.92
C SER A 5 -1.15 -1.32 18.79
N ILE A 6 -2.32 -0.97 18.28
CA ILE A 6 -3.41 -1.92 18.15
C ILE A 6 -3.31 -2.69 16.84
N VAL A 7 -2.60 -2.11 15.88
CA VAL A 7 -2.44 -2.72 14.58
C VAL A 7 -0.96 -2.77 14.21
N SER A 8 -0.53 -3.90 13.68
CA SER A 8 0.85 -4.07 13.24
C SER A 8 0.87 -5.00 12.03
N LEU A 9 1.66 -4.65 11.01
CA LEU A 9 1.67 -5.41 9.78
C LEU A 9 2.70 -6.53 9.86
N LEU A 10 2.22 -7.76 9.70
CA LEU A 10 3.08 -8.93 9.78
C LEU A 10 3.93 -9.06 8.54
N GLY A 11 3.35 -8.62 7.42
CA GLY A 11 4.06 -8.64 6.17
C GLY A 11 3.09 -8.57 5.01
N ILE A 12 3.62 -8.58 3.80
CA ILE A 12 2.79 -8.57 2.61
C ILE A 12 3.25 -9.67 1.68
N LYS A 13 2.32 -10.30 1.00
CA LYS A 13 2.69 -11.26 -0.03
C LYS A 13 2.44 -10.66 -1.41
N VAL A 14 3.51 -10.41 -2.13
CA VAL A 14 3.42 -10.01 -3.53
C VAL A 14 2.95 -11.17 -4.38
N LEU A 15 1.65 -11.20 -4.69
CA LEU A 15 1.08 -12.23 -5.56
C LEU A 15 1.63 -12.10 -6.99
N ASN A 16 1.71 -10.87 -7.48
CA ASN A 16 2.08 -10.63 -8.88
C ASN A 16 3.60 -10.61 -9.08
N ASN A 17 4.13 -11.74 -9.51
CA ASN A 17 5.55 -11.85 -9.86
C ASN A 17 5.79 -13.03 -10.80
N PRO A 18 6.14 -12.79 -12.07
CA PRO A 18 6.24 -11.45 -12.65
C PRO A 18 4.89 -10.91 -13.10
N ALA A 19 4.85 -9.63 -13.43
CA ALA A 19 3.65 -9.00 -13.93
C ALA A 19 4.04 -7.79 -14.74
N LYS A 20 3.07 -7.10 -15.32
CA LYS A 20 3.35 -5.85 -16.01
C LYS A 20 2.81 -4.66 -15.27
N PHE A 21 3.29 -3.48 -15.66
CA PHE A 21 2.98 -2.25 -14.96
C PHE A 21 1.52 -1.84 -15.19
N THR A 22 0.97 -2.24 -16.32
CA THR A 22 -0.42 -1.94 -16.64
C THR A 22 -1.35 -3.01 -16.09
N ASP A 23 -0.79 -3.93 -15.31
CA ASP A 23 -1.55 -4.99 -14.65
C ASP A 23 -1.90 -4.57 -13.23
N PRO A 24 -3.11 -4.92 -12.76
CA PRO A 24 -3.58 -4.58 -11.41
C PRO A 24 -2.69 -5.18 -10.32
N TYR A 25 -2.34 -4.36 -9.35
CA TYR A 25 -1.44 -4.76 -8.28
C TYR A 25 -2.16 -5.69 -7.30
N GLU A 26 -1.52 -6.80 -6.98
CA GLU A 26 -2.07 -7.76 -6.01
C GLU A 26 -1.09 -8.01 -4.87
N PHE A 27 -1.48 -7.58 -3.68
CA PHE A 27 -0.68 -7.78 -2.46
C PHE A 27 -1.57 -8.43 -1.39
N GLU A 28 -1.05 -9.41 -0.66
CA GLU A 28 -1.84 -10.02 0.39
C GLU A 28 -1.47 -9.40 1.73
N ILE A 29 -2.43 -8.76 2.37
CA ILE A 29 -2.19 -8.10 3.63
C ILE A 29 -2.43 -9.03 4.80
N THR A 30 -1.44 -9.12 5.67
CA THR A 30 -1.58 -9.85 6.91
C THR A 30 -1.06 -9.00 8.07
N PHE A 31 -1.95 -8.62 8.95
CA PHE A 31 -1.59 -7.83 10.11
C PHE A 31 -2.29 -8.36 11.34
N GLU A 32 -1.77 -8.04 12.51
CA GLU A 32 -2.33 -8.53 13.73
C GLU A 32 -3.09 -7.42 14.43
N CYS A 33 -4.35 -7.70 14.68
CA CYS A 33 -5.22 -6.79 15.37
C CYS A 33 -5.21 -7.14 16.86
N LEU A 34 -4.51 -6.34 17.65
CA LEU A 34 -4.41 -6.60 19.08
C LEU A 34 -5.73 -6.33 19.77
N GLU A 35 -6.51 -5.43 19.18
CA GLU A 35 -7.82 -5.10 19.70
C GLU A 35 -8.70 -4.60 18.56
N SER A 36 -9.99 -4.84 18.64
CA SER A 36 -10.89 -4.49 17.56
C SER A 36 -10.99 -2.97 17.43
N LEU A 37 -10.56 -2.45 16.28
CA LEU A 37 -10.57 -1.02 16.02
C LEU A 37 -11.99 -0.47 16.08
N LYS A 38 -12.20 0.51 16.96
CA LYS A 38 -13.50 1.16 17.04
C LYS A 38 -13.70 2.13 15.89
N HIS A 39 -12.58 2.51 15.26
CA HIS A 39 -12.63 3.35 14.07
C HIS A 39 -12.30 2.51 12.84
N ASP A 40 -11.94 3.16 11.74
CA ASP A 40 -11.73 2.46 10.48
C ASP A 40 -10.26 2.44 10.09
N LEU A 41 -9.89 1.40 9.35
CA LEU A 41 -8.54 1.25 8.81
C LEU A 41 -8.56 1.51 7.31
N GLU A 42 -7.71 2.42 6.86
CA GLU A 42 -7.62 2.75 5.45
C GLU A 42 -6.32 2.22 4.87
N TRP A 43 -6.42 1.26 3.97
CA TRP A 43 -5.24 0.67 3.35
C TRP A 43 -5.17 1.09 1.89
N LYS A 44 -3.98 1.48 1.44
CA LYS A 44 -3.83 1.95 0.07
C LYS A 44 -2.45 1.60 -0.48
N LEU A 45 -2.34 1.63 -1.80
CA LEU A 45 -1.06 1.42 -2.46
C LEU A 45 -0.65 2.71 -3.14
N THR A 46 0.60 3.09 -2.95
CA THR A 46 1.12 4.29 -3.56
C THR A 46 2.28 3.96 -4.48
N TYR A 47 2.25 4.50 -5.69
CA TYR A 47 3.33 4.32 -6.63
C TYR A 47 4.26 5.51 -6.56
N VAL A 48 5.54 5.23 -6.37
CA VAL A 48 6.54 6.25 -6.27
C VAL A 48 7.53 6.12 -7.43
N GLY A 49 7.49 7.10 -8.33
CA GLY A 49 8.39 7.10 -9.46
C GLY A 49 9.83 7.30 -9.04
N SER A 50 10.56 6.19 -8.98
CA SER A 50 12.00 6.18 -8.68
C SER A 50 12.27 6.44 -7.19
N SER A 51 12.06 7.66 -6.73
CA SER A 51 12.36 8.00 -5.35
C SER A 51 11.46 9.12 -4.83
N ARG A 52 11.42 10.25 -5.52
CA ARG A 52 10.60 11.38 -5.10
C ARG A 52 9.28 11.40 -5.85
N SER A 53 9.26 10.77 -7.02
CA SER A 53 8.05 10.67 -7.84
C SER A 53 7.66 12.04 -8.41
N LEU A 54 7.77 12.17 -9.72
CA LEU A 54 7.37 13.40 -10.41
C LEU A 54 5.86 13.58 -10.35
N ASP A 55 5.16 12.49 -10.04
CA ASP A 55 3.70 12.52 -9.91
C ASP A 55 3.28 12.99 -8.54
N HIS A 56 4.27 13.23 -7.68
CA HIS A 56 4.05 13.59 -6.28
C HIS A 56 3.39 12.42 -5.55
N ASP A 57 3.83 11.21 -5.90
CA ASP A 57 3.32 9.96 -5.32
C ASP A 57 1.88 9.69 -5.77
N GLN A 58 1.69 8.53 -6.42
CA GLN A 58 0.36 8.19 -6.95
C GLN A 58 -0.35 7.23 -6.00
N GLU A 59 -1.46 7.64 -5.43
CA GLU A 59 -2.32 6.71 -4.72
C GLU A 59 -3.26 6.06 -5.74
N LEU A 60 -3.01 4.78 -6.03
CA LEU A 60 -3.74 4.10 -7.10
C LEU A 60 -5.14 3.73 -6.65
N ASP A 61 -5.25 2.91 -5.63
CA ASP A 61 -6.54 2.51 -5.09
C ASP A 61 -6.40 2.18 -3.60
N SER A 62 -7.53 2.15 -2.90
CA SER A 62 -7.51 1.93 -1.46
C SER A 62 -8.72 1.15 -1.00
N ILE A 63 -8.55 0.40 0.07
CA ILE A 63 -9.63 -0.39 0.66
C ILE A 63 -9.91 0.09 2.08
N LEU A 64 -11.12 -0.16 2.55
CA LEU A 64 -11.55 0.30 3.86
C LEU A 64 -12.00 -0.90 4.70
N VAL A 65 -11.56 -0.94 5.96
CA VAL A 65 -11.90 -2.03 6.87
C VAL A 65 -12.22 -1.51 8.27
N GLY A 66 -13.29 -2.00 8.86
CA GLY A 66 -13.58 -1.69 10.24
C GLY A 66 -15.07 -1.74 10.55
N PRO A 67 -15.45 -2.04 11.81
CA PRO A 67 -14.51 -2.43 12.86
C PRO A 67 -13.94 -3.83 12.63
N VAL A 68 -12.62 -3.96 12.65
CA VAL A 68 -11.99 -5.24 12.36
C VAL A 68 -11.77 -6.01 13.66
N PRO A 69 -12.14 -7.31 13.69
CA PRO A 69 -11.98 -8.17 14.88
C PRO A 69 -10.52 -8.48 15.22
N VAL A 70 -10.33 -8.87 16.47
CA VAL A 70 -9.01 -9.14 17.03
C VAL A 70 -8.43 -10.43 16.43
N GLY A 71 -7.11 -10.48 16.32
CA GLY A 71 -6.46 -11.63 15.71
C GLY A 71 -5.72 -11.23 14.45
N VAL A 72 -5.29 -12.19 13.63
CA VAL A 72 -4.63 -11.82 12.39
C VAL A 72 -5.68 -11.60 11.33
N ASN A 73 -5.50 -10.56 10.55
CA ASN A 73 -6.38 -10.30 9.45
C ASN A 73 -5.61 -10.53 8.19
N LYS A 74 -6.23 -11.20 7.25
CA LYS A 74 -5.54 -11.64 6.06
C LYS A 74 -6.50 -11.55 4.90
N PHE A 75 -6.05 -10.91 3.84
CA PHE A 75 -6.87 -10.72 2.66
C PHE A 75 -6.02 -10.30 1.50
N VAL A 76 -6.54 -10.47 0.30
CA VAL A 76 -5.84 -10.05 -0.89
C VAL A 76 -6.25 -8.63 -1.26
N PHE A 77 -5.27 -7.79 -1.43
CA PHE A 77 -5.48 -6.37 -1.72
C PHE A 77 -5.06 -6.07 -3.14
N SER A 78 -5.99 -5.58 -3.93
CA SER A 78 -5.70 -5.26 -5.31
C SER A 78 -5.85 -3.76 -5.54
N ALA A 79 -4.85 -3.16 -6.17
CA ALA A 79 -4.89 -1.75 -6.50
C ALA A 79 -4.86 -1.56 -8.00
N ASP A 80 -5.68 -0.63 -8.49
CA ASP A 80 -5.79 -0.33 -9.91
C ASP A 80 -4.47 0.21 -10.47
N PRO A 81 -4.07 -0.25 -11.66
CA PRO A 81 -2.82 0.16 -12.29
C PRO A 81 -2.92 1.52 -12.96
N PRO A 82 -1.91 2.38 -12.75
CA PRO A 82 -1.87 3.72 -13.35
C PRO A 82 -1.54 3.67 -14.84
N SER A 83 -1.85 4.76 -15.52
CA SER A 83 -1.55 4.89 -16.93
C SER A 83 -0.20 5.59 -17.10
N ALA A 84 0.59 5.09 -18.05
CA ALA A 84 1.93 5.61 -18.31
C ALA A 84 1.88 7.04 -18.83
N GLU A 85 0.70 7.50 -19.21
CA GLU A 85 0.53 8.88 -19.66
C GLU A 85 1.03 9.87 -18.61
N LEU A 86 1.11 9.44 -17.34
CA LEU A 86 1.64 10.27 -16.28
C LEU A 86 3.17 10.17 -16.24
N ILE A 87 3.68 9.01 -16.63
CA ILE A 87 5.11 8.73 -16.61
C ILE A 87 5.62 8.32 -17.98
N PRO A 88 6.28 9.24 -18.71
CA PRO A 88 6.79 8.97 -20.06
C PRO A 88 7.68 7.74 -20.14
N ALA A 89 7.86 7.20 -21.33
CA ALA A 89 8.57 5.93 -21.54
C ALA A 89 9.90 5.89 -20.79
N SER A 90 10.68 6.94 -20.91
CA SER A 90 11.99 6.99 -20.27
C SER A 90 11.91 7.16 -18.76
N GLU A 91 10.70 7.39 -18.25
CA GLU A 91 10.53 7.71 -16.83
C GLU A 91 9.91 6.55 -16.06
N LEU A 92 9.14 5.68 -16.72
CA LEU A 92 8.55 4.55 -16.01
C LEU A 92 9.45 3.33 -16.14
N VAL A 93 10.24 3.27 -17.21
CA VAL A 93 11.18 2.17 -17.40
C VAL A 93 12.43 2.39 -16.56
N SER A 94 12.25 2.33 -15.26
CA SER A 94 13.33 2.43 -14.30
C SER A 94 12.95 1.60 -13.08
N VAL A 95 13.83 1.49 -12.10
CA VAL A 95 13.45 0.86 -10.86
C VAL A 95 12.65 1.85 -10.02
N THR A 96 11.41 1.50 -9.80
CA THR A 96 10.49 2.37 -9.11
C THR A 96 10.18 1.82 -7.73
N VAL A 97 9.39 2.53 -6.96
CA VAL A 97 9.11 2.13 -5.59
C VAL A 97 7.62 2.11 -5.32
N ILE A 98 7.18 1.07 -4.65
CA ILE A 98 5.79 0.93 -4.27
C ILE A 98 5.67 1.05 -2.77
N LEU A 99 4.69 1.81 -2.31
CA LEU A 99 4.45 1.95 -0.89
C LEU A 99 3.08 1.42 -0.53
N LEU A 100 3.04 0.48 0.38
CA LEU A 100 1.78 -0.02 0.92
C LEU A 100 1.54 0.66 2.25
N SER A 101 0.46 1.41 2.34
CA SER A 101 0.26 2.27 3.48
C SER A 101 -0.99 1.88 4.27
N CYS A 102 -0.83 1.84 5.58
CA CYS A 102 -1.94 1.64 6.49
C CYS A 102 -2.19 2.94 7.25
N SER A 103 -3.37 3.50 7.06
CA SER A 103 -3.71 4.76 7.70
C SER A 103 -4.92 4.59 8.60
N TYR A 104 -4.77 4.98 9.85
CA TYR A 104 -5.87 4.94 10.80
C TYR A 104 -6.24 6.37 11.19
N ASP A 105 -7.44 6.78 10.82
CA ASP A 105 -7.90 8.16 11.04
C ASP A 105 -6.98 9.15 10.34
N GLY A 106 -6.47 8.77 9.18
CA GLY A 106 -5.60 9.64 8.41
C GLY A 106 -4.15 9.52 8.81
N ARG A 107 -3.89 8.78 9.88
CA ARG A 107 -2.53 8.65 10.39
C ARG A 107 -1.86 7.41 9.85
N GLU A 108 -0.82 7.61 9.07
CA GLU A 108 -0.03 6.53 8.50
C GLU A 108 0.84 5.90 9.59
N PHE A 109 0.64 4.62 9.82
CA PHE A 109 1.44 3.88 10.80
C PHE A 109 2.42 2.95 10.10
N VAL A 110 2.01 2.44 8.96
CA VAL A 110 2.78 1.44 8.24
C VAL A 110 2.87 1.79 6.77
N ARG A 111 4.09 1.98 6.29
CA ARG A 111 4.34 2.12 4.88
C ARG A 111 5.40 1.11 4.46
N VAL A 112 5.00 0.18 3.62
CA VAL A 112 5.88 -0.88 3.18
C VAL A 112 6.35 -0.61 1.77
N GLY A 113 7.63 -0.41 1.61
CA GLY A 113 8.17 -0.08 0.31
C GLY A 113 8.82 -1.26 -0.36
N TYR A 114 8.64 -1.32 -1.66
CA TYR A 114 9.26 -2.33 -2.49
C TYR A 114 9.78 -1.68 -3.75
N TYR A 115 10.87 -2.18 -4.27
CA TYR A 115 11.38 -1.68 -5.54
C TYR A 115 10.86 -2.55 -6.66
N VAL A 116 10.51 -1.92 -7.76
CA VAL A 116 9.99 -2.63 -8.90
C VAL A 116 10.80 -2.36 -10.13
N ASN A 117 11.27 -3.43 -10.74
CA ASN A 117 12.00 -3.34 -11.99
C ASN A 117 11.02 -3.19 -13.13
N ASN A 118 11.13 -2.08 -13.86
CA ASN A 118 10.32 -1.87 -15.04
C ASN A 118 11.21 -1.88 -16.27
N GLU A 119 10.88 -2.76 -17.21
CA GLU A 119 11.69 -2.97 -18.38
C GLU A 119 10.85 -3.54 -19.51
N TYR A 120 11.39 -3.53 -20.72
CA TYR A 120 10.71 -4.17 -21.84
C TYR A 120 11.17 -5.60 -21.96
N ASP A 121 10.23 -6.54 -21.92
CA ASP A 121 10.57 -7.96 -22.08
C ASP A 121 10.95 -8.26 -23.53
N GLU A 122 10.76 -7.26 -24.39
CA GLU A 122 11.26 -7.31 -25.75
C GLU A 122 12.60 -6.59 -25.81
N GLU A 123 13.66 -7.36 -26.02
CA GLU A 123 15.02 -6.85 -25.97
C GLU A 123 15.24 -5.71 -26.95
N GLU A 124 14.59 -5.79 -28.12
CA GLU A 124 14.68 -4.73 -29.12
C GLU A 124 14.19 -3.40 -28.53
N LEU A 125 13.15 -3.46 -27.71
CA LEU A 125 12.57 -2.26 -27.13
C LEU A 125 13.32 -1.87 -25.86
N ARG A 126 13.88 -2.88 -25.20
CA ARG A 126 14.69 -2.66 -24.01
C ARG A 126 15.96 -1.91 -24.37
N GLU A 127 16.58 -2.27 -25.50
CA GLU A 127 17.78 -1.60 -25.97
C GLU A 127 17.42 -0.30 -26.67
N ASN A 128 16.32 -0.32 -27.42
CA ASN A 128 15.86 0.86 -28.14
C ASN A 128 14.46 1.25 -27.68
N PRO A 129 14.35 1.93 -26.53
CA PRO A 129 13.06 2.35 -25.98
C PRO A 129 12.32 3.31 -26.91
N PRO A 130 11.09 2.98 -27.29
CA PRO A 130 10.28 3.79 -28.19
C PRO A 130 9.85 5.10 -27.54
N ALA A 131 9.48 6.07 -28.37
CA ALA A 131 9.01 7.36 -27.87
C ALA A 131 7.67 7.19 -27.18
N LYS A 132 6.84 6.33 -27.73
CA LYS A 132 5.55 6.02 -27.15
C LYS A 132 5.70 4.87 -26.18
N VAL A 133 5.23 5.04 -24.96
CA VAL A 133 5.33 3.97 -23.99
C VAL A 133 4.33 2.87 -24.30
N GLN A 134 4.85 1.67 -24.42
CA GLN A 134 4.01 0.51 -24.62
C GLN A 134 4.07 -0.34 -23.37
N VAL A 135 3.35 0.09 -22.34
CA VAL A 135 3.44 -0.54 -21.02
C VAL A 135 3.01 -2.00 -21.09
N ASP A 136 2.26 -2.32 -22.15
CA ASP A 136 1.80 -3.68 -22.40
C ASP A 136 2.99 -4.64 -22.58
N HIS A 137 4.16 -4.07 -22.87
CA HIS A 137 5.38 -4.86 -22.99
C HIS A 137 6.40 -4.40 -21.95
N ILE A 138 5.93 -3.68 -20.95
CA ILE A 138 6.77 -3.22 -19.86
C ILE A 138 6.49 -4.07 -18.64
N VAL A 139 7.51 -4.75 -18.16
CA VAL A 139 7.34 -5.75 -17.12
C VAL A 139 7.63 -5.13 -15.78
N ARG A 140 6.76 -5.39 -14.83
CA ARG A 140 6.93 -4.92 -13.47
C ARG A 140 7.32 -6.10 -12.58
N ASN A 141 8.55 -6.09 -12.12
CA ASN A 141 9.05 -7.14 -11.24
C ASN A 141 9.23 -6.58 -9.84
N ILE A 142 8.41 -7.04 -8.92
CA ILE A 142 8.46 -6.53 -7.56
C ILE A 142 9.53 -7.26 -6.76
N LEU A 143 10.54 -6.53 -6.34
CA LEU A 143 11.59 -7.11 -5.52
C LEU A 143 11.13 -7.19 -4.08
N ALA A 144 10.29 -8.19 -3.80
CA ALA A 144 9.75 -8.40 -2.45
C ALA A 144 10.82 -8.95 -1.53
N GLU A 145 11.97 -9.23 -2.11
CA GLU A 145 13.14 -9.67 -1.38
C GLU A 145 13.57 -8.64 -0.34
N LYS A 146 13.27 -7.38 -0.62
CA LYS A 146 13.66 -6.29 0.26
C LYS A 146 12.48 -5.38 0.58
N PRO A 147 11.83 -5.60 1.72
CA PRO A 147 10.79 -4.70 2.24
C PRO A 147 11.39 -3.51 2.97
N ARG A 148 11.02 -2.32 2.56
CA ARG A 148 11.48 -1.12 3.21
C ARG A 148 10.32 -0.50 3.98
N VAL A 149 10.29 -0.71 5.28
CA VAL A 149 9.11 -0.40 6.06
C VAL A 149 9.41 0.65 7.11
N THR A 150 8.48 1.57 7.29
CA THR A 150 8.62 2.63 8.26
C THR A 150 7.37 2.69 9.12
N ARG A 151 7.56 2.65 10.43
CA ARG A 151 6.44 2.72 11.36
C ARG A 151 6.43 4.06 12.07
N PHE A 152 5.26 4.68 12.15
CA PHE A 152 5.10 5.95 12.83
C PHE A 152 4.21 5.76 14.04
N ASN A 153 4.64 6.22 15.20
CA ASN A 153 3.88 6.03 16.42
C ASN A 153 2.62 6.89 16.40
N ILE A 154 1.48 6.24 16.19
CA ILE A 154 0.21 6.93 16.19
C ILE A 154 -0.65 6.41 17.33
N VAL A 155 -1.76 7.07 17.59
CA VAL A 155 -2.65 6.66 18.65
C VAL A 155 -3.88 5.97 18.07
N TRP A 156 -4.07 4.72 18.44
CA TRP A 156 -5.17 3.94 17.90
C TRP A 156 -6.38 4.02 18.82
N ASP A 157 -7.55 4.07 18.20
CA ASP A 157 -8.85 4.03 18.87
C ASP A 157 -9.11 5.26 19.75
N ASN A 158 -8.10 5.72 20.46
CA ASN A 158 -8.27 6.78 21.44
C ASN A 158 -7.42 8.00 21.09
N GLU A 159 -7.36 8.33 19.79
CA GLU A 159 -6.73 9.58 19.38
C GLU A 159 -7.51 10.74 19.97
N ASN A 160 -6.85 11.51 20.84
CA ASN A 160 -7.52 12.53 21.64
C ASN A 160 -8.43 11.87 22.67
N GLU A 161 -8.23 12.20 23.93
CA GLU A 161 -8.93 11.53 25.00
C GLU A 161 -10.34 12.09 25.18
N GLY A 162 -11.19 11.82 24.20
CA GLY A 162 -12.57 12.23 24.29
C GLY A 162 -13.39 11.24 25.07
N ASP A 163 -13.22 9.96 24.76
CA ASP A 163 -13.92 8.90 25.48
C ASP A 163 -13.09 8.45 26.67
N LEU A 164 -13.67 8.56 27.86
CA LEU A 164 -12.96 8.19 29.07
C LEU A 164 -13.68 7.02 29.75
N TYR A 165 -14.23 6.13 28.93
CA TYR A 165 -14.97 5.00 29.44
C TYR A 165 -14.30 3.69 29.04
N PRO A 166 -13.56 3.07 29.97
CA PRO A 166 -12.93 1.77 29.75
C PRO A 166 -13.96 0.74 29.28
N PRO A 167 -13.61 -0.07 28.27
CA PRO A 167 -14.51 -1.07 27.71
C PRO A 167 -15.02 -2.04 28.77
N GLU A 168 -16.33 -2.04 28.99
CA GLU A 168 -16.93 -2.92 29.98
C GLU A 168 -16.87 -4.36 29.51
N GLN A 169 -15.86 -5.08 29.98
CA GLN A 169 -15.68 -6.47 29.60
C GLN A 169 -16.15 -7.39 30.72
N PRO A 170 -17.06 -8.32 30.41
CA PRO A 170 -17.56 -9.30 31.37
C PRO A 170 -16.51 -10.38 31.65
N GLY A 171 -15.51 -10.01 32.44
CA GLY A 171 -14.44 -10.93 32.76
C GLY A 171 -14.89 -12.02 33.70
N VAL A 172 -15.83 -11.69 34.58
CA VAL A 172 -16.39 -12.64 35.54
C VAL A 172 -15.31 -13.18 36.47
N LEU B 1 -3.76 -21.50 11.64
CA LEU B 1 -3.91 -20.34 12.54
C LEU B 1 -5.35 -19.89 12.60
N ALA B 2 -5.57 -18.81 13.31
CA ALA B 2 -6.90 -18.23 13.46
C ALA B 2 -6.99 -16.92 12.71
N ILE B 3 -7.60 -16.97 11.55
CA ILE B 3 -7.66 -15.81 10.68
C ILE B 3 -9.05 -15.22 10.66
N THR B 4 -9.09 -13.92 10.48
CA THR B 4 -10.34 -13.19 10.42
C THR B 4 -10.98 -13.29 9.03
N MET B 5 -10.18 -13.06 8.00
CA MET B 5 -10.69 -12.89 6.65
C MET B 5 -11.75 -11.80 6.63
N LEU B 6 -11.27 -10.57 6.74
CA LEU B 6 -12.12 -9.39 6.82
C LEU B 6 -12.93 -9.24 5.53
N LYS B 7 -12.32 -9.57 4.40
CA LYS B 7 -12.92 -9.33 3.10
C LYS B 7 -13.17 -7.83 2.94
N PRO B 8 -12.08 -7.07 2.76
CA PRO B 8 -12.11 -5.61 2.83
C PRO B 8 -12.94 -4.99 1.72
N ARG B 9 -13.67 -3.95 2.06
CA ARG B 9 -14.48 -3.23 1.09
C ARG B 9 -13.66 -2.07 0.53
N LYS B 10 -14.21 -1.41 -0.46
CA LYS B 10 -13.58 -0.24 -1.03
C LYS B 10 -14.11 1.00 -0.31
N LYS B 11 -13.40 2.12 -0.41
CA LYS B 11 -13.86 3.34 0.24
C LYS B 11 -14.91 4.04 -0.61
N ALA B 12 -15.85 3.25 -1.10
CA ALA B 12 -16.96 3.75 -1.88
C ALA B 12 -18.26 3.42 -1.15
N LYS B 13 -18.23 3.59 0.15
CA LYS B 13 -19.36 3.25 1.00
C LYS B 13 -20.29 4.42 1.20
N ALA B 14 -21.54 4.26 0.73
CA ALA B 14 -22.56 5.28 0.86
C ALA B 14 -22.15 6.60 0.19
N LEU B 15 -21.73 6.49 -1.07
CA LEU B 15 -21.30 7.64 -1.87
C LEU B 15 -20.08 8.32 -1.24
N GLY A 1 -6.94 -4.10 25.39
CA GLY A 1 -5.95 -3.57 26.36
C GLY A 1 -5.04 -2.53 25.73
N ALA A 2 -4.80 -2.67 24.42
CA ALA A 2 -4.05 -1.68 23.63
C ALA A 2 -2.56 -1.74 23.93
N MET A 3 -1.88 -2.63 23.23
CA MET A 3 -0.45 -2.80 23.38
C MET A 3 0.30 -1.84 22.46
N GLY A 4 0.20 -0.55 22.76
CA GLY A 4 0.79 0.45 21.91
C GLY A 4 0.06 0.56 20.59
N SER A 5 0.72 0.14 19.53
CA SER A 5 0.13 0.13 18.21
C SER A 5 -0.93 -0.97 18.11
N ILE A 6 -2.18 -0.57 17.92
CA ILE A 6 -3.29 -1.51 17.85
C ILE A 6 -3.20 -2.41 16.63
N VAL A 7 -2.53 -1.93 15.60
CA VAL A 7 -2.41 -2.66 14.35
C VAL A 7 -0.94 -2.74 13.93
N SER A 8 -0.43 -3.95 13.88
CA SER A 8 0.93 -4.17 13.42
C SER A 8 0.90 -5.07 12.19
N LEU A 9 1.67 -4.71 11.17
CA LEU A 9 1.65 -5.46 9.92
C LEU A 9 2.65 -6.59 10.00
N LEU A 10 2.14 -7.80 9.86
CA LEU A 10 2.95 -9.01 9.96
C LEU A 10 3.78 -9.16 8.70
N GLY A 11 3.21 -8.73 7.59
CA GLY A 11 3.90 -8.75 6.34
C GLY A 11 2.94 -8.63 5.19
N ILE A 12 3.48 -8.59 3.99
CA ILE A 12 2.67 -8.54 2.79
C ILE A 12 3.13 -9.63 1.86
N LYS A 13 2.22 -10.22 1.13
CA LYS A 13 2.61 -11.16 0.09
C LYS A 13 2.31 -10.58 -1.28
N VAL A 14 3.35 -10.30 -2.04
CA VAL A 14 3.20 -9.97 -3.44
C VAL A 14 2.74 -11.21 -4.21
N LEU A 15 1.45 -11.27 -4.50
CA LEU A 15 0.88 -12.39 -5.25
C LEU A 15 1.44 -12.48 -6.66
N ASN A 16 1.75 -11.33 -7.25
CA ASN A 16 2.10 -11.30 -8.67
C ASN A 16 3.44 -10.62 -8.94
N ASN A 17 4.41 -11.42 -9.36
CA ASN A 17 5.66 -10.92 -9.90
C ASN A 17 6.43 -12.06 -10.56
N PRO A 18 6.95 -11.84 -11.79
CA PRO A 18 6.77 -10.58 -12.52
C PRO A 18 5.37 -10.44 -13.10
N ALA A 19 4.97 -9.22 -13.36
CA ALA A 19 3.66 -8.93 -13.93
C ALA A 19 3.77 -7.80 -14.92
N LYS A 20 2.66 -7.51 -15.59
CA LYS A 20 2.64 -6.41 -16.56
C LYS A 20 2.34 -5.11 -15.84
N PHE A 21 3.03 -4.05 -16.25
CA PHE A 21 2.93 -2.75 -15.60
C PHE A 21 1.51 -2.19 -15.68
N THR A 22 0.82 -2.48 -16.79
CA THR A 22 -0.55 -2.02 -16.98
C THR A 22 -1.56 -3.04 -16.45
N ASP A 23 -1.09 -3.98 -15.65
CA ASP A 23 -1.93 -5.00 -15.06
C ASP A 23 -2.03 -4.78 -13.54
N PRO A 24 -3.25 -4.85 -12.99
CA PRO A 24 -3.51 -4.56 -11.56
C PRO A 24 -2.65 -5.39 -10.61
N TYR A 25 -2.22 -4.74 -9.54
CA TYR A 25 -1.29 -5.32 -8.58
C TYR A 25 -2.04 -5.94 -7.42
N GLU A 26 -1.53 -7.05 -6.89
CA GLU A 26 -2.18 -7.76 -5.81
C GLU A 26 -1.20 -8.05 -4.68
N PHE A 27 -1.55 -7.57 -3.49
CA PHE A 27 -0.74 -7.78 -2.29
C PHE A 27 -1.60 -8.36 -1.19
N GLU A 28 -1.11 -9.35 -0.46
CA GLU A 28 -1.91 -9.96 0.60
C GLU A 28 -1.52 -9.34 1.93
N ILE A 29 -2.49 -8.67 2.56
CA ILE A 29 -2.25 -8.02 3.83
C ILE A 29 -2.51 -8.96 4.99
N THR A 30 -1.54 -9.07 5.88
CA THR A 30 -1.70 -9.81 7.11
C THR A 30 -1.20 -8.98 8.28
N PHE A 31 -2.10 -8.64 9.19
CA PHE A 31 -1.73 -7.86 10.36
C PHE A 31 -2.42 -8.40 11.59
N GLU A 32 -1.88 -8.06 12.75
CA GLU A 32 -2.44 -8.50 14.00
C GLU A 32 -3.16 -7.36 14.68
N CYS A 33 -4.44 -7.58 14.91
CA CYS A 33 -5.28 -6.63 15.60
C CYS A 33 -5.23 -6.92 17.09
N LEU A 34 -4.65 -6.00 17.86
CA LEU A 34 -4.55 -6.19 19.31
C LEU A 34 -5.88 -5.89 19.98
N GLU A 35 -6.59 -4.90 19.45
CA GLU A 35 -7.90 -4.54 19.95
C GLU A 35 -8.76 -4.12 18.77
N SER A 36 -10.04 -4.50 18.79
CA SER A 36 -10.92 -4.27 17.66
C SER A 36 -10.96 -2.78 17.29
N LEU A 37 -10.62 -2.48 16.05
CA LEU A 37 -10.55 -1.10 15.59
C LEU A 37 -11.92 -0.46 15.55
N LYS A 38 -12.09 0.51 16.43
CA LYS A 38 -13.33 1.28 16.51
C LYS A 38 -13.39 2.25 15.34
N HIS A 39 -12.23 2.73 14.93
CA HIS A 39 -12.12 3.59 13.75
C HIS A 39 -11.60 2.76 12.58
N ASP A 40 -11.98 3.15 11.38
CA ASP A 40 -11.74 2.35 10.18
C ASP A 40 -10.26 2.34 9.78
N LEU A 41 -9.83 1.19 9.27
CA LEU A 41 -8.49 1.03 8.71
C LEU A 41 -8.57 1.15 7.20
N GLU A 42 -7.63 1.86 6.60
CA GLU A 42 -7.63 2.01 5.16
C GLU A 42 -6.26 1.60 4.60
N TRP A 43 -6.28 0.65 3.68
CA TRP A 43 -5.05 0.14 3.07
C TRP A 43 -5.00 0.57 1.62
N LYS A 44 -3.87 1.10 1.19
CA LYS A 44 -3.77 1.63 -0.15
C LYS A 44 -2.37 1.46 -0.72
N LEU A 45 -2.26 1.64 -2.03
CA LEU A 45 -1.00 1.50 -2.72
C LEU A 45 -0.62 2.83 -3.37
N THR A 46 0.59 3.29 -3.11
CA THR A 46 1.09 4.48 -3.76
C THR A 46 2.19 4.09 -4.74
N TYR A 47 2.09 4.60 -5.96
CA TYR A 47 3.12 4.41 -6.95
C TYR A 47 4.18 5.48 -6.81
N VAL A 48 5.39 5.08 -6.46
CA VAL A 48 6.48 6.02 -6.27
C VAL A 48 7.59 5.75 -7.28
N GLY A 49 8.24 6.81 -7.73
CA GLY A 49 9.31 6.67 -8.69
C GLY A 49 10.64 7.12 -8.11
N SER A 50 11.54 6.14 -7.94
CA SER A 50 12.86 6.37 -7.40
C SER A 50 12.80 6.91 -5.97
N SER A 51 12.74 8.23 -5.82
CA SER A 51 12.64 8.84 -4.51
C SER A 51 12.13 10.27 -4.59
N ARG A 52 12.46 10.97 -5.69
CA ARG A 52 12.03 12.36 -5.86
C ARG A 52 10.51 12.49 -5.81
N SER A 53 9.82 11.56 -6.47
CA SER A 53 8.35 11.47 -6.48
C SER A 53 7.67 12.83 -6.70
N LEU A 54 7.62 13.26 -7.96
CA LEU A 54 6.86 14.45 -8.33
C LEU A 54 5.71 14.06 -9.25
N ASP A 55 6.05 13.35 -10.32
CA ASP A 55 5.06 12.76 -11.22
C ASP A 55 4.92 11.28 -10.88
N HIS A 56 5.47 10.92 -9.74
CA HIS A 56 5.55 9.52 -9.34
C HIS A 56 5.15 9.34 -7.88
N ASP A 57 3.96 9.80 -7.55
CA ASP A 57 3.33 9.50 -6.27
C ASP A 57 1.83 9.48 -6.46
N GLN A 58 1.31 8.29 -6.71
CA GLN A 58 -0.06 8.13 -7.12
C GLN A 58 -0.77 7.11 -6.23
N GLU A 59 -1.85 7.52 -5.60
CA GLU A 59 -2.74 6.59 -4.91
C GLU A 59 -3.66 5.96 -5.95
N LEU A 60 -3.46 4.68 -6.22
CA LEU A 60 -4.23 4.01 -7.26
C LEU A 60 -5.59 3.59 -6.73
N ASP A 61 -5.61 2.74 -5.72
CA ASP A 61 -6.86 2.29 -5.13
C ASP A 61 -6.68 2.05 -3.64
N SER A 62 -7.78 2.09 -2.89
CA SER A 62 -7.73 1.86 -1.45
C SER A 62 -8.79 0.84 -1.05
N ILE A 63 -8.46 0.01 -0.08
CA ILE A 63 -9.42 -0.92 0.49
C ILE A 63 -9.67 -0.56 1.94
N LEU A 64 -10.91 -0.70 2.35
CA LEU A 64 -11.35 -0.15 3.62
C LEU A 64 -11.89 -1.27 4.52
N VAL A 65 -11.40 -1.29 5.76
CA VAL A 65 -11.76 -2.36 6.70
C VAL A 65 -12.12 -1.81 8.08
N GLY A 66 -13.18 -2.34 8.66
CA GLY A 66 -13.53 -1.99 10.02
C GLY A 66 -15.02 -2.11 10.29
N PRO A 67 -15.42 -2.37 11.55
CA PRO A 67 -14.49 -2.66 12.65
C PRO A 67 -13.92 -4.07 12.53
N VAL A 68 -12.60 -4.19 12.56
CA VAL A 68 -11.96 -5.48 12.38
C VAL A 68 -11.75 -6.17 13.74
N PRO A 69 -11.99 -7.50 13.81
CA PRO A 69 -11.84 -8.26 15.05
C PRO A 69 -10.39 -8.58 15.40
N VAL A 70 -10.19 -8.90 16.67
CA VAL A 70 -8.89 -9.17 17.22
C VAL A 70 -8.31 -10.48 16.69
N GLY A 71 -7.01 -10.48 16.44
CA GLY A 71 -6.35 -11.63 15.84
C GLY A 71 -5.65 -11.24 14.57
N VAL A 72 -5.37 -12.20 13.69
CA VAL A 72 -4.77 -11.86 12.42
C VAL A 72 -5.88 -11.56 11.42
N ASN A 73 -5.73 -10.46 10.73
CA ASN A 73 -6.65 -10.14 9.67
C ASN A 73 -5.90 -10.22 8.36
N LYS A 74 -6.52 -10.82 7.37
CA LYS A 74 -5.83 -11.15 6.16
C LYS A 74 -6.78 -10.99 4.98
N PHE A 75 -6.29 -10.40 3.92
CA PHE A 75 -7.08 -10.20 2.71
C PHE A 75 -6.17 -9.84 1.55
N VAL A 76 -6.67 -10.05 0.34
CA VAL A 76 -5.91 -9.71 -0.84
C VAL A 76 -6.27 -8.30 -1.30
N PHE A 77 -5.24 -7.51 -1.52
CA PHE A 77 -5.40 -6.11 -1.89
C PHE A 77 -5.04 -5.93 -3.36
N SER A 78 -6.03 -5.59 -4.16
CA SER A 78 -5.82 -5.39 -5.59
C SER A 78 -5.91 -3.91 -5.94
N ALA A 79 -4.83 -3.38 -6.47
CA ALA A 79 -4.76 -1.97 -6.83
C ALA A 79 -4.55 -1.80 -8.33
N ASP A 80 -5.26 -0.84 -8.90
CA ASP A 80 -5.20 -0.54 -10.32
C ASP A 80 -3.82 -0.01 -10.70
N PRO A 81 -3.39 -0.23 -11.95
CA PRO A 81 -2.09 0.23 -12.42
C PRO A 81 -2.11 1.70 -12.86
N PRO A 82 -1.04 2.46 -12.51
CA PRO A 82 -0.87 3.84 -12.94
C PRO A 82 -0.81 3.96 -14.46
N SER A 83 -1.65 4.81 -15.01
CA SER A 83 -1.68 5.06 -16.44
C SER A 83 -0.35 5.66 -16.89
N ALA A 84 0.30 5.02 -17.85
CA ALA A 84 1.61 5.46 -18.32
C ALA A 84 1.54 6.82 -19.00
N GLU A 85 0.34 7.25 -19.34
CA GLU A 85 0.14 8.58 -19.91
C GLU A 85 0.67 9.66 -18.95
N LEU A 86 0.69 9.36 -17.65
CA LEU A 86 1.21 10.31 -16.67
C LEU A 86 2.74 10.23 -16.65
N ILE A 87 3.26 9.06 -16.98
CA ILE A 87 4.69 8.78 -16.89
C ILE A 87 5.26 8.34 -18.23
N PRO A 88 5.97 9.25 -18.94
CA PRO A 88 6.64 8.94 -20.22
C PRO A 88 7.52 7.70 -20.16
N ALA A 89 7.84 7.12 -21.32
CA ALA A 89 8.55 5.85 -21.39
C ALA A 89 9.78 5.81 -20.48
N SER A 90 10.59 6.86 -20.55
CA SER A 90 11.83 6.92 -19.77
C SER A 90 11.55 7.06 -18.27
N GLU A 91 10.29 7.32 -17.91
CA GLU A 91 9.93 7.56 -16.53
C GLU A 91 9.39 6.31 -15.84
N LEU A 92 8.82 5.38 -16.60
CA LEU A 92 8.28 4.18 -15.98
C LEU A 92 9.20 2.99 -16.23
N VAL A 93 10.04 3.06 -17.26
CA VAL A 93 11.01 2.01 -17.53
C VAL A 93 12.25 2.19 -16.65
N SER A 94 12.02 2.15 -15.36
CA SER A 94 13.07 2.22 -14.37
C SER A 94 12.66 1.41 -13.17
N VAL A 95 13.51 1.33 -12.16
CA VAL A 95 13.11 0.72 -10.91
C VAL A 95 12.30 1.72 -10.11
N THR A 96 11.12 1.30 -9.69
CA THR A 96 10.25 2.21 -8.98
C THR A 96 10.03 1.71 -7.57
N VAL A 97 9.29 2.47 -6.79
CA VAL A 97 9.06 2.15 -5.41
C VAL A 97 7.58 2.09 -5.13
N ILE A 98 7.14 1.00 -4.54
CA ILE A 98 5.74 0.83 -4.22
C ILE A 98 5.54 1.03 -2.74
N LEU A 99 4.53 1.79 -2.36
CA LEU A 99 4.25 2.00 -0.96
C LEU A 99 2.88 1.47 -0.59
N LEU A 100 2.86 0.52 0.33
CA LEU A 100 1.61 0.03 0.89
C LEU A 100 1.41 0.69 2.23
N SER A 101 0.36 1.47 2.36
CA SER A 101 0.17 2.27 3.55
C SER A 101 -1.18 2.00 4.19
N CYS A 102 -1.18 1.93 5.51
CA CYS A 102 -2.40 1.76 6.26
C CYS A 102 -2.63 2.97 7.15
N SER A 103 -3.86 3.46 7.14
CA SER A 103 -4.22 4.56 7.98
C SER A 103 -5.35 4.16 8.93
N TYR A 104 -5.22 4.59 10.18
CA TYR A 104 -6.28 4.42 11.14
C TYR A 104 -6.85 5.80 11.47
N ASP A 105 -8.11 6.00 11.13
CA ASP A 105 -8.78 7.29 11.34
C ASP A 105 -8.07 8.38 10.54
N GLY A 106 -7.48 7.98 9.41
CA GLY A 106 -6.82 8.93 8.54
C GLY A 106 -5.36 9.17 8.89
N ARG A 107 -4.78 8.33 9.74
CA ARG A 107 -3.39 8.49 10.13
C ARG A 107 -2.56 7.27 9.75
N GLU A 108 -1.52 7.50 8.96
CA GLU A 108 -0.65 6.44 8.46
C GLU A 108 0.35 6.01 9.52
N PHE A 109 0.30 4.73 9.89
CA PHE A 109 1.25 4.18 10.86
C PHE A 109 2.16 3.14 10.22
N VAL A 110 1.73 2.60 9.08
CA VAL A 110 2.47 1.56 8.40
C VAL A 110 2.57 1.88 6.93
N ARG A 111 3.80 2.01 6.45
CA ARG A 111 4.04 2.13 5.03
C ARG A 111 5.13 1.14 4.62
N VAL A 112 4.80 0.28 3.68
CA VAL A 112 5.70 -0.76 3.24
C VAL A 112 6.14 -0.50 1.81
N GLY A 113 7.42 -0.28 1.63
CA GLY A 113 7.95 0.06 0.33
C GLY A 113 8.66 -1.09 -0.32
N TYR A 114 8.64 -1.12 -1.65
CA TYR A 114 9.34 -2.11 -2.42
C TYR A 114 10.00 -1.48 -3.62
N TYR A 115 11.21 -1.92 -3.93
CA TYR A 115 11.88 -1.48 -5.15
C TYR A 115 11.59 -2.49 -6.23
N VAL A 116 11.08 -2.01 -7.34
CA VAL A 116 10.54 -2.90 -8.35
C VAL A 116 11.09 -2.60 -9.73
N ASN A 117 11.33 -3.66 -10.48
CA ASN A 117 11.93 -3.57 -11.79
C ASN A 117 10.87 -3.38 -12.86
N ASN A 118 10.91 -2.23 -13.53
CA ASN A 118 10.05 -2.00 -14.68
C ASN A 118 10.92 -1.90 -15.92
N GLU A 119 10.64 -2.72 -16.91
CA GLU A 119 11.51 -2.81 -18.08
C GLU A 119 10.76 -3.36 -19.27
N TYR A 120 11.35 -3.21 -20.45
CA TYR A 120 10.84 -3.87 -21.63
C TYR A 120 11.40 -5.28 -21.67
N ASP A 121 10.52 -6.28 -21.68
CA ASP A 121 10.98 -7.67 -21.72
C ASP A 121 11.38 -8.06 -23.14
N GLU A 122 11.10 -7.18 -24.10
CA GLU A 122 11.51 -7.40 -25.48
C GLU A 122 12.82 -6.66 -25.75
N GLU A 123 13.85 -7.43 -26.08
CA GLU A 123 15.20 -6.90 -26.29
C GLU A 123 15.23 -5.84 -27.39
N GLU A 124 14.36 -6.00 -28.39
CA GLU A 124 14.30 -5.04 -29.49
C GLU A 124 14.00 -3.64 -28.98
N LEU A 125 13.11 -3.55 -27.99
CA LEU A 125 12.73 -2.27 -27.40
C LEU A 125 13.74 -1.85 -26.34
N ARG A 126 14.48 -2.82 -25.82
CA ARG A 126 15.54 -2.53 -24.86
C ARG A 126 16.72 -1.87 -25.57
N GLU A 127 17.02 -2.35 -26.77
CA GLU A 127 18.12 -1.80 -27.56
C GLU A 127 17.66 -0.57 -28.33
N ASN A 128 16.38 -0.53 -28.68
CA ASN A 128 15.80 0.62 -29.37
C ASN A 128 14.65 1.18 -28.55
N PRO A 129 14.95 1.92 -27.46
CA PRO A 129 13.93 2.44 -26.57
C PRO A 129 13.14 3.59 -27.18
N PRO A 130 11.82 3.45 -27.24
CA PRO A 130 10.93 4.48 -27.78
C PRO A 130 10.71 5.61 -26.78
N ALA A 131 10.33 6.77 -27.29
CA ALA A 131 10.01 7.91 -26.45
C ALA A 131 8.57 7.81 -25.95
N LYS A 132 7.73 7.20 -26.78
CA LYS A 132 6.36 6.92 -26.39
C LYS A 132 6.30 5.55 -25.72
N VAL A 133 5.57 5.47 -24.61
CA VAL A 133 5.56 4.26 -23.81
C VAL A 133 4.67 3.18 -24.42
N GLN A 134 5.23 1.99 -24.51
CA GLN A 134 4.50 0.81 -24.90
C GLN A 134 4.41 -0.13 -23.70
N VAL A 135 3.52 0.20 -22.77
CA VAL A 135 3.48 -0.50 -21.48
C VAL A 135 3.13 -1.97 -21.65
N ASP A 136 2.53 -2.31 -22.79
CA ASP A 136 2.17 -3.70 -23.09
C ASP A 136 3.41 -4.56 -23.10
N HIS A 137 4.56 -3.94 -23.36
CA HIS A 137 5.82 -4.66 -23.40
C HIS A 137 6.64 -4.36 -22.14
N ILE A 138 6.09 -3.54 -21.26
CA ILE A 138 6.76 -3.20 -20.02
C ILE A 138 6.33 -4.13 -18.91
N VAL A 139 7.32 -4.70 -18.24
CA VAL A 139 7.11 -5.65 -17.16
C VAL A 139 7.45 -5.01 -15.82
N ARG A 140 6.63 -5.29 -14.81
CA ARG A 140 6.97 -4.91 -13.45
C ARG A 140 7.27 -6.15 -12.64
N ASN A 141 8.51 -6.30 -12.26
CA ASN A 141 8.91 -7.39 -11.39
C ASN A 141 9.07 -6.86 -9.98
N ILE A 142 8.19 -7.28 -9.08
CA ILE A 142 8.25 -6.80 -7.72
C ILE A 142 9.27 -7.57 -6.92
N LEU A 143 10.29 -6.89 -6.46
CA LEU A 143 11.30 -7.51 -5.62
C LEU A 143 10.81 -7.54 -4.18
N ALA A 144 9.98 -8.54 -3.88
CA ALA A 144 9.41 -8.71 -2.56
C ALA A 144 10.49 -9.16 -1.57
N GLU A 145 11.66 -9.44 -2.11
CA GLU A 145 12.83 -9.78 -1.34
C GLU A 145 13.20 -8.67 -0.35
N LYS A 146 12.86 -7.43 -0.68
CA LYS A 146 13.24 -6.30 0.16
C LYS A 146 12.05 -5.38 0.45
N PRO A 147 11.41 -5.56 1.60
CA PRO A 147 10.42 -4.62 2.13
C PRO A 147 11.09 -3.46 2.88
N ARG A 148 10.76 -2.24 2.48
CA ARG A 148 11.23 -1.06 3.19
C ARG A 148 10.08 -0.49 4.00
N VAL A 149 10.07 -0.76 5.29
CA VAL A 149 8.91 -0.45 6.10
C VAL A 149 9.21 0.64 7.10
N THR A 150 8.30 1.57 7.21
CA THR A 150 8.44 2.68 8.12
C THR A 150 7.19 2.80 8.98
N ARG A 151 7.38 2.84 10.29
CA ARG A 151 6.26 2.97 11.22
C ARG A 151 6.30 4.36 11.84
N PHE A 152 5.15 5.02 11.87
CA PHE A 152 5.07 6.36 12.42
C PHE A 152 4.40 6.33 13.78
N ASN A 153 4.86 7.19 14.69
CA ASN A 153 4.24 7.31 15.99
C ASN A 153 2.94 8.10 15.87
N ILE A 154 1.83 7.38 15.84
CA ILE A 154 0.52 8.01 15.79
C ILE A 154 -0.24 7.68 17.05
N VAL A 155 -1.30 8.41 17.30
CA VAL A 155 -2.12 8.18 18.46
C VAL A 155 -3.43 7.53 18.06
N TRP A 156 -3.83 6.53 18.82
CA TRP A 156 -5.10 5.87 18.61
C TRP A 156 -6.12 6.45 19.57
N ASP A 157 -7.30 5.85 19.67
CA ASP A 157 -8.32 6.34 20.60
C ASP A 157 -7.85 6.20 22.05
N ASN A 158 -6.77 5.44 22.21
CA ASN A 158 -6.12 5.23 23.51
C ASN A 158 -5.62 6.54 24.09
N GLU A 159 -4.90 7.30 23.26
CA GLU A 159 -4.19 8.49 23.69
C GLU A 159 -3.24 8.17 24.84
N ASN A 160 -2.25 7.35 24.55
CA ASN A 160 -1.20 7.02 25.51
C ASN A 160 0.09 6.65 24.78
N GLU A 161 -0.03 6.35 23.50
CA GLU A 161 1.13 6.02 22.67
C GLU A 161 1.84 7.30 22.23
N GLY A 162 1.72 8.33 23.05
CA GLY A 162 2.39 9.58 22.80
C GLY A 162 3.70 9.65 23.56
N ASP A 163 3.68 9.11 24.77
CA ASP A 163 4.86 9.11 25.63
C ASP A 163 5.59 7.77 25.53
N LEU A 164 5.77 7.31 24.30
CA LEU A 164 6.44 6.04 24.05
C LEU A 164 7.92 6.11 24.40
N TYR A 165 8.53 7.26 24.11
CA TYR A 165 9.94 7.45 24.35
C TYR A 165 10.17 8.62 25.30
N PRO A 166 10.14 8.37 26.61
CA PRO A 166 10.38 9.41 27.61
C PRO A 166 11.79 9.98 27.48
N PRO A 167 11.93 11.32 27.42
CA PRO A 167 13.22 11.97 27.29
C PRO A 167 14.16 11.66 28.45
N GLU A 168 15.38 11.26 28.12
CA GLU A 168 16.39 10.97 29.13
C GLU A 168 16.95 12.27 29.68
N GLN A 169 17.34 12.26 30.94
CA GLN A 169 17.88 13.43 31.58
C GLN A 169 19.36 13.25 31.88
N PRO A 170 20.18 14.27 31.58
CA PRO A 170 21.61 14.24 31.89
C PRO A 170 21.88 14.42 33.39
N GLY A 171 21.36 13.50 34.18
CA GLY A 171 21.54 13.56 35.62
C GLY A 171 22.65 12.63 36.07
N VAL A 172 23.73 12.59 35.32
CA VAL A 172 24.86 11.73 35.63
C VAL A 172 25.81 12.45 36.57
N LEU B 1 -3.56 -21.73 10.53
CA LEU B 1 -3.66 -20.31 10.96
C LEU B 1 -5.12 -19.90 11.09
N ALA B 2 -5.47 -19.31 12.22
CA ALA B 2 -6.81 -18.77 12.42
C ALA B 2 -6.90 -17.39 11.82
N ILE B 3 -7.68 -17.26 10.77
CA ILE B 3 -7.80 -15.99 10.06
C ILE B 3 -9.20 -15.42 10.18
N THR B 4 -9.27 -14.11 10.20
CA THR B 4 -10.53 -13.40 10.25
C THR B 4 -11.22 -13.44 8.91
N MET B 5 -10.46 -13.27 7.82
CA MET B 5 -11.03 -13.10 6.48
C MET B 5 -12.02 -11.94 6.50
N LEU B 6 -11.45 -10.73 6.59
CA LEU B 6 -12.23 -9.53 6.78
C LEU B 6 -13.12 -9.24 5.56
N LYS B 7 -12.56 -9.47 4.37
CA LYS B 7 -13.21 -9.08 3.12
C LYS B 7 -13.36 -7.57 3.10
N PRO B 8 -12.31 -6.85 2.69
CA PRO B 8 -12.25 -5.40 2.79
C PRO B 8 -13.19 -4.70 1.80
N ARG B 9 -13.86 -3.68 2.29
CA ARG B 9 -14.81 -2.94 1.47
C ARG B 9 -14.09 -1.94 0.60
N LYS B 10 -14.20 -2.12 -0.70
CA LYS B 10 -13.63 -1.19 -1.66
C LYS B 10 -14.49 0.07 -1.70
N LYS B 11 -14.03 1.11 -1.03
CA LYS B 11 -14.79 2.36 -0.91
C LYS B 11 -14.74 3.18 -2.21
N ALA B 12 -15.02 2.55 -3.32
CA ALA B 12 -14.96 3.21 -4.62
C ALA B 12 -16.33 3.26 -5.28
N LYS B 13 -17.38 3.33 -4.47
CA LYS B 13 -18.74 3.43 -4.99
C LYS B 13 -19.59 4.31 -4.10
N ALA B 14 -20.72 4.77 -4.62
CA ALA B 14 -21.65 5.63 -3.88
C ALA B 14 -20.95 6.89 -3.36
N LEU B 15 -20.03 7.41 -4.15
CA LEU B 15 -19.27 8.59 -3.76
C LEU B 15 -19.96 9.85 -4.28
N GLY A 1 -6.36 -4.48 24.95
CA GLY A 1 -5.34 -4.99 23.99
C GLY A 1 -4.56 -3.86 23.34
N ALA A 2 -3.95 -3.02 24.16
CA ALA A 2 -3.18 -1.89 23.64
C ALA A 2 -1.70 -2.08 23.89
N MET A 3 -1.08 -2.89 23.06
CA MET A 3 0.37 -3.11 23.14
C MET A 3 1.11 -2.06 22.32
N GLY A 4 0.88 -0.80 22.65
CA GLY A 4 1.48 0.30 21.91
C GLY A 4 0.69 0.61 20.65
N SER A 5 0.48 -0.42 19.85
CA SER A 5 -0.30 -0.32 18.64
C SER A 5 -1.42 -1.34 18.65
N ILE A 6 -2.61 -0.94 18.22
CA ILE A 6 -3.74 -1.85 18.16
C ILE A 6 -3.68 -2.70 16.90
N VAL A 7 -2.98 -2.18 15.91
CA VAL A 7 -2.79 -2.87 14.65
C VAL A 7 -1.34 -2.76 14.22
N SER A 8 -0.74 -3.88 13.85
CA SER A 8 0.61 -3.89 13.32
C SER A 8 0.67 -4.81 12.12
N LEU A 9 1.45 -4.44 11.12
CA LEU A 9 1.52 -5.21 9.88
C LEU A 9 2.57 -6.30 10.03
N LEU A 10 2.13 -7.53 9.87
CA LEU A 10 3.00 -8.69 10.00
C LEU A 10 3.85 -8.84 8.76
N GLY A 11 3.29 -8.47 7.63
CA GLY A 11 4.00 -8.52 6.38
C GLY A 11 3.04 -8.46 5.21
N ILE A 12 3.60 -8.46 4.01
CA ILE A 12 2.79 -8.43 2.80
C ILE A 12 3.25 -9.55 1.88
N LYS A 13 2.33 -10.14 1.15
CA LYS A 13 2.69 -11.11 0.14
C LYS A 13 2.40 -10.55 -1.24
N VAL A 14 3.46 -10.27 -2.00
CA VAL A 14 3.33 -9.91 -3.40
C VAL A 14 2.84 -11.12 -4.22
N LEU A 15 1.53 -11.16 -4.47
CA LEU A 15 0.92 -12.25 -5.25
C LEU A 15 1.48 -12.30 -6.68
N ASN A 16 1.52 -11.16 -7.35
CA ASN A 16 1.81 -11.14 -8.78
C ASN A 16 3.26 -10.75 -9.01
N ASN A 17 4.07 -11.72 -9.42
CA ASN A 17 5.50 -11.48 -9.63
C ASN A 17 6.10 -12.57 -10.52
N PRO A 18 6.56 -12.24 -11.74
CA PRO A 18 6.50 -10.89 -12.31
C PRO A 18 5.17 -10.60 -12.99
N ALA A 19 4.90 -9.33 -13.21
CA ALA A 19 3.70 -8.89 -13.91
C ALA A 19 4.08 -7.85 -14.95
N LYS A 20 3.11 -7.28 -15.62
CA LYS A 20 3.38 -6.17 -16.52
C LYS A 20 2.97 -4.88 -15.81
N PHE A 21 3.53 -3.75 -16.21
CA PHE A 21 3.24 -2.50 -15.50
C PHE A 21 1.76 -2.13 -15.58
N THR A 22 1.11 -2.54 -16.66
CA THR A 22 -0.30 -2.26 -16.87
C THR A 22 -1.20 -3.33 -16.21
N ASP A 23 -0.62 -4.15 -15.35
CA ASP A 23 -1.38 -5.16 -14.61
C ASP A 23 -1.72 -4.64 -13.22
N PRO A 24 -2.92 -4.97 -12.72
CA PRO A 24 -3.34 -4.60 -11.35
C PRO A 24 -2.42 -5.23 -10.31
N TYR A 25 -1.88 -4.38 -9.43
CA TYR A 25 -0.94 -4.84 -8.42
C TYR A 25 -1.69 -5.51 -7.28
N GLU A 26 -1.19 -6.66 -6.85
CA GLU A 26 -1.87 -7.45 -5.83
C GLU A 26 -0.95 -7.73 -4.66
N PHE A 27 -1.33 -7.21 -3.51
CA PHE A 27 -0.59 -7.42 -2.27
C PHE A 27 -1.49 -8.07 -1.25
N GLU A 28 -1.01 -9.07 -0.54
CA GLU A 28 -1.83 -9.72 0.47
C GLU A 28 -1.46 -9.19 1.84
N ILE A 29 -2.43 -8.59 2.50
CA ILE A 29 -2.21 -7.96 3.79
C ILE A 29 -2.41 -8.96 4.94
N THR A 30 -1.42 -9.02 5.81
CA THR A 30 -1.51 -9.80 7.03
C THR A 30 -1.07 -8.95 8.21
N PHE A 31 -1.99 -8.65 9.12
CA PHE A 31 -1.66 -7.84 10.29
C PHE A 31 -2.34 -8.39 11.53
N GLU A 32 -1.83 -8.00 12.68
CA GLU A 32 -2.33 -8.50 13.95
C GLU A 32 -3.17 -7.42 14.62
N CYS A 33 -4.41 -7.77 14.89
CA CYS A 33 -5.30 -6.91 15.64
C CYS A 33 -5.21 -7.25 17.12
N LEU A 34 -4.73 -6.31 17.92
CA LEU A 34 -4.57 -6.54 19.35
C LEU A 34 -5.87 -6.27 20.09
N GLU A 35 -6.67 -5.37 19.54
CA GLU A 35 -7.97 -5.04 20.13
C GLU A 35 -8.93 -4.67 19.01
N SER A 36 -10.18 -5.06 19.16
CA SER A 36 -11.19 -4.82 18.14
C SER A 36 -11.27 -3.32 17.81
N LEU A 37 -10.96 -2.99 16.57
CA LEU A 37 -10.92 -1.60 16.14
C LEU A 37 -12.31 -0.99 16.15
N LYS A 38 -12.44 0.11 16.89
CA LYS A 38 -13.70 0.82 16.99
C LYS A 38 -13.95 1.64 15.72
N HIS A 39 -12.87 1.99 15.02
CA HIS A 39 -12.97 2.66 13.73
C HIS A 39 -12.47 1.74 12.63
N ASP A 40 -12.51 2.21 11.39
CA ASP A 40 -12.16 1.38 10.25
C ASP A 40 -10.69 1.56 9.85
N LEU A 41 -10.15 0.56 9.18
CA LEU A 41 -8.76 0.60 8.71
C LEU A 41 -8.70 0.96 7.24
N GLU A 42 -7.79 1.86 6.89
CA GLU A 42 -7.64 2.31 5.51
C GLU A 42 -6.29 1.84 4.95
N TRP A 43 -6.35 0.99 3.93
CA TRP A 43 -5.15 0.46 3.29
C TRP A 43 -5.03 1.00 1.88
N LYS A 44 -3.86 1.50 1.53
CA LYS A 44 -3.69 2.21 0.27
C LYS A 44 -2.37 1.86 -0.40
N LEU A 45 -2.34 1.98 -1.72
CA LEU A 45 -1.11 1.76 -2.47
C LEU A 45 -0.71 3.04 -3.18
N THR A 46 0.53 3.47 -3.00
CA THR A 46 1.03 4.65 -3.67
C THR A 46 2.17 4.27 -4.61
N TYR A 47 2.10 4.76 -5.83
CA TYR A 47 3.15 4.54 -6.81
C TYR A 47 4.11 5.71 -6.79
N VAL A 48 5.37 5.42 -6.57
CA VAL A 48 6.38 6.44 -6.46
C VAL A 48 7.47 6.27 -7.51
N GLY A 49 7.83 7.37 -8.15
CA GLY A 49 8.91 7.36 -9.11
C GLY A 49 10.25 7.45 -8.41
N SER A 50 10.78 6.30 -8.03
CA SER A 50 11.98 6.21 -7.21
C SER A 50 11.76 6.89 -5.86
N SER A 51 12.03 8.19 -5.79
CA SER A 51 11.79 8.96 -4.58
C SER A 51 11.37 10.38 -4.95
N ARG A 52 10.92 10.55 -6.18
CA ARG A 52 10.55 11.86 -6.69
C ARG A 52 9.09 11.87 -7.12
N SER A 53 8.78 11.02 -8.10
CA SER A 53 7.43 10.89 -8.64
C SER A 53 7.01 12.16 -9.39
N LEU A 54 7.10 12.10 -10.71
CA LEU A 54 6.75 13.25 -11.56
C LEU A 54 5.30 13.65 -11.35
N ASP A 55 4.44 12.65 -11.10
CA ASP A 55 3.01 12.89 -10.90
C ASP A 55 2.72 13.27 -9.45
N HIS A 56 3.79 13.57 -8.70
CA HIS A 56 3.67 13.96 -7.29
C HIS A 56 3.09 12.82 -6.45
N ASP A 57 3.55 11.62 -6.76
CA ASP A 57 3.13 10.38 -6.07
C ASP A 57 1.69 10.05 -6.43
N GLN A 58 1.46 8.83 -6.87
CA GLN A 58 0.14 8.42 -7.32
C GLN A 58 -0.49 7.47 -6.33
N GLU A 59 -1.59 7.89 -5.72
CA GLU A 59 -2.39 6.98 -4.92
C GLU A 59 -3.45 6.35 -5.82
N LEU A 60 -3.23 5.08 -6.16
CA LEU A 60 -4.06 4.43 -7.16
C LEU A 60 -5.42 4.05 -6.58
N ASP A 61 -5.42 3.20 -5.57
CA ASP A 61 -6.66 2.73 -5.00
C ASP A 61 -6.52 2.61 -3.48
N SER A 62 -7.65 2.65 -2.79
CA SER A 62 -7.66 2.52 -1.35
C SER A 62 -8.77 1.58 -0.91
N ILE A 63 -8.45 0.69 0.00
CA ILE A 63 -9.42 -0.25 0.53
C ILE A 63 -9.64 0.02 2.00
N LEU A 64 -10.83 -0.27 2.47
CA LEU A 64 -11.19 -0.04 3.85
C LEU A 64 -11.69 -1.31 4.48
N VAL A 65 -11.45 -1.48 5.75
CA VAL A 65 -11.87 -2.68 6.44
C VAL A 65 -12.51 -2.39 7.78
N GLY A 66 -13.64 -3.05 8.01
CA GLY A 66 -14.32 -2.96 9.29
C GLY A 66 -15.68 -3.62 9.21
N PRO A 67 -16.21 -4.13 10.33
CA PRO A 67 -15.51 -4.16 11.62
C PRO A 67 -14.36 -5.17 11.59
N VAL A 68 -13.18 -4.72 11.98
CA VAL A 68 -12.00 -5.58 12.01
C VAL A 68 -11.76 -6.09 13.44
N PRO A 69 -11.97 -7.40 13.64
CA PRO A 69 -11.85 -8.05 14.95
C PRO A 69 -10.44 -8.53 15.26
N VAL A 70 -10.28 -8.99 16.49
CA VAL A 70 -8.98 -9.35 17.04
C VAL A 70 -8.42 -10.62 16.39
N GLY A 71 -7.10 -10.71 16.30
CA GLY A 71 -6.45 -11.80 15.64
C GLY A 71 -5.73 -11.33 14.39
N VAL A 72 -5.26 -12.24 13.55
CA VAL A 72 -4.66 -11.81 12.30
C VAL A 72 -5.77 -11.55 11.32
N ASN A 73 -5.68 -10.46 10.61
CA ASN A 73 -6.62 -10.18 9.55
C ASN A 73 -5.88 -10.27 8.24
N LYS A 74 -6.49 -10.89 7.26
CA LYS A 74 -5.79 -11.20 6.04
C LYS A 74 -6.73 -11.06 4.86
N PHE A 75 -6.28 -10.38 3.83
CA PHE A 75 -7.07 -10.17 2.63
C PHE A 75 -6.16 -9.72 1.49
N VAL A 76 -6.63 -9.87 0.27
CA VAL A 76 -5.86 -9.46 -0.89
C VAL A 76 -6.21 -8.04 -1.30
N PHE A 77 -5.18 -7.23 -1.48
CA PHE A 77 -5.33 -5.84 -1.85
C PHE A 77 -4.91 -5.65 -3.30
N SER A 78 -5.84 -5.24 -4.13
CA SER A 78 -5.57 -5.03 -5.54
C SER A 78 -5.73 -3.57 -5.92
N ALA A 79 -4.69 -3.01 -6.52
CA ALA A 79 -4.70 -1.62 -6.94
C ALA A 79 -4.57 -1.50 -8.45
N ASP A 80 -5.35 -0.59 -9.03
CA ASP A 80 -5.32 -0.35 -10.47
C ASP A 80 -4.00 0.30 -10.87
N PRO A 81 -3.38 -0.17 -11.96
CA PRO A 81 -2.07 0.31 -12.41
C PRO A 81 -2.11 1.75 -12.93
N PRO A 82 -0.99 2.48 -12.82
CA PRO A 82 -0.91 3.87 -13.28
C PRO A 82 -0.80 3.95 -14.80
N SER A 83 -1.46 4.94 -15.38
CA SER A 83 -1.39 5.15 -16.82
C SER A 83 0.02 5.62 -17.20
N ALA A 84 0.64 4.91 -18.14
CA ALA A 84 2.00 5.22 -18.57
C ALA A 84 2.08 6.59 -19.24
N GLU A 85 0.94 7.14 -19.64
CA GLU A 85 0.92 8.46 -20.26
C GLU A 85 1.46 9.53 -19.29
N LEU A 86 1.51 9.21 -17.99
CA LEU A 86 2.07 10.12 -17.01
C LEU A 86 3.60 9.99 -17.00
N ILE A 87 4.06 8.79 -17.33
CA ILE A 87 5.49 8.48 -17.35
C ILE A 87 5.92 7.93 -18.72
N PRO A 88 6.54 8.77 -19.56
CA PRO A 88 6.97 8.38 -20.91
C PRO A 88 7.83 7.13 -20.93
N ALA A 89 7.94 6.49 -22.10
CA ALA A 89 8.60 5.19 -22.23
C ALA A 89 9.96 5.14 -21.54
N SER A 90 10.78 6.15 -21.77
CA SER A 90 12.12 6.17 -21.22
C SER A 90 12.13 6.58 -19.74
N GLU A 91 10.96 6.87 -19.19
CA GLU A 91 10.88 7.33 -17.81
C GLU A 91 10.13 6.36 -16.90
N LEU A 92 9.25 5.51 -17.44
CA LEU A 92 8.62 4.50 -16.60
C LEU A 92 9.50 3.27 -16.52
N VAL A 93 10.30 3.05 -17.57
CA VAL A 93 11.21 1.91 -17.62
C VAL A 93 12.44 2.17 -16.74
N SER A 94 12.19 2.21 -15.44
CA SER A 94 13.23 2.32 -14.44
C SER A 94 12.77 1.60 -13.18
N VAL A 95 13.62 1.52 -12.17
CA VAL A 95 13.17 1.00 -10.90
C VAL A 95 12.42 2.08 -10.15
N THR A 96 11.32 1.69 -9.56
CA THR A 96 10.42 2.61 -8.89
C THR A 96 10.06 2.07 -7.53
N VAL A 97 9.28 2.80 -6.76
CA VAL A 97 8.98 2.42 -5.40
C VAL A 97 7.49 2.42 -5.14
N ILE A 98 7.04 1.40 -4.45
CA ILE A 98 5.65 1.25 -4.09
C ILE A 98 5.50 1.42 -2.59
N LEU A 99 4.49 2.16 -2.17
CA LEU A 99 4.25 2.32 -0.75
C LEU A 99 2.87 1.78 -0.37
N LEU A 100 2.86 0.81 0.53
CA LEU A 100 1.63 0.27 1.07
C LEU A 100 1.34 0.96 2.38
N SER A 101 0.23 1.67 2.45
CA SER A 101 -0.04 2.55 3.56
C SER A 101 -1.24 2.06 4.38
N CYS A 102 -1.07 2.05 5.69
CA CYS A 102 -2.16 1.75 6.59
C CYS A 102 -2.44 2.97 7.45
N SER A 103 -3.66 3.48 7.36
CA SER A 103 -4.03 4.67 8.10
C SER A 103 -5.18 4.38 9.06
N TYR A 104 -5.00 4.83 10.29
CA TYR A 104 -6.03 4.75 11.30
C TYR A 104 -6.04 6.07 12.07
N ASP A 105 -7.23 6.57 12.36
CA ASP A 105 -7.39 7.86 13.04
C ASP A 105 -6.74 8.98 12.22
N GLY A 106 -6.78 8.82 10.90
CA GLY A 106 -6.28 9.84 9.99
C GLY A 106 -4.77 9.91 9.93
N ARG A 107 -4.09 8.89 10.44
CA ARG A 107 -2.64 8.87 10.45
C ARG A 107 -2.07 7.59 9.87
N GLU A 108 -1.07 7.75 9.01
CA GLU A 108 -0.32 6.63 8.48
C GLU A 108 0.53 6.01 9.58
N PHE A 109 0.29 4.74 9.86
CA PHE A 109 1.03 4.02 10.89
C PHE A 109 2.05 3.09 10.25
N VAL A 110 1.69 2.55 9.10
CA VAL A 110 2.50 1.57 8.42
C VAL A 110 2.60 1.92 6.95
N ARG A 111 3.82 2.15 6.49
CA ARG A 111 4.08 2.31 5.08
C ARG A 111 5.16 1.34 4.66
N VAL A 112 4.79 0.44 3.77
CA VAL A 112 5.71 -0.60 3.32
C VAL A 112 6.15 -0.32 1.90
N GLY A 113 7.44 -0.09 1.73
CA GLY A 113 7.96 0.25 0.43
C GLY A 113 8.62 -0.92 -0.25
N TYR A 114 8.44 -0.99 -1.56
CA TYR A 114 9.06 -2.00 -2.38
C TYR A 114 9.60 -1.36 -3.65
N TYR A 115 10.71 -1.86 -4.15
CA TYR A 115 11.23 -1.38 -5.41
C TYR A 115 10.71 -2.27 -6.53
N VAL A 116 10.29 -1.66 -7.61
CA VAL A 116 9.78 -2.39 -8.74
C VAL A 116 10.58 -2.07 -9.99
N ASN A 117 11.09 -3.11 -10.61
CA ASN A 117 11.86 -2.98 -11.83
C ASN A 117 10.93 -2.84 -13.03
N ASN A 118 11.35 -2.07 -14.01
CA ASN A 118 10.62 -1.92 -15.25
C ASN A 118 11.56 -2.13 -16.43
N GLU A 119 11.12 -2.98 -17.34
CA GLU A 119 11.91 -3.32 -18.52
C GLU A 119 10.99 -3.82 -19.61
N TYR A 120 11.53 -3.97 -20.80
CA TYR A 120 10.77 -4.55 -21.90
C TYR A 120 11.07 -6.03 -22.01
N ASP A 121 10.02 -6.86 -21.95
CA ASP A 121 10.17 -8.30 -22.12
C ASP A 121 10.65 -8.64 -23.53
N GLU A 122 10.65 -7.64 -24.40
CA GLU A 122 11.26 -7.77 -25.71
C GLU A 122 12.54 -6.95 -25.76
N GLU A 123 13.64 -7.62 -26.03
CA GLU A 123 14.96 -7.02 -26.01
C GLU A 123 15.10 -5.95 -27.09
N GLU A 124 14.41 -6.15 -28.21
CA GLU A 124 14.44 -5.19 -29.31
C GLU A 124 13.89 -3.83 -28.86
N LEU A 125 12.92 -3.87 -27.96
CA LEU A 125 12.35 -2.65 -27.40
C LEU A 125 13.18 -2.18 -26.20
N ARG A 126 13.79 -3.13 -25.50
CA ARG A 126 14.60 -2.83 -24.32
C ARG A 126 15.83 -2.01 -24.70
N GLU A 127 16.53 -2.43 -25.74
CA GLU A 127 17.75 -1.76 -26.17
C GLU A 127 17.42 -0.48 -26.93
N ASN A 128 16.32 -0.49 -27.66
CA ASN A 128 15.90 0.65 -28.44
C ASN A 128 14.50 1.09 -28.05
N PRO A 129 14.40 1.92 -26.99
CA PRO A 129 13.10 2.36 -26.47
C PRO A 129 12.43 3.40 -27.38
N PRO A 130 11.18 3.13 -27.79
CA PRO A 130 10.41 4.07 -28.62
C PRO A 130 9.87 5.24 -27.81
N ALA A 131 9.37 6.26 -28.49
CA ALA A 131 8.81 7.42 -27.83
C ALA A 131 7.49 7.05 -27.15
N LYS A 132 6.62 6.40 -27.90
CA LYS A 132 5.37 5.89 -27.36
C LYS A 132 5.64 4.66 -26.51
N VAL A 133 5.21 4.71 -25.26
CA VAL A 133 5.39 3.57 -24.36
C VAL A 133 4.48 2.42 -24.75
N GLN A 134 5.04 1.23 -24.77
CA GLN A 134 4.28 0.03 -25.04
C GLN A 134 4.26 -0.84 -23.79
N VAL A 135 3.45 -0.42 -22.82
CA VAL A 135 3.50 -1.00 -21.48
C VAL A 135 3.09 -2.48 -21.49
N ASP A 136 2.39 -2.90 -22.54
CA ASP A 136 1.94 -4.28 -22.66
C ASP A 136 3.14 -5.22 -22.69
N HIS A 137 4.28 -4.70 -23.12
CA HIS A 137 5.51 -5.48 -23.12
C HIS A 137 6.50 -4.91 -22.11
N ILE A 138 5.96 -4.18 -21.15
CA ILE A 138 6.75 -3.65 -20.06
C ILE A 138 6.55 -4.50 -18.81
N VAL A 139 7.64 -4.88 -18.20
CA VAL A 139 7.63 -5.83 -17.09
C VAL A 139 7.68 -5.10 -15.76
N ARG A 140 6.76 -5.44 -14.89
CA ARG A 140 6.79 -4.97 -13.52
C ARG A 140 7.24 -6.11 -12.62
N ASN A 141 8.44 -5.98 -12.08
CA ASN A 141 8.98 -7.01 -11.22
C ASN A 141 9.20 -6.44 -9.83
N ILE A 142 8.44 -6.92 -8.86
CA ILE A 142 8.52 -6.37 -7.52
C ILE A 142 9.67 -7.01 -6.76
N LEU A 143 10.63 -6.21 -6.34
CA LEU A 143 11.73 -6.69 -5.53
C LEU A 143 11.28 -6.82 -4.08
N ALA A 144 10.44 -7.82 -3.84
CA ALA A 144 9.85 -8.05 -2.52
C ALA A 144 10.90 -8.55 -1.54
N GLU A 145 12.10 -8.79 -2.05
CA GLU A 145 13.24 -9.21 -1.25
C GLU A 145 13.55 -8.17 -0.16
N LYS A 146 13.20 -6.92 -0.44
CA LYS A 146 13.52 -5.85 0.48
C LYS A 146 12.30 -4.97 0.75
N PRO A 147 11.60 -5.24 1.87
CA PRO A 147 10.52 -4.37 2.34
C PRO A 147 11.07 -3.18 3.12
N ARG A 148 10.70 -1.98 2.70
CA ARG A 148 11.10 -0.78 3.41
C ARG A 148 9.94 -0.28 4.25
N VAL A 149 9.96 -0.58 5.54
CA VAL A 149 8.80 -0.31 6.37
C VAL A 149 9.09 0.83 7.34
N THR A 150 8.17 1.75 7.44
CA THR A 150 8.30 2.83 8.38
C THR A 150 7.10 2.82 9.32
N ARG A 151 7.37 2.79 10.60
CA ARG A 151 6.32 2.78 11.59
C ARG A 151 6.21 4.17 12.21
N PHE A 152 5.03 4.76 12.16
CA PHE A 152 4.84 6.09 12.71
C PHE A 152 4.07 6.00 14.01
N ASN A 153 4.51 6.76 15.00
CA ASN A 153 3.84 6.78 16.29
C ASN A 153 2.53 7.55 16.19
N ILE A 154 1.44 6.81 16.10
CA ILE A 154 0.12 7.42 16.03
C ILE A 154 -0.70 7.02 17.24
N VAL A 155 -1.68 7.83 17.59
CA VAL A 155 -2.52 7.54 18.73
C VAL A 155 -3.77 6.82 18.29
N TRP A 156 -3.87 5.56 18.69
CA TRP A 156 -5.05 4.76 18.40
C TRP A 156 -6.20 5.18 19.32
N ASP A 157 -7.30 4.46 19.29
CA ASP A 157 -8.45 4.79 20.12
C ASP A 157 -8.17 4.39 21.57
N ASN A 158 -7.31 5.16 22.20
CA ASN A 158 -6.88 4.94 23.56
C ASN A 158 -6.34 6.26 24.11
N GLU A 159 -5.07 6.27 24.49
CA GLU A 159 -4.40 7.49 24.89
C GLU A 159 -2.89 7.27 24.93
N ASN A 160 -2.34 6.90 23.79
CA ASN A 160 -0.89 6.78 23.63
C ASN A 160 -0.56 6.48 22.19
N GLU A 161 0.68 6.78 21.81
CA GLU A 161 1.16 6.48 20.47
C GLU A 161 2.34 5.53 20.55
N GLY A 162 2.14 4.43 21.25
CA GLY A 162 3.19 3.44 21.44
C GLY A 162 3.81 3.51 22.81
N ASP A 163 2.95 3.53 23.84
CA ASP A 163 3.38 3.61 25.23
C ASP A 163 4.26 4.83 25.48
N LEU A 164 3.89 5.93 24.86
CA LEU A 164 4.61 7.19 25.02
C LEU A 164 3.82 8.14 25.90
N TYR A 165 2.66 7.68 26.36
CA TYR A 165 1.79 8.48 27.21
C TYR A 165 1.58 7.77 28.55
N PRO A 166 2.44 8.03 29.54
CA PRO A 166 2.34 7.40 30.85
C PRO A 166 1.17 7.95 31.66
N PRO A 167 0.37 7.05 32.26
CA PRO A 167 -0.78 7.45 33.09
C PRO A 167 -0.34 8.05 34.42
N GLU A 168 0.13 9.28 34.35
CA GLU A 168 0.60 10.00 35.53
C GLU A 168 -0.55 10.27 36.49
N GLN A 169 -0.27 10.21 37.77
CA GLN A 169 -1.28 10.45 38.80
C GLN A 169 -1.33 11.93 39.14
N PRO A 170 -2.47 12.58 38.86
CA PRO A 170 -2.67 13.99 39.20
C PRO A 170 -2.65 14.23 40.70
N GLY A 171 -2.08 15.36 41.10
CA GLY A 171 -2.02 15.69 42.51
C GLY A 171 -0.60 15.61 43.02
N VAL A 172 -0.39 14.70 43.97
CA VAL A 172 0.93 14.50 44.60
C VAL A 172 1.41 15.79 45.26
N LEU B 1 -2.54 -20.38 14.89
CA LEU B 1 -3.24 -19.10 14.59
C LEU B 1 -4.59 -19.36 13.94
N ALA B 2 -5.30 -18.27 13.72
CA ALA B 2 -6.59 -18.32 13.06
C ALA B 2 -6.78 -17.07 12.23
N ILE B 3 -6.98 -17.25 10.93
CA ILE B 3 -7.10 -16.10 10.04
C ILE B 3 -8.47 -15.46 10.14
N THR B 4 -8.54 -14.23 9.71
CA THR B 4 -9.78 -13.50 9.64
C THR B 4 -9.95 -12.93 8.24
N MET B 5 -10.87 -13.51 7.49
CA MET B 5 -11.12 -13.06 6.13
C MET B 5 -12.01 -11.82 6.15
N LEU B 6 -11.38 -10.65 6.19
CA LEU B 6 -12.09 -9.39 6.20
C LEU B 6 -12.57 -9.05 4.78
N LYS B 7 -13.49 -8.10 4.71
CA LYS B 7 -13.94 -7.61 3.42
C LYS B 7 -13.49 -6.16 3.26
N PRO B 8 -12.43 -5.93 2.49
CA PRO B 8 -11.87 -4.60 2.33
C PRO B 8 -12.62 -3.78 1.28
N ARG B 9 -13.71 -3.18 1.73
CA ARG B 9 -14.54 -2.32 0.90
C ARG B 9 -13.75 -1.09 0.43
N LYS B 10 -13.83 -0.82 -0.85
CA LYS B 10 -13.04 0.23 -1.48
C LYS B 10 -13.73 1.58 -1.30
N LYS B 11 -13.36 2.28 -0.23
CA LYS B 11 -14.00 3.53 0.13
C LYS B 11 -13.64 4.64 -0.87
N ALA B 12 -12.50 4.48 -1.50
CA ALA B 12 -12.05 5.39 -2.53
C ALA B 12 -11.26 4.63 -3.60
N LYS B 13 -12.00 4.02 -4.51
CA LYS B 13 -11.40 3.17 -5.53
C LYS B 13 -10.93 3.99 -6.73
N ALA B 14 -10.07 3.38 -7.53
CA ALA B 14 -9.57 4.01 -8.74
C ALA B 14 -10.68 4.10 -9.78
N LEU B 15 -10.90 5.29 -10.30
CA LEU B 15 -11.94 5.53 -11.28
C LEU B 15 -11.33 5.94 -12.62
N GLY A 1 -5.95 -4.60 25.61
CA GLY A 1 -4.75 -3.85 26.04
C GLY A 1 -4.04 -3.22 24.86
N ALA A 2 -3.11 -2.32 25.14
CA ALA A 2 -2.37 -1.63 24.10
C ALA A 2 -0.91 -2.06 24.08
N MET A 3 -0.55 -2.88 23.12
CA MET A 3 0.81 -3.38 23.00
C MET A 3 1.60 -2.51 22.04
N GLY A 4 1.79 -1.24 22.41
CA GLY A 4 2.48 -0.30 21.54
C GLY A 4 1.61 0.13 20.37
N SER A 5 1.45 -0.77 19.42
CA SER A 5 0.53 -0.54 18.31
C SER A 5 -0.55 -1.60 18.33
N ILE A 6 -1.81 -1.17 18.34
CA ILE A 6 -2.95 -2.07 18.35
C ILE A 6 -3.02 -2.86 17.05
N VAL A 7 -2.46 -2.26 16.00
CA VAL A 7 -2.47 -2.86 14.69
C VAL A 7 -1.06 -2.85 14.10
N SER A 8 -0.51 -4.02 13.87
CA SER A 8 0.83 -4.14 13.31
C SER A 8 0.80 -5.05 12.10
N LEU A 9 1.57 -4.70 11.07
CA LEU A 9 1.56 -5.44 9.82
C LEU A 9 2.57 -6.58 9.90
N LEU A 10 2.08 -7.80 9.77
CA LEU A 10 2.91 -8.99 9.85
C LEU A 10 3.72 -9.16 8.58
N GLY A 11 3.13 -8.77 7.48
CA GLY A 11 3.80 -8.85 6.21
C GLY A 11 2.85 -8.68 5.06
N ILE A 12 3.39 -8.70 3.86
CA ILE A 12 2.60 -8.56 2.65
C ILE A 12 3.02 -9.62 1.67
N LYS A 13 2.08 -10.16 0.94
CA LYS A 13 2.42 -11.11 -0.11
C LYS A 13 2.19 -10.48 -1.47
N VAL A 14 3.27 -10.23 -2.19
CA VAL A 14 3.17 -9.87 -3.59
C VAL A 14 2.71 -11.09 -4.40
N LEU A 15 1.42 -11.14 -4.70
CA LEU A 15 0.83 -12.27 -5.44
C LEU A 15 1.37 -12.35 -6.88
N ASN A 16 1.82 -11.22 -7.43
CA ASN A 16 2.16 -11.17 -8.85
C ASN A 16 3.66 -10.90 -9.09
N ASN A 17 4.32 -11.87 -9.73
CA ASN A 17 5.72 -11.75 -10.13
C ASN A 17 6.10 -12.87 -11.09
N PRO A 18 6.51 -12.57 -12.34
CA PRO A 18 6.51 -11.20 -12.90
C PRO A 18 5.12 -10.75 -13.31
N ALA A 19 5.03 -9.49 -13.71
CA ALA A 19 3.81 -8.92 -14.25
C ALA A 19 4.15 -7.80 -15.21
N LYS A 20 3.15 -7.18 -15.81
CA LYS A 20 3.41 -5.97 -16.59
C LYS A 20 3.20 -4.75 -15.71
N PHE A 21 3.62 -3.59 -16.17
CA PHE A 21 3.40 -2.37 -15.39
C PHE A 21 1.91 -2.05 -15.33
N THR A 22 1.20 -2.38 -16.40
CA THR A 22 -0.24 -2.16 -16.47
C THR A 22 -1.03 -3.36 -15.94
N ASP A 23 -0.34 -4.26 -15.24
CA ASP A 23 -0.99 -5.42 -14.64
C ASP A 23 -1.61 -5.03 -13.30
N PRO A 24 -2.78 -5.60 -12.96
CA PRO A 24 -3.42 -5.36 -11.68
C PRO A 24 -2.57 -5.85 -10.51
N TYR A 25 -2.24 -4.94 -9.61
CA TYR A 25 -1.36 -5.26 -8.51
C TYR A 25 -2.12 -5.97 -7.41
N GLU A 26 -1.58 -7.09 -6.94
CA GLU A 26 -2.18 -7.84 -5.87
C GLU A 26 -1.20 -8.01 -4.71
N PHE A 27 -1.59 -7.48 -3.56
CA PHE A 27 -0.80 -7.64 -2.34
C PHE A 27 -1.68 -8.23 -1.26
N GLU A 28 -1.19 -9.21 -0.53
CA GLU A 28 -2.00 -9.81 0.53
C GLU A 28 -1.61 -9.23 1.87
N ILE A 29 -2.53 -8.56 2.51
CA ILE A 29 -2.28 -7.93 3.79
C ILE A 29 -2.60 -8.89 4.94
N THR A 30 -1.63 -9.07 5.81
CA THR A 30 -1.83 -9.80 7.05
C THR A 30 -1.27 -8.99 8.21
N PHE A 31 -2.13 -8.59 9.13
CA PHE A 31 -1.71 -7.81 10.27
C PHE A 31 -2.41 -8.30 11.52
N GLU A 32 -1.85 -7.96 12.68
CA GLU A 32 -2.40 -8.42 13.93
C GLU A 32 -3.13 -7.29 14.64
N CYS A 33 -4.37 -7.54 14.98
CA CYS A 33 -5.16 -6.62 15.75
C CYS A 33 -5.15 -7.07 17.21
N LEU A 34 -4.46 -6.31 18.04
CA LEU A 34 -4.32 -6.67 19.45
C LEU A 34 -5.57 -6.28 20.23
N GLU A 35 -6.32 -5.32 19.70
CA GLU A 35 -7.58 -4.92 20.31
C GLU A 35 -8.50 -4.39 19.23
N SER A 36 -9.76 -4.79 19.28
CA SER A 36 -10.72 -4.45 18.24
C SER A 36 -10.86 -2.94 18.08
N LEU A 37 -10.69 -2.46 16.86
CA LEU A 37 -10.78 -1.03 16.58
C LEU A 37 -12.22 -0.63 16.35
N LYS A 38 -12.67 0.43 17.01
CA LYS A 38 -13.99 0.99 16.74
C LYS A 38 -13.95 1.86 15.49
N HIS A 39 -12.76 2.36 15.17
CA HIS A 39 -12.55 3.14 13.96
C HIS A 39 -11.97 2.25 12.87
N ASP A 40 -11.93 2.76 11.65
CA ASP A 40 -11.60 1.94 10.49
C ASP A 40 -10.15 2.12 10.05
N LEU A 41 -9.59 1.06 9.48
CA LEU A 41 -8.24 1.09 8.94
C LEU A 41 -8.28 1.28 7.43
N GLU A 42 -7.48 2.19 6.92
CA GLU A 42 -7.47 2.49 5.50
C GLU A 42 -6.16 2.04 4.85
N TRP A 43 -6.24 1.04 3.99
CA TRP A 43 -5.06 0.50 3.32
C TRP A 43 -5.01 1.00 1.89
N LYS A 44 -3.85 1.46 1.44
CA LYS A 44 -3.74 2.05 0.12
C LYS A 44 -2.36 1.80 -0.47
N LEU A 45 -2.26 1.96 -1.78
CA LEU A 45 -1.01 1.77 -2.51
C LEU A 45 -0.67 3.04 -3.27
N THR A 46 0.52 3.57 -3.06
CA THR A 46 0.98 4.73 -3.82
C THR A 46 2.11 4.32 -4.76
N TYR A 47 2.05 4.81 -5.99
CA TYR A 47 3.10 4.56 -6.96
C TYR A 47 4.12 5.68 -6.87
N VAL A 48 5.32 5.35 -6.43
CA VAL A 48 6.35 6.33 -6.16
C VAL A 48 7.55 6.15 -7.09
N GLY A 49 8.18 7.25 -7.46
CA GLY A 49 9.36 7.19 -8.29
C GLY A 49 10.57 7.75 -7.58
N SER A 50 11.64 6.96 -7.55
CA SER A 50 12.93 7.33 -6.95
C SER A 50 12.83 7.42 -5.42
N SER A 51 12.20 8.48 -4.92
CA SER A 51 12.13 8.71 -3.49
C SER A 51 10.95 9.63 -3.18
N ARG A 52 10.89 10.76 -3.87
CA ARG A 52 9.81 11.70 -3.69
C ARG A 52 8.75 11.50 -4.78
N SER A 53 8.78 12.34 -5.81
CA SER A 53 7.90 12.22 -6.95
C SER A 53 8.01 13.41 -7.89
N LEU A 54 8.23 13.14 -9.16
CA LEU A 54 8.06 14.15 -10.18
C LEU A 54 6.76 13.87 -10.93
N ASP A 55 6.75 12.75 -11.64
CA ASP A 55 5.55 12.28 -12.33
C ASP A 55 5.14 10.92 -11.76
N HIS A 56 5.56 10.64 -10.54
CA HIS A 56 5.42 9.30 -9.99
C HIS A 56 4.84 9.32 -8.56
N ASP A 57 3.59 9.73 -8.44
CA ASP A 57 2.84 9.56 -7.19
C ASP A 57 1.36 9.40 -7.51
N GLN A 58 1.03 8.22 -7.96
CA GLN A 58 -0.32 7.88 -8.34
C GLN A 58 -0.85 6.79 -7.42
N GLU A 59 -1.89 7.12 -6.66
CA GLU A 59 -2.55 6.13 -5.82
C GLU A 59 -3.21 5.08 -6.69
N LEU A 60 -2.83 3.84 -6.48
CA LEU A 60 -3.31 2.74 -7.30
C LEU A 60 -4.71 2.34 -6.91
N ASP A 61 -5.00 2.36 -5.62
CA ASP A 61 -6.30 1.96 -5.10
C ASP A 61 -6.30 2.18 -3.59
N SER A 62 -7.42 1.92 -2.96
CA SER A 62 -7.54 2.09 -1.52
C SER A 62 -8.70 1.27 -0.98
N ILE A 63 -8.43 0.46 0.04
CA ILE A 63 -9.44 -0.37 0.66
C ILE A 63 -9.62 0.03 2.12
N LEU A 64 -10.79 -0.21 2.65
CA LEU A 64 -11.14 0.21 3.99
C LEU A 64 -11.58 -1.02 4.81
N VAL A 65 -11.12 -1.12 6.05
CA VAL A 65 -11.50 -2.25 6.89
C VAL A 65 -12.03 -1.77 8.23
N GLY A 66 -13.14 -2.35 8.65
CA GLY A 66 -13.71 -2.04 9.93
C GLY A 66 -15.19 -2.38 9.99
N PRO A 67 -15.74 -2.66 11.17
CA PRO A 67 -14.95 -2.74 12.42
C PRO A 67 -14.04 -3.96 12.45
N VAL A 68 -12.77 -3.74 12.72
CA VAL A 68 -11.79 -4.80 12.68
C VAL A 68 -11.57 -5.39 14.09
N PRO A 69 -11.84 -6.71 14.23
CA PRO A 69 -11.74 -7.43 15.49
C PRO A 69 -10.35 -7.96 15.79
N VAL A 70 -10.20 -8.50 17.00
CA VAL A 70 -8.92 -8.95 17.51
C VAL A 70 -8.45 -10.23 16.78
N GLY A 71 -7.15 -10.33 16.59
CA GLY A 71 -6.58 -11.46 15.86
C GLY A 71 -5.87 -11.01 14.62
N VAL A 72 -5.44 -11.92 13.76
CA VAL A 72 -4.82 -11.53 12.51
C VAL A 72 -5.89 -11.27 11.49
N ASN A 73 -5.72 -10.23 10.71
CA ASN A 73 -6.64 -9.95 9.64
C ASN A 73 -5.93 -10.20 8.34
N LYS A 74 -6.62 -10.83 7.40
CA LYS A 74 -5.99 -11.27 6.18
C LYS A 74 -6.94 -11.03 5.02
N PHE A 75 -6.43 -10.39 3.99
CA PHE A 75 -7.23 -10.10 2.81
C PHE A 75 -6.34 -9.73 1.64
N VAL A 76 -6.93 -9.73 0.47
CA VAL A 76 -6.23 -9.35 -0.74
C VAL A 76 -6.41 -7.88 -1.00
N PHE A 77 -5.31 -7.21 -1.25
CA PHE A 77 -5.39 -5.85 -1.70
C PHE A 77 -5.11 -5.81 -3.19
N SER A 78 -6.20 -5.69 -3.93
CA SER A 78 -6.14 -5.50 -5.37
C SER A 78 -6.03 -4.02 -5.71
N ALA A 79 -4.91 -3.61 -6.27
CA ALA A 79 -4.71 -2.22 -6.66
C ALA A 79 -4.56 -2.08 -8.18
N ASP A 80 -5.04 -0.96 -8.69
CA ASP A 80 -5.07 -0.71 -10.13
C ASP A 80 -3.85 0.12 -10.56
N PRO A 81 -3.11 -0.36 -11.57
CA PRO A 81 -1.89 0.30 -12.05
C PRO A 81 -2.15 1.68 -12.65
N PRO A 82 -1.15 2.57 -12.68
CA PRO A 82 -1.29 3.92 -13.19
C PRO A 82 -1.12 3.95 -14.70
N SER A 83 -1.78 4.90 -15.35
CA SER A 83 -1.67 5.02 -16.79
C SER A 83 -0.29 5.52 -17.17
N ALA A 84 0.39 4.76 -18.02
CA ALA A 84 1.74 5.11 -18.46
C ALA A 84 1.75 6.40 -19.28
N GLU A 85 0.57 6.83 -19.71
CA GLU A 85 0.46 8.07 -20.49
C GLU A 85 1.04 9.26 -19.70
N LEU A 86 1.14 9.11 -18.39
CA LEU A 86 1.73 10.15 -17.54
C LEU A 86 3.25 10.09 -17.62
N ILE A 87 3.76 8.90 -17.88
CA ILE A 87 5.19 8.64 -17.86
C ILE A 87 5.71 8.08 -19.18
N PRO A 88 6.45 8.90 -19.95
CA PRO A 88 7.05 8.48 -21.24
C PRO A 88 7.84 7.18 -21.12
N ALA A 89 8.08 6.53 -22.26
CA ALA A 89 8.67 5.19 -22.30
C ALA A 89 9.91 5.04 -21.41
N SER A 90 10.84 5.97 -21.51
CA SER A 90 12.08 5.88 -20.74
C SER A 90 11.89 6.35 -19.30
N GLU A 91 10.68 6.79 -18.96
CA GLU A 91 10.42 7.35 -17.65
C GLU A 91 9.79 6.31 -16.71
N LEU A 92 9.12 5.30 -17.26
CA LEU A 92 8.58 4.25 -16.41
C LEU A 92 9.50 3.03 -16.43
N VAL A 93 10.40 2.97 -17.41
CA VAL A 93 11.40 1.92 -17.46
C VAL A 93 12.56 2.25 -16.52
N SER A 94 12.25 2.28 -15.23
CA SER A 94 13.23 2.50 -14.19
C SER A 94 12.80 1.75 -12.94
N VAL A 95 13.66 1.69 -11.94
CA VAL A 95 13.27 1.12 -10.67
C VAL A 95 12.47 2.14 -9.88
N THR A 96 11.25 1.77 -9.56
CA THR A 96 10.35 2.66 -8.87
C THR A 96 10.04 2.10 -7.49
N VAL A 97 9.25 2.81 -6.71
CA VAL A 97 8.99 2.42 -5.34
C VAL A 97 7.49 2.34 -5.09
N ILE A 98 7.06 1.28 -4.43
CA ILE A 98 5.67 1.11 -4.08
C ILE A 98 5.48 1.37 -2.60
N LEU A 99 4.47 2.13 -2.24
CA LEU A 99 4.16 2.37 -0.84
C LEU A 99 2.83 1.74 -0.47
N LEU A 100 2.89 0.75 0.40
CA LEU A 100 1.68 0.19 0.98
C LEU A 100 1.51 0.80 2.36
N SER A 101 0.46 1.56 2.54
CA SER A 101 0.32 2.33 3.77
C SER A 101 -1.07 2.24 4.34
N CYS A 102 -1.15 2.07 5.65
CA CYS A 102 -2.42 2.03 6.34
C CYS A 102 -2.52 3.21 7.28
N SER A 103 -3.70 3.80 7.30
CA SER A 103 -3.98 4.90 8.17
C SER A 103 -5.13 4.57 9.09
N TYR A 104 -4.97 4.87 10.36
CA TYR A 104 -6.02 4.67 11.34
C TYR A 104 -6.52 6.02 11.79
N ASP A 105 -7.76 6.33 11.41
CA ASP A 105 -8.38 7.62 11.70
C ASP A 105 -7.57 8.74 11.03
N GLY A 106 -6.96 8.40 9.90
CA GLY A 106 -6.17 9.36 9.17
C GLY A 106 -4.69 9.31 9.52
N ARG A 107 -4.35 8.58 10.57
CA ARG A 107 -2.96 8.52 11.03
C ARG A 107 -2.26 7.29 10.45
N GLU A 108 -1.24 7.53 9.62
CA GLU A 108 -0.47 6.46 9.03
C GLU A 108 0.48 5.85 10.05
N PHE A 109 0.33 4.56 10.29
CA PHE A 109 1.19 3.86 11.24
C PHE A 109 2.12 2.89 10.53
N VAL A 110 1.73 2.45 9.35
CA VAL A 110 2.49 1.47 8.60
C VAL A 110 2.57 1.86 7.15
N ARG A 111 3.78 2.05 6.67
CA ARG A 111 4.04 2.29 5.26
C ARG A 111 5.17 1.39 4.81
N VAL A 112 4.86 0.52 3.87
CA VAL A 112 5.80 -0.48 3.42
C VAL A 112 6.25 -0.18 1.99
N GLY A 113 7.55 -0.01 1.81
CA GLY A 113 8.06 0.34 0.51
C GLY A 113 8.76 -0.82 -0.17
N TYR A 114 8.64 -0.86 -1.48
CA TYR A 114 9.28 -1.89 -2.30
C TYR A 114 9.84 -1.25 -3.55
N TYR A 115 10.93 -1.79 -4.06
CA TYR A 115 11.44 -1.34 -5.35
C TYR A 115 10.92 -2.25 -6.43
N VAL A 116 10.56 -1.67 -7.56
CA VAL A 116 10.03 -2.42 -8.67
C VAL A 116 10.84 -2.18 -9.92
N ASN A 117 11.26 -3.27 -10.54
CA ASN A 117 12.00 -3.20 -11.79
C ASN A 117 11.02 -3.15 -12.96
N ASN A 118 11.20 -2.15 -13.81
CA ASN A 118 10.36 -2.01 -14.99
C ASN A 118 11.25 -1.96 -16.22
N GLU A 119 10.97 -2.84 -17.17
CA GLU A 119 11.83 -2.99 -18.34
C GLU A 119 11.01 -3.52 -19.52
N TYR A 120 11.54 -3.39 -20.72
CA TYR A 120 10.92 -4.01 -21.87
C TYR A 120 11.42 -5.45 -22.02
N ASP A 121 10.51 -6.40 -22.03
CA ASP A 121 10.88 -7.80 -22.27
C ASP A 121 11.31 -8.01 -23.72
N GLU A 122 10.98 -7.04 -24.57
CA GLU A 122 11.36 -7.11 -25.98
C GLU A 122 12.63 -6.28 -26.23
N GLU A 123 13.65 -6.97 -26.75
CA GLU A 123 14.97 -6.38 -26.93
C GLU A 123 14.95 -5.26 -27.96
N GLU A 124 14.07 -5.34 -28.94
CA GLU A 124 13.99 -4.32 -29.99
C GLU A 124 13.78 -2.93 -29.39
N LEU A 125 12.98 -2.85 -28.34
CA LEU A 125 12.68 -1.58 -27.69
C LEU A 125 13.76 -1.23 -26.68
N ARG A 126 14.50 -2.25 -26.25
CA ARG A 126 15.60 -2.07 -25.31
C ARG A 126 16.81 -1.46 -26.01
N GLU A 127 17.07 -1.93 -27.22
CA GLU A 127 18.17 -1.40 -28.02
C GLU A 127 17.78 -0.07 -28.64
N ASN A 128 16.53 0.01 -29.08
CA ASN A 128 16.01 1.21 -29.71
C ASN A 128 14.77 1.72 -28.97
N PRO A 129 14.97 2.59 -27.97
CA PRO A 129 13.88 3.11 -27.15
C PRO A 129 12.99 4.10 -27.91
N PRO A 130 11.68 3.84 -27.96
CA PRO A 130 10.72 4.75 -28.57
C PRO A 130 10.31 5.86 -27.61
N ALA A 131 9.61 6.86 -28.13
CA ALA A 131 9.11 7.93 -27.29
C ALA A 131 7.83 7.50 -26.58
N LYS A 132 6.89 6.95 -27.34
CA LYS A 132 5.64 6.47 -26.76
C LYS A 132 5.84 5.13 -26.07
N VAL A 133 5.24 5.01 -24.89
CA VAL A 133 5.39 3.81 -24.08
C VAL A 133 4.51 2.68 -24.58
N GLN A 134 5.06 1.49 -24.62
CA GLN A 134 4.30 0.30 -24.94
C GLN A 134 4.33 -0.63 -23.73
N VAL A 135 3.50 -0.31 -22.74
CA VAL A 135 3.56 -0.98 -21.44
C VAL A 135 3.19 -2.45 -21.56
N ASP A 136 2.52 -2.79 -22.65
CA ASP A 136 2.10 -4.18 -22.90
C ASP A 136 3.31 -5.11 -22.98
N HIS A 137 4.49 -4.53 -23.16
CA HIS A 137 5.72 -5.31 -23.15
C HIS A 137 6.68 -4.79 -22.08
N ILE A 138 6.17 -4.03 -21.13
CA ILE A 138 6.97 -3.58 -20.00
C ILE A 138 6.71 -4.47 -18.80
N VAL A 139 7.78 -4.98 -18.23
CA VAL A 139 7.72 -5.94 -17.15
C VAL A 139 7.89 -5.25 -15.81
N ARG A 140 6.98 -5.54 -14.90
CA ARG A 140 7.11 -5.09 -13.53
C ARG A 140 7.47 -6.25 -12.63
N ASN A 141 8.67 -6.19 -12.09
CA ASN A 141 9.13 -7.19 -11.14
C ASN A 141 9.25 -6.55 -9.76
N ILE A 142 8.40 -6.97 -8.85
CA ILE A 142 8.41 -6.42 -7.51
C ILE A 142 9.47 -7.12 -6.67
N LEU A 143 10.44 -6.37 -6.20
CA LEU A 143 11.49 -6.93 -5.36
C LEU A 143 10.98 -7.07 -3.93
N ALA A 144 10.13 -8.07 -3.72
CA ALA A 144 9.55 -8.36 -2.42
C ALA A 144 10.59 -8.96 -1.50
N GLU A 145 11.74 -9.28 -2.09
CA GLU A 145 12.90 -9.75 -1.35
C GLU A 145 13.35 -8.72 -0.32
N LYS A 146 13.05 -7.46 -0.59
CA LYS A 146 13.39 -6.38 0.32
C LYS A 146 12.17 -5.52 0.62
N PRO A 147 11.45 -5.83 1.71
CA PRO A 147 10.40 -4.99 2.25
C PRO A 147 10.96 -3.90 3.16
N ARG A 148 10.63 -2.65 2.88
CA ARG A 148 11.03 -1.57 3.77
C ARG A 148 9.83 -1.13 4.58
N VAL A 149 9.80 -1.49 5.84
CA VAL A 149 8.64 -1.24 6.67
C VAL A 149 8.93 -0.13 7.66
N THR A 150 8.04 0.82 7.75
CA THR A 150 8.21 1.95 8.64
C THR A 150 6.96 2.12 9.49
N ARG A 151 7.14 2.15 10.79
CA ARG A 151 6.02 2.26 11.71
C ARG A 151 6.08 3.59 12.45
N PHE A 152 4.96 4.28 12.50
CA PHE A 152 4.92 5.56 13.16
C PHE A 152 4.15 5.42 14.47
N ASN A 153 4.63 6.07 15.51
CA ASN A 153 3.97 6.01 16.80
C ASN A 153 2.77 6.93 16.83
N ILE A 154 1.59 6.35 16.70
CA ILE A 154 0.34 7.09 16.71
C ILE A 154 -0.49 6.67 17.89
N VAL A 155 -1.57 7.40 18.14
CA VAL A 155 -2.45 7.10 19.24
C VAL A 155 -3.56 6.16 18.76
N TRP A 156 -3.69 5.02 19.41
CA TRP A 156 -4.54 3.96 18.91
C TRP A 156 -5.88 3.91 19.60
N ASP A 157 -6.91 3.78 18.77
CA ASP A 157 -8.32 3.60 19.17
C ASP A 157 -8.85 4.73 20.05
N ASN A 158 -8.20 4.95 21.18
CA ASN A 158 -8.66 5.91 22.17
C ASN A 158 -7.96 7.24 22.00
N GLU A 159 -7.88 7.74 20.78
CA GLU A 159 -7.20 8.99 20.52
C GLU A 159 -8.05 10.18 20.91
N ASN A 160 -7.81 10.69 22.13
CA ASN A 160 -8.39 11.94 22.61
C ASN A 160 -9.88 11.82 22.87
N GLU A 161 -10.27 12.36 24.00
CA GLU A 161 -11.68 12.48 24.34
C GLU A 161 -12.05 13.95 24.26
N GLY A 162 -12.07 14.48 23.05
CA GLY A 162 -12.39 15.87 22.86
C GLY A 162 -13.88 16.10 22.82
N ASP A 163 -14.56 15.66 23.87
CA ASP A 163 -16.01 15.74 23.95
C ASP A 163 -16.64 15.00 22.78
N LEU A 164 -16.58 13.68 22.82
CA LEU A 164 -17.04 12.86 21.71
C LEU A 164 -18.58 12.78 21.66
N TYR A 165 -19.24 13.60 22.46
CA TYR A 165 -20.69 13.71 22.42
C TYR A 165 -21.09 15.12 22.04
N PRO A 166 -21.32 15.36 20.73
CA PRO A 166 -21.70 16.68 20.21
C PRO A 166 -22.96 17.23 20.88
N PRO A 167 -22.95 18.52 21.25
CA PRO A 167 -24.07 19.15 21.92
C PRO A 167 -25.07 19.72 20.92
N GLU A 168 -25.98 18.88 20.47
CA GLU A 168 -26.96 19.28 19.48
C GLU A 168 -28.09 20.05 20.15
N GLN A 169 -28.12 21.35 19.94
CA GLN A 169 -29.15 22.20 20.52
C GLN A 169 -30.46 22.06 19.77
N PRO A 170 -31.52 21.62 20.45
CA PRO A 170 -32.83 21.42 19.85
C PRO A 170 -33.59 22.73 19.68
N GLY A 171 -33.07 23.60 18.83
CA GLY A 171 -33.71 24.88 18.59
C GLY A 171 -34.74 24.80 17.47
N VAL A 172 -35.59 23.79 17.54
CA VAL A 172 -36.61 23.56 16.53
C VAL A 172 -37.94 24.16 16.98
N LEU B 1 -11.80 -18.68 16.48
CA LEU B 1 -11.79 -18.34 15.04
C LEU B 1 -10.37 -18.12 14.55
N ALA B 2 -9.98 -18.84 13.51
CA ALA B 2 -8.67 -18.68 12.91
C ALA B 2 -8.71 -17.59 11.85
N ILE B 3 -7.72 -16.72 11.89
CA ILE B 3 -7.62 -15.56 10.99
C ILE B 3 -8.86 -14.68 11.10
N THR B 4 -8.88 -13.62 10.33
CA THR B 4 -10.03 -12.77 10.24
C THR B 4 -10.25 -12.34 8.80
N MET B 5 -11.25 -12.95 8.17
CA MET B 5 -11.59 -12.59 6.81
C MET B 5 -12.51 -11.39 6.81
N LEU B 6 -11.88 -10.23 6.98
CA LEU B 6 -12.58 -8.96 7.15
C LEU B 6 -13.37 -8.62 5.89
N LYS B 7 -12.78 -8.91 4.73
CA LYS B 7 -13.33 -8.47 3.45
C LYS B 7 -13.36 -6.95 3.42
N PRO B 8 -12.26 -6.33 2.96
CA PRO B 8 -12.08 -4.89 3.04
C PRO B 8 -12.96 -4.13 2.06
N ARG B 9 -14.01 -3.51 2.60
CA ARG B 9 -14.89 -2.67 1.81
C ARG B 9 -14.12 -1.47 1.28
N LYS B 10 -14.29 -1.15 0.02
CA LYS B 10 -13.59 -0.02 -0.58
C LYS B 10 -14.16 1.27 -0.02
N LYS B 11 -13.51 2.39 -0.34
CA LYS B 11 -13.85 3.68 0.25
C LYS B 11 -15.13 4.27 -0.33
N ALA B 12 -16.18 3.46 -0.30
CA ALA B 12 -17.53 3.89 -0.63
C ALA B 12 -18.42 3.58 0.57
N LYS B 13 -17.81 3.66 1.74
CA LYS B 13 -18.47 3.32 2.99
C LYS B 13 -19.37 4.46 3.45
N ALA B 14 -19.03 5.67 3.04
CA ALA B 14 -19.81 6.85 3.41
C ALA B 14 -21.03 7.00 2.49
N LEU B 15 -21.91 6.01 2.56
CA LEU B 15 -23.11 5.97 1.74
C LEU B 15 -24.06 7.11 2.12
#